data_1M6X
#
_entry.id   1M6X
#
_cell.length_a   79.779
_cell.length_b   116.511
_cell.length_c   142.425
_cell.angle_alpha   90.00
_cell.angle_beta   97.26
_cell.angle_gamma   90.00
#
_symmetry.space_group_name_H-M   'P 1 21 1'
#
loop_
_entity.id
_entity.type
_entity.pdbx_description
1 polymer 'Symmetrized FRT site'
2 polymer 'Symmetrized FRT site'
3 polymer 'Symmetrized FRT site'
4 polymer 'Flp recombinase'
5 polymer 'Flp recombinase'
#
loop_
_entity_poly.entity_id
_entity_poly.type
_entity_poly.pdbx_seq_one_letter_code
_entity_poly.pdbx_strand_id
1 'polydeoxyribonucleotide' (DT)(DA)(DA)(DG)(DT)(DT)(DC)(DC)(DT)(DA)(DT)(DT)(DC) E,F
2 'polydeoxyribonucleotide' (DT)(DT)(DT)(DA)(DA)(DA)(DA)(DG)(DA)(DA)(DT)(DA)(DG)(DG)(DA)(DA)(DC)(DT)(DT)(DC) I,J
3 'polydeoxyribonucleotide'
;(DT)(DA)(DA)(DG)(DT)(DT)(DC)(DC)(DT)(DA)(DT)(DT)(DC)(DT)(DT)(DT)(DA)(DA)(DA)(DA)
(DG)(DA)(DA)(DT)(DA)(DG)(DG)(DA)(DA)(DC)(DT)(DT)(DC)
;
G,H
4 'polypeptide(L)'
;MSQFDILCKTPPKVLVRQFVERFERPSGEKIASCAAELTYLCWMITHNGTAIKRATFMSYNTIISNSLSFDIVNKSLQFK
YKTQKATILEASLKKLIPAWEFTIIPYNGQKHQSDITDIVSSLQLQFESSEEADKGNSHSKKMLKALLSEGESIWEITEK
ILNSFEYTSRFTKTKTLYQFLFLATFINCGRFSDIKNVDPKSFKLVQNKYLGVIIQCLVTETKTSVSRHIYFFSARGRID
PLVYLDEFLRNSEPVLKRVNRTGNSSSNKQEYQLLKDNLVRSYNKALKKNAPYPIFAIKNGPKSHIGRHLMTSFLSMKGL
TELTNVVGNWSDKRASAVARTTYTHQITAIPDHYFALVSRYYAYDPISKEMIALKDETNPIEEWQHIEQLKGSAEGSIRY
PAWNGIISQEVLDYLSSYINRRI
;
A,B
5 'polypeptide(L)'
;MSQFDILCKTPPKVLVRQFVERFERPSGEKIASCAAELTYLCWMITHNGTAIKRATFMSYNTIISNSLSFDIVNKSLQFK
YKTQKATILEASLKKLIPAWEFTIIPYNGQKHQSDITDIVSSLQLQFESSEEADKGNSHSKKMLKALLSEGESIWEITEK
ILNSFEYTSRFTKTKTLYQFLFLATFINCGRFSDIKNVDPKSFKLVQNKYLGVIIQCLVTETKTSVSRHIYFFSARGRID
PLVYLDEFLRNSEPVLKRVNRTGNSSSNKQEYQLLKDNLVRSYNKALKKNAPYPIFAIKNGPKSHIGRHLMTSFLSMKGL
TELTNVVGNWSDKRASAVARTT(PTR)THQITAIPDHYFALVSRYYAYDPISKEMIALKDETNPIEEWQHIEQLKGSAEG
SIRYPAWNGIISQEVLDYLSSYINRRI
;
C,D
#
# COMPACT_ATOMS: atom_id res chain seq x y z
N SER G 2 -41.88 -6.09 -13.41
CA SER G 2 -41.86 -5.05 -12.35
C SER G 2 -41.49 -3.67 -12.91
N GLN G 3 -41.80 -2.62 -12.14
CA GLN G 3 -41.52 -1.26 -12.57
C GLN G 3 -40.19 -1.15 -13.28
N PHE G 4 -39.14 -1.67 -12.64
CA PHE G 4 -37.82 -1.59 -13.23
C PHE G 4 -37.76 -2.22 -14.63
N ASP G 5 -38.32 -3.41 -14.78
CA ASP G 5 -38.31 -4.07 -16.08
C ASP G 5 -38.97 -3.19 -17.12
N ILE G 6 -40.04 -2.52 -16.70
CA ILE G 6 -40.79 -1.62 -17.58
C ILE G 6 -39.94 -0.43 -17.99
N LEU G 7 -39.24 0.15 -17.02
CA LEU G 7 -38.39 1.28 -17.29
C LEU G 7 -37.43 0.86 -18.41
N CYS G 8 -36.82 -0.31 -18.23
CA CYS G 8 -35.88 -0.85 -19.21
C CYS G 8 -36.48 -1.09 -20.58
N LYS G 9 -37.80 -1.21 -20.64
CA LYS G 9 -38.49 -1.44 -21.90
C LYS G 9 -38.88 -0.13 -22.57
N THR G 10 -38.97 0.94 -21.80
CA THR G 10 -39.36 2.24 -22.33
C THR G 10 -38.19 3.00 -22.96
N PRO G 11 -38.41 3.57 -24.16
CA PRO G 11 -37.38 4.34 -24.88
C PRO G 11 -37.11 5.68 -24.19
N PRO G 12 -35.83 6.05 -24.08
CA PRO G 12 -35.42 7.30 -23.45
C PRO G 12 -36.35 8.48 -23.73
N LYS G 13 -36.46 8.87 -25.00
CA LYS G 13 -37.32 9.99 -25.37
C LYS G 13 -38.74 9.79 -24.86
N VAL G 14 -39.23 8.56 -24.89
CA VAL G 14 -40.57 8.26 -24.41
C VAL G 14 -40.68 8.58 -22.93
N LEU G 15 -39.68 8.18 -22.15
CA LEU G 15 -39.68 8.45 -20.73
C LEU G 15 -39.79 9.96 -20.50
N VAL G 16 -38.83 10.71 -21.03
CA VAL G 16 -38.82 12.16 -20.90
C VAL G 16 -40.17 12.71 -21.36
N ARG G 17 -40.67 12.14 -22.45
CA ARG G 17 -41.95 12.54 -23.00
C ARG G 17 -42.97 12.45 -21.87
N GLN G 18 -43.26 11.21 -21.46
CA GLN G 18 -44.20 10.92 -20.39
C GLN G 18 -44.04 11.78 -19.15
N PHE G 19 -42.80 12.08 -18.81
CA PHE G 19 -42.54 12.89 -17.63
C PHE G 19 -43.07 14.31 -17.80
N VAL G 20 -42.95 14.85 -19.01
CA VAL G 20 -43.41 16.20 -19.27
C VAL G 20 -44.93 16.28 -19.31
N GLU G 21 -45.56 15.33 -20.01
CA GLU G 21 -47.02 15.30 -20.11
C GLU G 21 -47.68 15.45 -18.75
N ARG G 22 -47.04 14.87 -17.73
CA ARG G 22 -47.55 14.92 -16.36
C ARG G 22 -47.73 16.35 -15.89
N PHE G 23 -46.91 17.26 -16.40
CA PHE G 23 -46.99 18.65 -15.98
C PHE G 23 -47.77 19.59 -16.90
N GLU G 24 -48.31 19.06 -17.99
CA GLU G 24 -49.08 19.90 -18.90
C GLU G 24 -50.47 20.15 -18.35
N ARG G 25 -51.16 19.08 -17.98
CA ARG G 25 -52.50 19.19 -17.40
C ARG G 25 -52.33 18.86 -15.91
N PRO G 26 -51.60 19.72 -15.17
CA PRO G 26 -51.33 19.55 -13.75
C PRO G 26 -52.38 18.75 -12.99
N SER G 27 -52.04 17.49 -12.74
CA SER G 27 -52.93 16.56 -12.05
C SER G 27 -52.25 15.85 -10.89
N GLY G 28 -52.95 15.74 -9.78
CA GLY G 28 -52.40 15.05 -8.64
C GLY G 28 -52.09 13.63 -9.07
N GLU G 29 -53.02 13.04 -9.80
CA GLU G 29 -52.85 11.66 -10.30
C GLU G 29 -51.57 11.53 -11.10
N LYS G 30 -51.38 12.47 -12.02
CA LYS G 30 -50.22 12.47 -12.91
C LYS G 30 -48.87 12.81 -12.25
N ILE G 31 -48.82 13.89 -11.50
CA ILE G 31 -47.58 14.28 -10.84
C ILE G 31 -47.10 13.28 -9.79
N ALA G 32 -48.06 12.65 -9.12
CA ALA G 32 -47.75 11.67 -8.06
C ALA G 32 -47.03 10.43 -8.54
N SER G 33 -47.06 10.15 -9.84
CA SER G 33 -46.40 8.97 -10.36
C SER G 33 -45.05 9.20 -11.06
N CYS G 34 -44.67 10.47 -11.22
CA CYS G 34 -43.41 10.79 -11.88
C CYS G 34 -42.22 10.09 -11.24
N ALA G 35 -42.42 9.63 -10.01
CA ALA G 35 -41.41 8.93 -9.21
C ALA G 35 -40.39 8.11 -10.01
N ALA G 36 -40.84 7.02 -10.63
CA ALA G 36 -39.94 6.17 -11.38
C ALA G 36 -39.16 6.97 -12.42
N GLU G 37 -39.88 7.78 -13.18
CA GLU G 37 -39.25 8.59 -14.22
C GLU G 37 -38.26 9.59 -13.61
N LEU G 38 -38.70 10.26 -12.55
CA LEU G 38 -37.90 11.24 -11.86
C LEU G 38 -36.57 10.63 -11.41
N THR G 39 -36.64 9.36 -11.00
CA THR G 39 -35.47 8.61 -10.57
C THR G 39 -34.52 8.50 -11.75
N TYR G 40 -35.01 7.87 -12.82
CA TYR G 40 -34.24 7.69 -14.04
C TYR G 40 -33.56 8.99 -14.46
N LEU G 41 -34.35 10.07 -14.47
CA LEU G 41 -33.82 11.36 -14.86
C LEU G 41 -32.70 11.82 -13.94
N CYS G 42 -32.99 11.92 -12.66
CA CYS G 42 -31.98 12.36 -11.72
C CYS G 42 -30.68 11.59 -11.84
N TRP G 43 -30.78 10.30 -12.15
CA TRP G 43 -29.58 9.48 -12.29
C TRP G 43 -28.85 9.83 -13.57
N MET G 44 -29.55 9.73 -14.68
CA MET G 44 -28.99 10.05 -15.98
C MET G 44 -28.28 11.38 -15.96
N ILE G 45 -28.86 12.35 -15.26
CA ILE G 45 -28.24 13.66 -15.16
C ILE G 45 -26.91 13.58 -14.41
N THR G 46 -26.97 13.26 -13.12
CA THR G 46 -25.78 13.17 -12.30
C THR G 46 -24.72 12.19 -12.78
N HIS G 47 -25.08 11.28 -13.69
CA HIS G 47 -24.11 10.31 -14.20
C HIS G 47 -23.86 10.39 -15.69
N ASN G 48 -24.53 11.34 -16.33
CA ASN G 48 -24.36 11.55 -17.75
C ASN G 48 -24.55 10.28 -18.61
N GLY G 49 -25.79 9.84 -18.75
CA GLY G 49 -26.07 8.68 -19.58
C GLY G 49 -25.65 7.31 -19.10
N THR G 50 -24.84 7.25 -18.05
CA THR G 50 -24.39 5.97 -17.50
C THR G 50 -25.61 5.18 -17.06
N ALA G 51 -25.69 3.91 -17.44
CA ALA G 51 -26.82 3.08 -17.07
C ALA G 51 -26.98 2.97 -15.54
N ILE G 52 -28.18 2.62 -15.10
CA ILE G 52 -28.47 2.47 -13.69
C ILE G 52 -28.84 1.02 -13.39
N LYS G 53 -28.32 0.51 -12.28
CA LYS G 53 -28.58 -0.87 -11.87
C LYS G 53 -29.95 -1.03 -11.21
N ARG G 54 -30.52 -2.22 -11.35
CA ARG G 54 -31.82 -2.52 -10.80
C ARG G 54 -31.96 -2.11 -9.33
N ALA G 55 -31.18 -2.78 -8.49
CA ALA G 55 -31.23 -2.51 -7.06
C ALA G 55 -31.20 -1.02 -6.74
N THR G 56 -30.26 -0.32 -7.37
CA THR G 56 -30.11 1.11 -7.11
C THR G 56 -31.37 1.84 -7.52
N PHE G 57 -31.87 1.54 -8.71
CA PHE G 57 -33.07 2.21 -9.15
C PHE G 57 -34.16 1.95 -8.12
N MET G 58 -34.27 0.68 -7.72
CA MET G 58 -35.26 0.28 -6.75
C MET G 58 -35.18 1.09 -5.47
N SER G 59 -33.98 1.19 -4.90
CA SER G 59 -33.80 1.94 -3.66
C SER G 59 -34.19 3.39 -3.79
N TYR G 60 -33.64 4.02 -4.82
CA TYR G 60 -33.89 5.42 -5.08
C TYR G 60 -35.35 5.67 -5.39
N ASN G 61 -35.95 4.82 -6.21
CA ASN G 61 -37.35 4.99 -6.54
C ASN G 61 -38.17 5.10 -5.26
N THR G 62 -37.87 4.22 -4.31
CA THR G 62 -38.57 4.22 -3.03
C THR G 62 -38.34 5.54 -2.33
N ILE G 63 -37.08 5.92 -2.22
CA ILE G 63 -36.71 7.17 -1.55
C ILE G 63 -37.47 8.36 -2.12
N ILE G 64 -37.49 8.48 -3.43
CA ILE G 64 -38.21 9.59 -4.05
C ILE G 64 -39.69 9.43 -3.70
N SER G 65 -40.27 8.32 -4.13
CA SER G 65 -41.68 8.03 -3.90
C SER G 65 -42.14 8.40 -2.48
N ASN G 66 -41.34 8.07 -1.47
CA ASN G 66 -41.70 8.37 -0.08
C ASN G 66 -41.64 9.86 0.22
N SER G 67 -40.69 10.56 -0.39
CA SER G 67 -40.51 11.98 -0.12
C SER G 67 -41.20 12.95 -1.07
N LEU G 68 -41.58 12.46 -2.25
CA LEU G 68 -42.24 13.33 -3.22
C LEU G 68 -43.40 14.12 -2.62
N SER G 69 -43.46 15.40 -2.98
CA SER G 69 -44.52 16.31 -2.52
C SER G 69 -44.59 17.42 -3.56
N PHE G 70 -45.73 18.11 -3.65
CA PHE G 70 -45.83 19.18 -4.64
C PHE G 70 -47.03 20.07 -4.52
N ASP G 71 -46.90 21.26 -5.09
CA ASP G 71 -47.96 22.27 -5.09
C ASP G 71 -48.31 22.55 -6.55
N ILE G 72 -49.49 22.10 -6.98
CA ILE G 72 -49.91 22.32 -8.36
C ILE G 72 -50.16 23.80 -8.64
N VAL G 73 -50.61 24.53 -7.62
CA VAL G 73 -50.90 25.96 -7.77
C VAL G 73 -49.67 26.82 -8.00
N ASN G 74 -48.63 26.62 -7.20
CA ASN G 74 -47.40 27.41 -7.32
C ASN G 74 -46.36 26.70 -8.17
N LYS G 75 -46.76 25.56 -8.74
CA LYS G 75 -45.90 24.76 -9.58
C LYS G 75 -44.54 24.57 -8.92
N SER G 76 -44.58 23.93 -7.76
CA SER G 76 -43.38 23.64 -6.98
C SER G 76 -43.39 22.17 -6.52
N LEU G 77 -42.30 21.47 -6.81
CA LEU G 77 -42.18 20.07 -6.46
C LEU G 77 -40.82 19.73 -5.86
N GLN G 78 -40.82 18.97 -4.78
CA GLN G 78 -39.59 18.58 -4.12
C GLN G 78 -39.58 17.11 -3.75
N PHE G 79 -38.38 16.58 -3.54
CA PHE G 79 -38.20 15.19 -3.16
C PHE G 79 -36.76 14.97 -2.71
N LYS G 80 -36.51 13.86 -2.02
CA LYS G 80 -35.18 13.53 -1.53
C LYS G 80 -34.45 12.67 -2.54
N TYR G 81 -33.12 12.80 -2.55
CA TYR G 81 -32.28 12.04 -3.45
C TYR G 81 -30.86 11.99 -2.89
N LYS G 82 -30.19 10.86 -3.12
CA LYS G 82 -28.83 10.70 -2.62
C LYS G 82 -27.86 11.55 -3.44
N THR G 83 -27.79 12.84 -3.14
CA THR G 83 -26.90 13.73 -3.86
C THR G 83 -26.44 14.90 -3.00
N GLN G 84 -25.38 15.58 -3.44
CA GLN G 84 -24.86 16.73 -2.71
C GLN G 84 -24.75 17.97 -3.59
N LYS G 85 -25.00 17.79 -4.88
CA LYS G 85 -24.98 18.89 -5.83
C LYS G 85 -26.41 19.08 -6.30
N ALA G 86 -27.29 19.28 -5.32
CA ALA G 86 -28.72 19.49 -5.54
C ALA G 86 -29.01 20.52 -6.63
N THR G 87 -28.46 21.71 -6.46
CA THR G 87 -28.66 22.80 -7.41
C THR G 87 -28.53 22.38 -8.87
N ILE G 88 -27.37 21.81 -9.21
CA ILE G 88 -27.11 21.38 -10.57
C ILE G 88 -28.27 20.55 -11.10
N LEU G 89 -28.76 19.66 -10.25
CA LEU G 89 -29.86 18.78 -10.61
C LEU G 89 -31.17 19.56 -10.78
N GLU G 90 -31.45 20.46 -9.85
CA GLU G 90 -32.67 21.26 -9.90
C GLU G 90 -32.72 22.05 -11.20
N ALA G 91 -31.60 22.67 -11.55
CA ALA G 91 -31.50 23.44 -12.77
C ALA G 91 -31.89 22.56 -13.96
N SER G 92 -31.26 21.40 -14.07
CA SER G 92 -31.53 20.46 -15.15
C SER G 92 -33.00 20.16 -15.24
N LEU G 93 -33.59 19.70 -14.14
CA LEU G 93 -35.00 19.38 -14.11
C LEU G 93 -35.83 20.53 -14.66
N LYS G 94 -35.52 21.75 -14.23
CA LYS G 94 -36.27 22.92 -14.68
C LYS G 94 -36.21 23.14 -16.19
N LYS G 95 -35.02 23.05 -16.77
CA LYS G 95 -34.90 23.23 -18.21
C LYS G 95 -35.93 22.36 -18.92
N LEU G 96 -36.23 21.22 -18.32
CA LEU G 96 -37.17 20.26 -18.90
C LEU G 96 -38.61 20.72 -18.70
N ILE G 97 -38.83 21.47 -17.62
CA ILE G 97 -40.14 21.99 -17.27
C ILE G 97 -39.94 23.35 -16.59
N PRO G 98 -39.63 24.39 -17.38
CA PRO G 98 -39.38 25.77 -16.95
C PRO G 98 -40.46 26.38 -16.06
N ALA G 99 -41.71 26.02 -16.35
CA ALA G 99 -42.86 26.52 -15.61
C ALA G 99 -42.83 26.11 -14.15
N TRP G 100 -42.00 25.13 -13.81
CA TRP G 100 -41.92 24.65 -12.44
C TRP G 100 -40.66 24.98 -11.66
N GLU G 101 -40.78 24.82 -10.34
CA GLU G 101 -39.70 25.06 -9.39
C GLU G 101 -39.37 23.74 -8.69
N PHE G 102 -38.13 23.31 -8.77
CA PHE G 102 -37.74 22.07 -8.12
C PHE G 102 -36.83 22.29 -6.92
N THR G 103 -36.85 21.35 -5.98
CA THR G 103 -36.05 21.45 -4.78
C THR G 103 -35.60 20.07 -4.31
N ILE G 104 -34.41 19.67 -4.71
CA ILE G 104 -33.87 18.37 -4.32
C ILE G 104 -33.31 18.47 -2.93
N ILE G 105 -33.81 17.63 -2.03
CA ILE G 105 -33.37 17.62 -0.64
C ILE G 105 -32.44 16.45 -0.40
N PRO G 106 -31.21 16.71 0.07
CA PRO G 106 -30.24 15.66 0.34
C PRO G 106 -30.80 14.58 1.26
N TYR G 107 -30.67 13.33 0.82
CA TYR G 107 -31.16 12.20 1.59
C TYR G 107 -30.47 12.21 2.96
N ASN G 108 -29.15 12.34 2.96
CA ASN G 108 -28.37 12.37 4.20
C ASN G 108 -28.19 13.77 4.78
N GLY G 109 -28.53 13.92 6.05
CA GLY G 109 -28.40 15.21 6.71
C GLY G 109 -27.24 16.06 6.21
N SER G 114 -30.07 18.19 13.62
CA SER G 114 -29.27 18.03 14.83
C SER G 114 -29.43 19.22 15.78
N ASP G 115 -30.66 19.42 16.27
CA ASP G 115 -30.95 20.53 17.17
C ASP G 115 -30.70 20.15 18.64
N ILE G 116 -29.83 20.92 19.30
CA ILE G 116 -29.47 20.69 20.68
C ILE G 116 -30.64 20.41 21.61
N THR G 117 -31.50 21.40 21.79
CA THR G 117 -32.65 21.26 22.68
C THR G 117 -33.38 19.92 22.47
N ASP G 118 -33.37 19.42 21.24
CA ASP G 118 -34.01 18.14 20.95
C ASP G 118 -33.11 17.07 21.56
N ILE G 119 -31.86 17.09 21.10
CA ILE G 119 -30.86 16.15 21.55
C ILE G 119 -30.91 16.08 23.06
N VAL G 120 -30.83 17.23 23.69
CA VAL G 120 -30.85 17.30 25.14
C VAL G 120 -32.05 16.58 25.71
N SER G 121 -33.24 17.11 25.47
CA SER G 121 -34.48 16.52 25.98
C SER G 121 -34.46 15.01 25.79
N SER G 122 -34.02 14.61 24.60
CA SER G 122 -33.93 13.21 24.27
C SER G 122 -33.05 12.52 25.32
N LEU G 123 -31.91 13.14 25.60
CA LEU G 123 -30.97 12.61 26.59
C LEU G 123 -31.62 12.67 27.96
N GLN G 124 -32.19 13.83 28.28
CA GLN G 124 -32.85 14.03 29.57
C GLN G 124 -33.90 12.97 29.78
N LEU G 125 -34.40 12.43 28.67
CA LEU G 125 -35.41 11.38 28.71
C LEU G 125 -34.75 10.05 29.03
N GLN G 126 -33.72 9.70 28.27
CA GLN G 126 -32.99 8.47 28.45
C GLN G 126 -32.41 8.40 29.86
N PHE G 127 -31.93 9.55 30.33
CA PHE G 127 -31.34 9.67 31.66
C PHE G 127 -32.22 9.14 32.77
N GLU G 128 -33.54 9.16 32.55
CA GLU G 128 -34.52 8.72 33.53
C GLU G 128 -34.88 7.22 33.48
N SER G 129 -34.67 6.60 32.34
CA SER G 129 -34.99 5.19 32.20
C SER G 129 -33.92 4.40 31.47
N GLY G 136 -30.61 -1.53 16.57
CA GLY G 136 -30.96 -2.50 15.53
C GLY G 136 -30.19 -3.80 15.68
N ASN G 137 -29.07 -3.91 14.96
CA ASN G 137 -28.21 -5.09 14.98
C ASN G 137 -28.02 -5.59 16.42
N SER G 138 -27.96 -4.64 17.35
CA SER G 138 -27.78 -4.93 18.76
C SER G 138 -28.22 -6.36 19.13
N HIS G 139 -29.52 -6.61 19.13
CA HIS G 139 -30.01 -7.94 19.48
C HIS G 139 -29.54 -8.98 18.48
N SER G 140 -29.47 -8.59 17.23
CA SER G 140 -29.03 -9.49 16.19
C SER G 140 -27.61 -9.96 16.48
N LYS G 141 -26.72 -8.99 16.69
CA LYS G 141 -25.33 -9.26 16.96
C LYS G 141 -25.10 -10.04 18.24
N LYS G 142 -26.07 -10.01 19.16
CA LYS G 142 -25.90 -10.73 20.40
C LYS G 142 -26.09 -12.21 20.14
N MET G 143 -27.15 -12.53 19.41
CA MET G 143 -27.46 -13.92 19.11
C MET G 143 -26.36 -14.55 18.29
N LEU G 144 -25.84 -13.81 17.32
CA LEU G 144 -24.75 -14.33 16.50
C LEU G 144 -23.57 -14.69 17.39
N LYS G 145 -23.26 -13.84 18.37
CA LYS G 145 -22.17 -14.14 19.28
C LYS G 145 -22.55 -15.43 19.97
N ALA G 146 -23.75 -15.42 20.54
CA ALA G 146 -24.29 -16.57 21.25
C ALA G 146 -24.08 -17.86 20.47
N LEU G 147 -24.70 -17.91 19.29
CA LEU G 147 -24.63 -19.07 18.41
C LEU G 147 -23.32 -19.81 18.53
N LEU G 148 -22.23 -19.15 18.16
CA LEU G 148 -20.91 -19.74 18.19
C LEU G 148 -20.37 -19.89 19.61
N SER G 149 -20.92 -19.11 20.53
CA SER G 149 -20.48 -19.14 21.93
C SER G 149 -20.87 -20.45 22.61
N GLU G 150 -22.08 -20.91 22.34
CA GLU G 150 -22.55 -22.15 22.95
C GLU G 150 -21.80 -23.38 22.44
N GLY G 151 -22.25 -24.56 22.88
CA GLY G 151 -21.63 -25.81 22.51
C GLY G 151 -21.17 -25.99 21.06
N GLU G 152 -22.02 -26.59 20.25
CA GLU G 152 -21.78 -26.87 18.82
C GLU G 152 -20.66 -26.12 18.09
N SER G 153 -19.98 -26.84 17.20
CA SER G 153 -18.90 -26.28 16.39
C SER G 153 -19.57 -25.74 15.14
N ILE G 154 -18.81 -25.02 14.32
CA ILE G 154 -19.36 -24.48 13.09
C ILE G 154 -19.97 -25.59 12.26
N TRP G 155 -19.20 -26.65 12.01
CA TRP G 155 -19.70 -27.75 11.22
C TRP G 155 -20.96 -28.34 11.83
N GLU G 156 -20.98 -28.51 13.15
CA GLU G 156 -22.16 -29.06 13.81
C GLU G 156 -23.36 -28.17 13.54
N ILE G 157 -23.15 -26.85 13.66
CA ILE G 157 -24.21 -25.87 13.43
C ILE G 157 -24.69 -25.97 11.98
N THR G 158 -23.74 -26.08 11.07
CA THR G 158 -24.05 -26.17 9.65
C THR G 158 -25.01 -27.33 9.37
N GLU G 159 -24.63 -28.52 9.86
CA GLU G 159 -25.45 -29.71 9.65
C GLU G 159 -26.86 -29.54 10.20
N LYS G 160 -26.96 -28.93 11.37
CA LYS G 160 -28.26 -28.70 11.99
C LYS G 160 -29.12 -27.82 11.09
N ILE G 161 -28.61 -26.64 10.77
CA ILE G 161 -29.32 -25.71 9.90
C ILE G 161 -29.72 -26.43 8.63
N LEU G 162 -28.76 -27.13 8.04
CA LEU G 162 -28.98 -27.86 6.81
C LEU G 162 -30.16 -28.82 6.94
N ASN G 163 -30.16 -29.59 8.02
CA ASN G 163 -31.23 -30.56 8.26
C ASN G 163 -32.58 -29.94 8.61
N SER G 164 -32.59 -28.69 9.08
CA SER G 164 -33.85 -28.02 9.42
C SER G 164 -34.78 -27.90 8.20
N PHE G 165 -34.23 -28.11 7.01
CA PHE G 165 -35.02 -28.03 5.77
C PHE G 165 -35.49 -29.42 5.36
N GLU G 166 -34.72 -30.43 5.73
CA GLU G 166 -34.99 -31.82 5.39
C GLU G 166 -36.43 -32.27 5.45
N TYR G 167 -37.18 -31.83 6.46
CA TYR G 167 -38.56 -32.28 6.55
C TYR G 167 -39.62 -31.19 6.60
N THR G 168 -39.19 -29.94 6.65
CA THR G 168 -40.12 -28.82 6.68
C THR G 168 -40.53 -28.44 5.25
N SER G 169 -39.61 -28.57 4.30
CA SER G 169 -39.87 -28.22 2.90
C SER G 169 -41.11 -28.94 2.37
N ARG G 170 -41.85 -28.24 1.51
CA ARG G 170 -43.07 -28.79 0.93
C ARG G 170 -42.87 -29.54 -0.38
N PHE G 171 -41.74 -29.30 -1.05
CA PHE G 171 -41.44 -29.99 -2.30
C PHE G 171 -40.01 -30.49 -2.25
N THR G 172 -39.64 -31.27 -3.24
CA THR G 172 -38.27 -31.77 -3.28
C THR G 172 -37.38 -30.67 -3.84
N LYS G 173 -37.86 -30.01 -4.89
CA LYS G 173 -37.07 -28.94 -5.49
C LYS G 173 -36.64 -27.96 -4.40
N THR G 174 -37.63 -27.44 -3.67
CA THR G 174 -37.35 -26.48 -2.61
C THR G 174 -36.39 -27.03 -1.57
N LYS G 175 -36.62 -28.25 -1.09
CA LYS G 175 -35.73 -28.83 -0.09
C LYS G 175 -34.32 -28.87 -0.67
N THR G 176 -34.24 -29.26 -1.94
CA THR G 176 -32.97 -29.33 -2.63
C THR G 176 -32.33 -27.96 -2.72
N LEU G 177 -33.12 -26.99 -3.20
CA LEU G 177 -32.63 -25.62 -3.36
C LEU G 177 -32.11 -25.05 -2.06
N TYR G 178 -32.93 -25.10 -1.02
CA TYR G 178 -32.52 -24.57 0.27
C TYR G 178 -31.19 -25.14 0.73
N GLN G 179 -31.13 -26.45 0.83
CA GLN G 179 -29.91 -27.10 1.28
C GLN G 179 -28.72 -26.81 0.38
N PHE G 180 -28.95 -26.78 -0.94
CA PHE G 180 -27.86 -26.50 -1.85
C PHE G 180 -27.36 -25.09 -1.59
N LEU G 181 -28.26 -24.12 -1.72
CA LEU G 181 -27.91 -22.73 -1.50
C LEU G 181 -27.14 -22.57 -0.19
N PHE G 182 -27.76 -22.96 0.92
CA PHE G 182 -27.09 -22.82 2.20
C PHE G 182 -25.67 -23.34 2.16
N LEU G 183 -25.51 -24.64 2.00
CA LEU G 183 -24.17 -25.21 1.97
C LEU G 183 -23.26 -24.47 0.96
N ALA G 184 -23.83 -24.09 -0.18
CA ALA G 184 -23.08 -23.38 -1.22
C ALA G 184 -22.52 -22.09 -0.66
N THR G 185 -23.40 -21.26 -0.08
CA THR G 185 -22.97 -19.98 0.48
C THR G 185 -21.91 -20.16 1.56
N PHE G 186 -22.03 -21.21 2.36
CA PHE G 186 -21.06 -21.45 3.42
C PHE G 186 -19.70 -21.83 2.88
N ILE G 187 -19.68 -22.82 2.00
CA ILE G 187 -18.44 -23.28 1.41
C ILE G 187 -17.64 -22.16 0.75
N ASN G 188 -18.33 -21.27 0.06
CA ASN G 188 -17.67 -20.17 -0.64
C ASN G 188 -17.67 -18.85 0.10
N CYS G 189 -18.34 -18.80 1.24
CA CYS G 189 -18.40 -17.58 2.01
C CYS G 189 -18.88 -16.48 1.08
N GLY G 190 -19.86 -16.81 0.25
CA GLY G 190 -20.39 -15.84 -0.68
C GLY G 190 -21.81 -15.44 -0.35
N ARG G 191 -22.28 -14.35 -0.96
CA ARG G 191 -23.63 -13.84 -0.75
C ARG G 191 -24.59 -14.70 -1.57
N PHE G 192 -25.89 -14.46 -1.43
CA PHE G 192 -26.89 -15.20 -2.19
C PHE G 192 -26.60 -14.97 -3.66
N SER G 193 -26.44 -13.69 -4.00
CA SER G 193 -26.17 -13.25 -5.36
C SER G 193 -24.90 -13.89 -5.94
N ASP G 194 -23.93 -14.17 -5.07
CA ASP G 194 -22.70 -14.78 -5.54
C ASP G 194 -23.03 -16.16 -6.10
N ILE G 195 -23.86 -16.91 -5.39
CA ILE G 195 -24.23 -18.24 -5.86
C ILE G 195 -25.23 -18.14 -7.01
N LYS G 196 -26.22 -17.28 -6.83
CA LYS G 196 -27.27 -17.08 -7.81
C LYS G 196 -26.81 -16.64 -9.19
N ASN G 197 -25.89 -15.69 -9.27
CA ASN G 197 -25.42 -15.19 -10.56
C ASN G 197 -24.31 -15.97 -11.24
N VAL G 198 -24.09 -17.20 -10.82
CA VAL G 198 -23.06 -18.04 -11.42
C VAL G 198 -23.47 -18.36 -12.85
N ASP G 199 -22.50 -18.29 -13.76
CA ASP G 199 -22.77 -18.62 -15.16
C ASP G 199 -22.60 -20.14 -15.27
N PRO G 200 -23.72 -20.88 -15.30
CA PRO G 200 -23.65 -22.34 -15.40
C PRO G 200 -22.72 -22.87 -16.48
N LYS G 201 -22.54 -22.11 -17.54
CA LYS G 201 -21.67 -22.54 -18.63
C LYS G 201 -20.19 -22.39 -18.32
N SER G 202 -19.87 -22.01 -17.09
CA SER G 202 -18.47 -21.82 -16.74
C SER G 202 -17.90 -22.87 -15.78
N PHE G 203 -18.63 -23.97 -15.58
CA PHE G 203 -18.15 -25.02 -14.69
C PHE G 203 -16.92 -25.72 -15.29
N LYS G 204 -15.90 -25.94 -14.47
CA LYS G 204 -14.68 -26.61 -14.91
C LYS G 204 -14.13 -27.46 -13.78
N LEU G 205 -13.34 -28.45 -14.13
CA LEU G 205 -12.71 -29.29 -13.11
C LEU G 205 -11.30 -28.75 -13.05
N VAL G 206 -10.87 -28.32 -11.87
CA VAL G 206 -9.53 -27.78 -11.72
C VAL G 206 -8.77 -28.64 -10.73
N GLN G 207 -7.46 -28.75 -10.94
CA GLN G 207 -6.65 -29.57 -10.05
C GLN G 207 -6.25 -28.84 -8.78
N ASN G 208 -6.12 -29.62 -7.71
CA ASN G 208 -5.77 -29.11 -6.39
C ASN G 208 -4.98 -30.21 -5.68
N LYS G 209 -3.69 -29.97 -5.46
CA LYS G 209 -2.82 -30.99 -4.85
C LYS G 209 -3.26 -31.64 -3.54
N TYR G 210 -4.42 -31.26 -3.01
CA TYR G 210 -4.90 -31.84 -1.76
C TYR G 210 -6.19 -32.67 -1.89
N LEU G 211 -7.03 -32.38 -2.88
CA LEU G 211 -8.27 -33.14 -3.07
C LEU G 211 -8.37 -33.77 -4.46
N GLY G 212 -7.32 -33.63 -5.26
CA GLY G 212 -7.34 -34.16 -6.61
C GLY G 212 -7.89 -33.05 -7.49
N VAL G 213 -9.21 -32.92 -7.51
CA VAL G 213 -9.84 -31.85 -8.29
C VAL G 213 -11.08 -31.33 -7.58
N ILE G 214 -11.47 -30.13 -7.95
CA ILE G 214 -12.65 -29.53 -7.39
C ILE G 214 -13.36 -28.84 -8.53
N ILE G 215 -14.66 -28.69 -8.38
CA ILE G 215 -15.46 -28.04 -9.41
C ILE G 215 -15.43 -26.53 -9.16
N GLN G 216 -15.19 -25.76 -10.22
CA GLN G 216 -15.10 -24.32 -10.09
C GLN G 216 -15.96 -23.62 -11.14
N CYS G 217 -16.80 -22.69 -10.71
CA CYS G 217 -17.60 -21.93 -11.65
C CYS G 217 -17.32 -20.45 -11.48
N LEU G 218 -17.92 -19.62 -12.31
CA LEU G 218 -17.64 -18.19 -12.23
C LEU G 218 -18.82 -17.24 -12.08
N VAL G 219 -18.66 -16.23 -11.22
CA VAL G 219 -19.69 -15.23 -11.02
C VAL G 219 -19.07 -13.92 -11.42
N THR G 220 -19.78 -13.16 -12.24
CA THR G 220 -19.27 -11.88 -12.69
C THR G 220 -20.08 -10.75 -12.10
N GLU G 221 -21.40 -10.86 -12.20
CA GLU G 221 -22.29 -9.83 -11.70
C GLU G 221 -22.40 -9.84 -10.16
N THR G 222 -21.29 -9.55 -9.49
CA THR G 222 -21.25 -9.52 -8.04
C THR G 222 -21.56 -8.11 -7.52
N LYS G 223 -21.75 -8.01 -6.21
CA LYS G 223 -22.08 -6.76 -5.54
C LYS G 223 -21.11 -5.63 -5.89
N THR G 224 -19.84 -5.86 -5.59
CA THR G 224 -18.79 -4.89 -5.84
C THR G 224 -18.21 -5.00 -7.25
N SER G 225 -18.92 -5.73 -8.12
CA SER G 225 -18.49 -5.90 -9.49
C SER G 225 -17.03 -6.34 -9.59
N VAL G 226 -16.69 -7.37 -8.83
CA VAL G 226 -15.35 -7.93 -8.82
C VAL G 226 -15.61 -9.42 -8.96
N SER G 227 -15.37 -9.95 -10.15
CA SER G 227 -15.61 -11.37 -10.39
C SER G 227 -14.90 -12.30 -9.41
N ARG G 228 -15.53 -13.44 -9.15
CA ARG G 228 -14.96 -14.43 -8.25
C ARG G 228 -15.45 -15.80 -8.66
N HIS G 229 -14.78 -16.83 -8.16
CA HIS G 229 -15.15 -18.21 -8.46
C HIS G 229 -15.96 -18.82 -7.33
N ILE G 230 -16.78 -19.81 -7.67
CA ILE G 230 -17.58 -20.53 -6.69
C ILE G 230 -17.16 -21.98 -6.83
N TYR G 231 -16.91 -22.64 -5.71
CA TYR G 231 -16.46 -24.02 -5.77
C TYR G 231 -17.35 -25.06 -5.14
N PHE G 232 -17.10 -26.30 -5.54
CA PHE G 232 -17.82 -27.45 -5.04
C PHE G 232 -16.79 -28.56 -4.98
N PHE G 233 -16.81 -29.32 -3.91
CA PHE G 233 -15.81 -30.36 -3.76
C PHE G 233 -16.22 -31.43 -2.78
N SER G 234 -15.57 -32.56 -2.88
CA SER G 234 -15.84 -33.68 -2.01
C SER G 234 -15.41 -33.32 -0.60
N ALA G 235 -16.26 -33.62 0.37
CA ALA G 235 -15.93 -33.35 1.76
C ALA G 235 -16.08 -34.65 2.52
N ARG G 236 -15.31 -34.81 3.58
CA ARG G 236 -15.38 -36.01 4.40
C ARG G 236 -16.46 -35.82 5.46
N GLY G 237 -17.19 -36.90 5.78
CA GLY G 237 -18.24 -36.80 6.78
C GLY G 237 -19.66 -36.79 6.21
N ARG G 238 -20.66 -36.55 7.06
CA ARG G 238 -22.07 -36.51 6.64
C ARG G 238 -22.39 -35.41 5.65
N ILE G 239 -21.65 -34.31 5.71
CA ILE G 239 -21.91 -33.21 4.79
C ILE G 239 -20.95 -33.24 3.63
N ASP G 240 -21.50 -33.43 2.43
CA ASP G 240 -20.71 -33.48 1.21
C ASP G 240 -21.30 -32.55 0.15
N PRO G 241 -20.53 -31.53 -0.25
CA PRO G 241 -21.01 -30.58 -1.25
C PRO G 241 -21.44 -31.28 -2.54
N LEU G 242 -20.54 -32.09 -3.10
CA LEU G 242 -20.83 -32.81 -4.33
C LEU G 242 -22.21 -33.48 -4.30
N VAL G 243 -22.58 -34.01 -3.14
CA VAL G 243 -23.86 -34.66 -2.99
C VAL G 243 -25.01 -33.66 -3.13
N TYR G 244 -24.93 -32.55 -2.41
CA TYR G 244 -26.00 -31.56 -2.52
C TYR G 244 -25.97 -30.93 -3.90
N LEU G 245 -24.81 -30.89 -4.52
CA LEU G 245 -24.69 -30.34 -5.87
C LEU G 245 -25.44 -31.26 -6.81
N ASP G 246 -25.30 -32.57 -6.55
CA ASP G 246 -25.96 -33.59 -7.33
C ASP G 246 -27.47 -33.42 -7.21
N GLU G 247 -27.97 -33.44 -5.97
CA GLU G 247 -29.39 -33.27 -5.69
C GLU G 247 -29.92 -32.00 -6.30
N PHE G 248 -29.11 -30.95 -6.29
CA PHE G 248 -29.52 -29.68 -6.86
C PHE G 248 -29.73 -29.85 -8.36
N LEU G 249 -28.65 -30.18 -9.06
CA LEU G 249 -28.70 -30.36 -10.49
C LEU G 249 -29.88 -31.22 -10.95
N ARG G 250 -30.21 -32.27 -10.20
CA ARG G 250 -31.29 -33.15 -10.57
C ARG G 250 -32.72 -32.73 -10.20
N ASN G 251 -32.92 -31.47 -9.83
CA ASN G 251 -34.27 -31.02 -9.45
C ASN G 251 -34.59 -29.60 -9.88
N SER G 252 -33.54 -28.84 -10.17
CA SER G 252 -33.75 -27.47 -10.62
C SER G 252 -33.23 -27.43 -12.06
N GLU G 253 -33.52 -26.33 -12.75
CA GLU G 253 -33.10 -26.19 -14.14
C GLU G 253 -32.53 -24.80 -14.43
N PRO G 254 -31.68 -24.69 -15.48
CA PRO G 254 -31.08 -23.40 -15.87
C PRO G 254 -32.08 -22.26 -15.83
N VAL G 255 -31.60 -21.07 -15.50
CA VAL G 255 -32.47 -19.90 -15.44
C VAL G 255 -31.93 -18.82 -16.35
N LEU G 256 -32.80 -18.24 -17.17
CA LEU G 256 -32.37 -17.20 -18.08
C LEU G 256 -31.93 -15.98 -17.29
N LYS G 257 -30.70 -15.55 -17.52
CA LYS G 257 -30.16 -14.38 -16.83
C LYS G 257 -31.09 -13.18 -16.98
N ARG G 258 -31.62 -12.70 -15.87
CA ARG G 258 -32.52 -11.55 -15.91
C ARG G 258 -31.72 -10.30 -16.18
N VAL G 259 -32.31 -9.34 -16.87
CA VAL G 259 -31.63 -8.08 -17.15
C VAL G 259 -31.67 -7.32 -15.84
N ASN G 260 -30.56 -6.69 -15.46
CA ASN G 260 -30.54 -5.96 -14.20
C ASN G 260 -29.99 -4.54 -14.28
N ARG G 261 -29.93 -3.98 -15.48
CA ARG G 261 -29.43 -2.62 -15.64
C ARG G 261 -29.88 -2.02 -16.96
N THR G 262 -30.18 -0.73 -16.95
CA THR G 262 -30.64 -0.03 -18.14
C THR G 262 -29.54 0.23 -19.14
N GLY G 263 -28.64 -0.75 -19.30
CA GLY G 263 -27.54 -0.61 -20.24
C GLY G 263 -27.91 -1.16 -21.60
N ASN G 264 -28.86 -2.09 -21.60
CA ASN G 264 -29.36 -2.75 -22.81
C ASN G 264 -28.30 -2.88 -23.91
N SER G 265 -27.13 -3.35 -23.52
CA SER G 265 -26.02 -3.58 -24.44
C SER G 265 -26.16 -5.02 -24.93
N SER G 266 -26.36 -5.16 -26.25
CA SER G 266 -26.57 -6.45 -26.90
C SER G 266 -25.35 -7.30 -27.30
N SER G 267 -24.74 -7.97 -26.33
CA SER G 267 -23.57 -8.82 -26.61
C SER G 267 -23.01 -9.47 -25.35
N ASN G 268 -22.18 -10.51 -25.55
CA ASN G 268 -21.57 -11.27 -24.46
C ASN G 268 -22.59 -11.68 -23.41
N LYS G 269 -22.62 -10.96 -22.28
CA LYS G 269 -23.55 -11.23 -21.19
C LYS G 269 -24.05 -12.68 -21.13
N GLN G 270 -23.51 -13.45 -20.19
CA GLN G 270 -23.93 -14.85 -20.02
C GLN G 270 -25.43 -14.95 -20.21
N GLU G 271 -25.92 -16.06 -20.76
CA GLU G 271 -27.35 -16.16 -20.96
C GLU G 271 -28.04 -16.89 -19.82
N TYR G 272 -27.25 -17.61 -19.04
CA TYR G 272 -27.79 -18.40 -17.95
C TYR G 272 -27.27 -18.09 -16.55
N GLN G 273 -28.18 -18.18 -15.57
CA GLN G 273 -27.81 -17.95 -14.18
C GLN G 273 -28.17 -19.23 -13.41
N LEU G 274 -27.40 -19.53 -12.38
CA LEU G 274 -27.61 -20.74 -11.61
C LEU G 274 -28.92 -20.89 -10.85
N LEU G 275 -29.31 -19.87 -10.08
CA LEU G 275 -30.54 -19.94 -9.31
C LEU G 275 -31.53 -18.86 -9.72
N LYS G 276 -32.76 -18.96 -9.23
CA LYS G 276 -33.79 -17.98 -9.55
C LYS G 276 -33.71 -16.84 -8.55
N ASP G 277 -33.79 -15.62 -9.07
CA ASP G 277 -33.72 -14.43 -8.23
C ASP G 277 -34.61 -14.49 -6.99
N ASN G 278 -35.81 -15.04 -7.13
CA ASN G 278 -36.69 -15.09 -5.98
C ASN G 278 -36.46 -16.21 -4.99
N LEU G 279 -35.52 -17.10 -5.29
CA LEU G 279 -35.24 -18.20 -4.38
C LEU G 279 -35.02 -17.66 -2.98
N VAL G 280 -34.31 -16.53 -2.90
CA VAL G 280 -33.99 -15.88 -1.62
C VAL G 280 -35.18 -15.59 -0.70
N ARG G 281 -36.28 -15.10 -1.24
CA ARG G 281 -37.44 -14.80 -0.41
C ARG G 281 -37.92 -16.05 0.30
N SER G 282 -38.28 -17.06 -0.49
CA SER G 282 -38.76 -18.30 0.08
C SER G 282 -37.71 -18.85 1.04
N TYR G 283 -36.45 -18.85 0.59
CA TYR G 283 -35.37 -19.37 1.42
C TYR G 283 -35.38 -18.67 2.77
N ASN G 284 -35.27 -17.35 2.74
CA ASN G 284 -35.30 -16.59 3.98
C ASN G 284 -36.53 -16.96 4.76
N LYS G 285 -37.70 -16.82 4.14
CA LYS G 285 -38.96 -17.13 4.79
C LYS G 285 -38.92 -18.49 5.50
N ALA G 286 -38.37 -19.51 4.83
CA ALA G 286 -38.27 -20.86 5.41
C ALA G 286 -37.34 -20.87 6.60
N LEU G 287 -36.10 -20.43 6.37
CA LEU G 287 -35.09 -20.36 7.40
C LEU G 287 -35.67 -19.64 8.62
N LYS G 288 -36.52 -18.65 8.35
CA LYS G 288 -37.17 -17.86 9.38
C LYS G 288 -38.10 -18.70 10.22
N LYS G 289 -38.97 -19.47 9.56
CA LYS G 289 -39.93 -20.30 10.26
C LYS G 289 -39.30 -21.51 10.94
N ASN G 290 -38.48 -22.26 10.21
CA ASN G 290 -37.85 -23.43 10.79
C ASN G 290 -36.92 -23.03 11.93
N ALA G 291 -36.58 -21.75 11.97
CA ALA G 291 -35.71 -21.18 13.00
C ALA G 291 -34.91 -22.21 13.80
N PRO G 292 -34.02 -22.97 13.14
CA PRO G 292 -33.23 -23.98 13.86
C PRO G 292 -32.38 -23.38 14.97
N TYR G 293 -32.35 -22.04 15.04
CA TYR G 293 -31.62 -21.32 16.08
C TYR G 293 -32.29 -20.01 16.37
N PRO G 294 -32.11 -19.52 17.61
CA PRO G 294 -32.70 -18.25 18.04
C PRO G 294 -32.44 -17.11 17.05
N ILE G 295 -31.17 -16.92 16.71
CA ILE G 295 -30.74 -15.87 15.79
C ILE G 295 -31.75 -15.63 14.66
N PHE G 296 -32.12 -16.71 13.98
CA PHE G 296 -33.05 -16.63 12.86
C PHE G 296 -34.42 -16.08 13.18
N ALA G 297 -34.69 -15.82 14.44
CA ALA G 297 -35.99 -15.28 14.83
C ALA G 297 -35.97 -13.77 14.72
N ILE G 298 -34.82 -13.18 15.03
CA ILE G 298 -34.64 -11.74 15.00
C ILE G 298 -34.94 -11.13 13.65
N LYS G 299 -35.89 -10.20 13.63
CA LYS G 299 -36.27 -9.54 12.39
C LYS G 299 -35.08 -8.76 11.82
N ASN G 300 -34.91 -8.87 10.50
CA ASN G 300 -33.82 -8.20 9.80
C ASN G 300 -32.46 -8.77 10.15
N GLY G 301 -32.45 -9.85 10.91
CA GLY G 301 -31.20 -10.48 11.28
C GLY G 301 -30.72 -11.24 10.07
N PRO G 302 -29.47 -11.71 10.04
CA PRO G 302 -29.01 -12.45 8.87
C PRO G 302 -29.87 -13.68 8.60
N LYS G 303 -29.94 -14.11 7.34
CA LYS G 303 -30.71 -15.30 6.95
C LYS G 303 -29.90 -16.06 5.90
N SER G 304 -30.14 -15.75 4.64
CA SER G 304 -29.39 -16.38 3.55
C SER G 304 -27.92 -16.10 3.80
N HIS G 305 -27.66 -14.92 4.34
CA HIS G 305 -26.31 -14.49 4.62
C HIS G 305 -25.59 -15.34 5.66
N ILE G 306 -26.33 -15.91 6.60
CA ILE G 306 -25.75 -16.72 7.66
C ILE G 306 -24.54 -17.54 7.20
N GLY G 307 -24.65 -18.14 6.02
CA GLY G 307 -23.57 -18.96 5.49
C GLY G 307 -22.27 -18.19 5.43
N ARG G 308 -22.35 -16.95 4.95
CA ARG G 308 -21.21 -16.08 4.82
C ARG G 308 -20.56 -15.83 6.18
N HIS G 309 -21.37 -15.42 7.16
CA HIS G 309 -20.90 -15.16 8.51
C HIS G 309 -20.19 -16.37 9.12
N LEU G 310 -20.77 -17.54 8.93
CA LEU G 310 -20.19 -18.75 9.46
C LEU G 310 -18.77 -18.99 8.96
N MET G 311 -18.57 -18.89 7.65
CA MET G 311 -17.24 -19.14 7.11
C MET G 311 -16.24 -18.07 7.51
N THR G 312 -16.71 -16.83 7.63
CA THR G 312 -15.86 -15.73 8.06
C THR G 312 -15.35 -16.05 9.47
N SER G 313 -16.27 -16.52 10.31
CA SER G 313 -15.95 -16.89 11.68
C SER G 313 -15.08 -18.14 11.67
N PHE G 314 -15.44 -19.11 10.83
CA PHE G 314 -14.67 -20.34 10.76
C PHE G 314 -13.21 -20.02 10.52
N LEU G 315 -12.96 -19.22 9.49
CA LEU G 315 -11.61 -18.83 9.12
C LEU G 315 -10.90 -18.11 10.27
N SER G 316 -11.61 -17.17 10.90
CA SER G 316 -11.02 -16.41 12.00
C SER G 316 -10.67 -17.36 13.13
N MET G 317 -11.68 -18.03 13.66
CA MET G 317 -11.51 -18.97 14.74
C MET G 317 -10.39 -19.99 14.43
N LYS G 318 -10.28 -20.42 13.19
CA LYS G 318 -9.26 -21.38 12.83
C LYS G 318 -7.86 -20.78 12.71
N GLY G 319 -7.77 -19.46 12.85
CA GLY G 319 -6.46 -18.82 12.76
C GLY G 319 -5.95 -18.76 11.33
N LEU G 320 -6.84 -18.35 10.43
CA LEU G 320 -6.52 -18.24 9.01
C LEU G 320 -7.20 -17.01 8.38
N THR G 321 -7.22 -15.91 9.11
CA THR G 321 -7.83 -14.69 8.61
C THR G 321 -7.18 -14.21 7.30
N GLU G 322 -5.93 -14.59 7.08
CA GLU G 322 -5.22 -14.20 5.86
C GLU G 322 -6.01 -14.63 4.62
N LEU G 323 -6.76 -15.70 4.75
CA LEU G 323 -7.55 -16.22 3.64
C LEU G 323 -8.89 -15.51 3.49
N THR G 324 -9.42 -14.97 4.58
CA THR G 324 -10.71 -14.29 4.55
C THR G 324 -11.00 -13.36 3.39
N ASN G 325 -10.15 -12.37 3.20
CA ASN G 325 -10.37 -11.42 2.11
C ASN G 325 -10.51 -12.08 0.75
N VAL G 326 -9.65 -13.05 0.48
CA VAL G 326 -9.67 -13.78 -0.78
C VAL G 326 -10.93 -14.63 -0.89
N VAL G 327 -11.09 -15.55 0.05
CA VAL G 327 -12.26 -16.41 0.05
C VAL G 327 -13.57 -15.64 0.02
N GLY G 328 -13.72 -14.66 0.91
CA GLY G 328 -14.96 -13.90 0.97
C GLY G 328 -15.12 -12.79 -0.04
N ASN G 329 -14.05 -12.48 -0.76
CA ASN G 329 -14.01 -11.42 -1.77
C ASN G 329 -14.32 -10.02 -1.23
N TRP G 330 -13.33 -9.46 -0.54
CA TRP G 330 -13.41 -8.10 0.01
C TRP G 330 -12.19 -7.39 -0.58
N SER G 331 -12.27 -6.07 -0.71
CA SER G 331 -11.17 -5.26 -1.27
C SER G 331 -9.88 -5.37 -0.44
N ASP G 332 -8.76 -5.63 -1.11
CA ASP G 332 -7.45 -5.79 -0.45
C ASP G 332 -6.35 -5.08 -1.24
N LYS G 333 -5.12 -5.14 -0.72
CA LYS G 333 -3.95 -4.52 -1.36
C LYS G 333 -2.83 -5.54 -1.52
N GLN G 346 -6.79 -10.55 -14.20
CA GLN G 346 -6.84 -11.93 -13.75
C GLN G 346 -7.39 -12.01 -12.32
N ILE G 347 -8.72 -12.06 -12.22
CA ILE G 347 -9.39 -12.13 -10.93
C ILE G 347 -8.78 -13.19 -9.99
N THR G 348 -8.39 -12.74 -8.81
CA THR G 348 -7.79 -13.57 -7.78
C THR G 348 -8.57 -14.87 -7.55
N ALA G 349 -7.94 -15.85 -6.88
CA ALA G 349 -8.57 -17.14 -6.59
C ALA G 349 -8.03 -17.76 -5.31
N ILE G 350 -8.89 -18.47 -4.62
CA ILE G 350 -8.57 -19.11 -3.36
C ILE G 350 -7.34 -20.01 -3.28
N PRO G 351 -6.52 -19.86 -2.22
CA PRO G 351 -5.33 -20.70 -2.07
C PRO G 351 -5.74 -22.16 -2.00
N ASP G 352 -4.82 -23.03 -2.40
CA ASP G 352 -5.05 -24.46 -2.41
C ASP G 352 -5.53 -25.06 -1.10
N HIS G 353 -4.78 -24.80 -0.04
CA HIS G 353 -5.11 -25.35 1.27
C HIS G 353 -6.47 -24.95 1.84
N TYR G 354 -7.06 -23.87 1.34
CA TYR G 354 -8.36 -23.47 1.85
C TYR G 354 -9.31 -24.64 1.77
N PHE G 355 -9.42 -25.20 0.57
CA PHE G 355 -10.32 -26.33 0.32
C PHE G 355 -9.88 -27.53 1.14
N ALA G 356 -8.58 -27.74 1.21
CA ALA G 356 -8.08 -28.86 1.99
C ALA G 356 -8.79 -28.85 3.35
N LEU G 357 -8.77 -27.69 4.01
CA LEU G 357 -9.39 -27.56 5.31
C LEU G 357 -10.91 -27.72 5.30
N VAL G 358 -11.59 -26.94 4.47
CA VAL G 358 -13.03 -27.01 4.44
C VAL G 358 -13.57 -28.38 4.02
N SER G 359 -12.77 -29.15 3.29
CA SER G 359 -13.17 -30.48 2.85
C SER G 359 -13.18 -31.44 4.02
N ARG G 360 -12.37 -31.12 5.02
CA ARG G 360 -12.26 -31.90 6.25
C ARG G 360 -11.40 -33.14 6.14
N TYR G 361 -10.76 -33.34 5.01
CA TYR G 361 -9.88 -34.50 4.86
C TYR G 361 -8.54 -34.13 5.46
N TYR G 362 -8.41 -32.85 5.81
CA TYR G 362 -7.17 -32.36 6.40
C TYR G 362 -7.45 -31.46 7.58
N ALA G 363 -6.44 -31.29 8.42
CA ALA G 363 -6.53 -30.46 9.61
C ALA G 363 -5.39 -29.45 9.58
N TYR G 364 -5.64 -28.26 10.13
CA TYR G 364 -4.63 -27.21 10.13
C TYR G 364 -3.82 -27.22 11.42
N ASP G 365 -2.50 -27.13 11.28
CA ASP G 365 -1.60 -27.12 12.42
C ASP G 365 -1.05 -25.71 12.61
N PRO G 366 -1.52 -24.99 13.63
CA PRO G 366 -1.10 -23.62 13.95
C PRO G 366 0.39 -23.44 14.12
N ILE G 367 1.04 -24.44 14.71
CA ILE G 367 2.46 -24.35 14.94
C ILE G 367 3.31 -24.45 13.68
N SER G 368 3.08 -25.48 12.87
CA SER G 368 3.85 -25.65 11.64
C SER G 368 3.26 -24.82 10.51
N LYS G 369 1.93 -24.68 10.54
CA LYS G 369 1.16 -23.93 9.53
C LYS G 369 0.95 -24.68 8.23
N GLU G 370 0.89 -26.00 8.31
CA GLU G 370 0.67 -26.82 7.12
C GLU G 370 -0.64 -27.56 7.27
N MET G 371 -1.15 -28.07 6.15
CA MET G 371 -2.39 -28.82 6.20
C MET G 371 -2.00 -30.28 6.39
N ILE G 372 -2.61 -30.92 7.40
CA ILE G 372 -2.33 -32.32 7.71
C ILE G 372 -3.51 -33.23 7.42
N ALA G 373 -3.31 -34.20 6.54
CA ALA G 373 -4.37 -35.12 6.20
C ALA G 373 -4.66 -36.00 7.39
N LEU G 374 -5.90 -36.49 7.48
CA LEU G 374 -6.31 -37.36 8.57
C LEU G 374 -6.09 -38.81 8.14
N LYS G 375 -5.42 -39.60 9.00
CA LYS G 375 -5.12 -41.01 8.70
C LYS G 375 -6.35 -41.89 8.40
N ASP G 376 -7.45 -41.23 8.03
CA ASP G 376 -8.69 -41.91 7.68
C ASP G 376 -8.50 -42.46 6.25
N GLU G 377 -8.57 -43.79 6.14
CA GLU G 377 -8.41 -44.51 4.86
C GLU G 377 -8.69 -43.72 3.57
N THR G 378 -9.88 -43.14 3.48
CA THR G 378 -10.31 -42.37 2.31
C THR G 378 -9.46 -41.15 1.99
N ASN G 379 -8.52 -41.30 1.06
CA ASN G 379 -7.71 -40.17 0.64
C ASN G 379 -8.36 -39.68 -0.65
N PRO G 380 -9.04 -38.54 -0.59
CA PRO G 380 -9.70 -37.99 -1.77
C PRO G 380 -8.91 -38.07 -3.07
N ILE G 381 -7.61 -37.74 -3.04
CA ILE G 381 -6.78 -37.76 -4.24
C ILE G 381 -6.87 -39.11 -4.95
N GLU G 382 -6.54 -40.18 -4.21
CA GLU G 382 -6.59 -41.52 -4.76
C GLU G 382 -7.93 -41.85 -5.37
N GLU G 383 -9.01 -41.50 -4.67
CA GLU G 383 -10.34 -41.79 -5.19
C GLU G 383 -10.62 -41.01 -6.47
N TRP G 384 -9.95 -39.87 -6.66
CA TRP G 384 -10.17 -39.10 -7.88
C TRP G 384 -9.60 -39.90 -9.04
N GLN G 385 -8.40 -40.44 -8.84
CA GLN G 385 -7.73 -41.24 -9.87
C GLN G 385 -8.69 -42.27 -10.46
N HIS G 386 -9.18 -43.16 -9.61
CA HIS G 386 -10.11 -44.20 -10.03
C HIS G 386 -11.22 -43.64 -10.91
N ILE G 387 -11.83 -42.53 -10.49
CA ILE G 387 -12.91 -41.88 -11.23
C ILE G 387 -12.44 -41.36 -12.60
N GLU G 388 -11.24 -40.81 -12.61
CA GLU G 388 -10.64 -40.24 -13.83
C GLU G 388 -10.22 -41.34 -14.82
N GLN G 389 -9.97 -42.54 -14.31
CA GLN G 389 -9.54 -43.68 -15.13
C GLN G 389 -10.57 -44.24 -16.11
N LEU G 390 -11.51 -45.03 -15.59
CA LEU G 390 -12.52 -45.64 -16.45
C LEU G 390 -13.37 -44.57 -17.14
N LYS G 391 -13.11 -44.38 -18.43
CA LYS G 391 -13.85 -43.40 -19.21
C LYS G 391 -15.02 -44.09 -19.92
N GLY G 392 -15.24 -43.75 -21.18
CA GLY G 392 -16.32 -44.34 -21.95
C GLY G 392 -17.61 -44.34 -21.15
N SER G 393 -17.89 -43.22 -20.49
CA SER G 393 -19.10 -43.09 -19.69
C SER G 393 -19.73 -41.70 -19.79
N ALA G 394 -20.24 -41.36 -20.97
CA ALA G 394 -20.90 -40.08 -21.20
C ALA G 394 -22.21 -40.13 -20.41
N GLU G 395 -22.33 -41.12 -19.55
CA GLU G 395 -23.51 -41.35 -18.72
C GLU G 395 -23.81 -40.15 -17.82
N GLY G 396 -22.92 -39.16 -17.82
CA GLY G 396 -23.17 -37.97 -17.03
C GLY G 396 -24.35 -37.25 -17.64
N SER G 397 -24.32 -37.09 -18.97
CA SER G 397 -25.38 -36.41 -19.71
C SER G 397 -26.75 -37.08 -19.54
N ILE G 398 -26.74 -38.27 -18.95
CA ILE G 398 -27.97 -39.03 -18.73
C ILE G 398 -28.58 -38.72 -17.38
N ARG G 399 -27.73 -38.53 -16.37
CA ARG G 399 -28.18 -38.25 -15.01
C ARG G 399 -28.65 -36.81 -14.84
N TYR G 400 -27.99 -35.88 -15.55
CA TYR G 400 -28.33 -34.46 -15.49
C TYR G 400 -28.76 -34.00 -16.88
N PRO G 401 -29.94 -34.44 -17.31
CA PRO G 401 -30.46 -34.06 -18.63
C PRO G 401 -30.74 -32.57 -18.77
N ALA G 402 -31.26 -31.95 -17.72
CA ALA G 402 -31.59 -30.54 -17.74
C ALA G 402 -30.40 -29.64 -18.04
N TRP G 403 -29.26 -29.97 -17.46
CA TRP G 403 -28.03 -29.17 -17.64
C TRP G 403 -27.18 -29.70 -18.78
N ASN G 404 -27.68 -30.72 -19.44
CA ASN G 404 -26.98 -31.32 -20.55
C ASN G 404 -26.85 -30.26 -21.66
N GLY G 405 -25.63 -30.01 -22.09
CA GLY G 405 -25.41 -29.01 -23.13
C GLY G 405 -25.06 -27.65 -22.55
N ILE G 406 -25.32 -27.48 -21.25
CA ILE G 406 -25.02 -26.22 -20.58
C ILE G 406 -23.79 -26.40 -19.72
N ILE G 407 -23.86 -27.33 -18.77
CA ILE G 407 -22.73 -27.59 -17.89
C ILE G 407 -21.78 -28.55 -18.61
N SER G 408 -20.51 -28.17 -18.66
CA SER G 408 -19.47 -28.96 -19.30
C SER G 408 -19.70 -30.44 -19.06
N GLN G 409 -19.60 -31.25 -20.11
CA GLN G 409 -19.78 -32.68 -19.97
C GLN G 409 -18.70 -33.26 -19.07
N GLU G 410 -17.47 -32.81 -19.27
CA GLU G 410 -16.34 -33.26 -18.48
C GLU G 410 -16.71 -33.23 -16.99
N VAL G 411 -17.47 -32.20 -16.62
CA VAL G 411 -17.91 -31.99 -15.24
C VAL G 411 -19.05 -32.94 -14.90
N LEU G 412 -20.09 -32.92 -15.73
CA LEU G 412 -21.24 -33.76 -15.52
C LEU G 412 -20.81 -35.21 -15.36
N ASP G 413 -19.73 -35.58 -16.03
CA ASP G 413 -19.22 -36.95 -15.93
C ASP G 413 -18.59 -37.15 -14.55
N TYR G 414 -17.66 -36.26 -14.21
CA TYR G 414 -17.00 -36.35 -12.92
C TYR G 414 -18.00 -36.48 -11.78
N LEU G 415 -18.98 -35.58 -11.74
CA LEU G 415 -19.99 -35.65 -10.69
C LEU G 415 -20.75 -36.96 -10.79
N SER G 416 -21.27 -37.26 -11.98
CA SER G 416 -22.01 -38.48 -12.18
C SER G 416 -21.23 -39.66 -11.61
N SER G 417 -19.98 -39.81 -12.03
CA SER G 417 -19.12 -40.89 -11.56
C SER G 417 -19.05 -40.85 -10.04
N TYR G 418 -18.39 -39.81 -9.52
CA TYR G 418 -18.24 -39.61 -8.08
C TYR G 418 -19.46 -40.12 -7.32
N ILE G 419 -20.64 -39.67 -7.74
CA ILE G 419 -21.89 -40.07 -7.10
C ILE G 419 -22.04 -41.59 -7.06
N ASN G 420 -22.23 -42.20 -8.24
CA ASN G 420 -22.39 -43.65 -8.35
C ASN G 420 -21.24 -44.35 -7.64
N ARG G 421 -20.03 -43.90 -7.93
CA ARG G 421 -18.81 -44.44 -7.37
C ARG G 421 -18.89 -44.55 -5.84
N ARG G 422 -19.81 -43.82 -5.21
CA ARG G 422 -19.95 -43.88 -3.76
C ARG G 422 -21.19 -44.66 -3.34
N SER H 2 29.33 29.48 12.61
CA SER H 2 28.50 30.05 11.49
C SER H 2 27.19 30.61 12.03
N GLN H 3 26.53 31.43 11.23
CA GLN H 3 25.26 32.04 11.60
C GLN H 3 24.36 31.07 12.35
N PHE H 4 24.18 29.88 11.78
CA PHE H 4 23.31 28.89 12.40
C PHE H 4 23.77 28.51 13.80
N ASP H 5 25.06 28.29 13.96
CA ASP H 5 25.57 27.94 15.28
C ASP H 5 25.24 29.03 16.29
N ILE H 6 25.35 30.26 15.82
CA ILE H 6 25.07 31.43 16.66
C ILE H 6 23.61 31.48 17.05
N LEU H 7 22.73 31.22 16.08
CA LEU H 7 21.31 31.23 16.33
C LEU H 7 21.07 30.28 17.48
N CYS H 8 21.63 29.07 17.36
CA CYS H 8 21.50 28.03 18.38
C CYS H 8 22.03 28.43 19.74
N LYS H 9 22.93 29.40 19.76
CA LYS H 9 23.51 29.87 21.01
C LYS H 9 22.71 31.01 21.65
N THR H 10 21.87 31.67 20.84
CA THR H 10 21.08 32.79 21.34
C THR H 10 19.77 32.34 21.97
N PRO H 11 19.42 32.90 23.14
CA PRO H 11 18.19 32.56 23.86
C PRO H 11 16.96 33.12 23.15
N PRO H 12 15.91 32.30 23.03
CA PRO H 12 14.68 32.70 22.37
C PRO H 12 14.28 34.15 22.59
N LYS H 13 14.01 34.51 23.84
CA LYS H 13 13.63 35.88 24.17
C LYS H 13 14.64 36.89 23.62
N VAL H 14 15.92 36.53 23.67
CA VAL H 14 16.95 37.41 23.18
C VAL H 14 16.77 37.64 21.69
N LEU H 15 16.51 36.56 20.95
CA LEU H 15 16.29 36.68 19.51
C LEU H 15 15.16 37.66 19.25
N VAL H 16 13.98 37.36 19.78
CA VAL H 16 12.83 38.21 19.61
C VAL H 16 13.17 39.63 20.03
N ARG H 17 13.92 39.74 21.12
CA ARG H 17 14.36 41.03 21.61
C ARG H 17 15.06 41.75 20.45
N GLN H 18 16.23 41.23 20.07
CA GLN H 18 17.04 41.78 18.99
C GLN H 18 16.25 42.11 17.73
N PHE H 19 15.27 41.28 17.41
CA PHE H 19 14.48 41.52 16.20
C PHE H 19 13.66 42.78 16.33
N VAL H 20 13.15 43.05 17.52
CA VAL H 20 12.35 44.24 17.72
C VAL H 20 13.19 45.51 17.71
N GLU H 21 14.31 45.48 18.43
CA GLU H 21 15.21 46.64 18.48
C GLU H 21 15.50 47.20 17.09
N ARG H 22 15.59 46.29 16.12
CA ARG H 22 15.86 46.66 14.74
C ARG H 22 14.83 47.65 14.22
N PHE H 23 13.60 47.56 14.72
CA PHE H 23 12.54 48.43 14.26
C PHE H 23 12.24 49.66 15.13
N GLU H 24 13.00 49.83 16.21
CA GLU H 24 12.77 50.98 17.06
C GLU H 24 13.41 52.21 16.46
N ARG H 25 14.69 52.14 16.14
CA ARG H 25 15.32 53.28 15.49
C ARG H 25 15.55 52.85 14.06
N PRO H 26 14.45 52.75 13.29
CA PRO H 26 14.44 52.33 11.89
C PRO H 26 15.70 52.68 11.11
N SER H 27 16.52 51.67 10.86
CA SER H 27 17.74 51.89 10.12
C SER H 27 17.88 50.84 9.04
N GLY H 28 18.50 51.24 7.94
CA GLY H 28 18.71 50.30 6.87
C GLY H 28 19.66 49.23 7.38
N GLU H 29 20.70 49.66 8.10
CA GLU H 29 21.70 48.73 8.64
C GLU H 29 21.02 47.67 9.46
N LYS H 30 20.15 48.12 10.38
CA LYS H 30 19.47 47.21 11.28
C LYS H 30 18.40 46.31 10.64
N ILE H 31 17.51 46.89 9.85
CA ILE H 31 16.45 46.10 9.23
C ILE H 31 16.98 45.07 8.23
N ALA H 32 18.07 45.43 7.55
CA ALA H 32 18.65 44.56 6.53
C ALA H 32 19.21 43.25 7.07
N SER H 33 19.45 43.17 8.37
CA SER H 33 20.00 41.95 8.97
C SER H 33 19.00 41.06 9.68
N CYS H 34 17.76 41.52 9.82
CA CYS H 34 16.74 40.74 10.50
C CYS H 34 16.59 39.31 9.91
N ALA H 35 17.09 39.15 8.68
CA ALA H 35 17.06 37.90 7.94
C ALA H 35 17.09 36.62 8.76
N ALA H 36 18.22 36.36 9.43
CA ALA H 36 18.36 35.15 10.24
C ALA H 36 17.25 35.06 11.26
N GLU H 37 17.04 36.14 12.01
CA GLU H 37 15.98 36.18 13.02
C GLU H 37 14.60 35.96 12.41
N LEU H 38 14.34 36.67 11.33
CA LEU H 38 13.07 36.57 10.62
C LEU H 38 12.80 35.13 10.22
N THR H 39 13.86 34.41 9.86
CA THR H 39 13.76 33.00 9.49
C THR H 39 13.28 32.20 10.69
N TYR H 40 14.05 32.30 11.78
CA TYR H 40 13.73 31.61 13.01
C TYR H 40 12.29 31.87 13.40
N LEU H 41 11.89 33.13 13.38
CA LEU H 41 10.53 33.49 13.73
C LEU H 41 9.50 32.84 12.82
N CYS H 42 9.60 33.07 11.52
CA CYS H 42 8.65 32.48 10.60
C CYS H 42 8.49 30.98 10.79
N TRP H 43 9.58 30.31 11.13
CA TRP H 43 9.52 28.86 11.32
C TRP H 43 8.78 28.54 12.61
N MET H 44 9.28 29.10 13.71
CA MET H 44 8.68 28.89 15.02
C MET H 44 7.18 29.12 14.97
N ILE H 45 6.77 30.11 14.21
CA ILE H 45 5.34 30.40 14.09
C ILE H 45 4.63 29.27 13.39
N THR H 46 4.93 29.07 12.11
CA THR H 46 4.29 28.02 11.33
C THR H 46 4.46 26.61 11.87
N HIS H 47 5.38 26.40 12.81
CA HIS H 47 5.56 25.05 13.35
C HIS H 47 5.34 24.96 14.85
N ASN H 48 4.97 26.08 15.45
CA ASN H 48 4.69 26.13 16.87
C ASN H 48 5.81 25.55 17.76
N GLY H 49 6.90 26.30 17.89
CA GLY H 49 8.00 25.86 18.75
C GLY H 49 8.87 24.69 18.32
N THR H 50 8.44 23.95 17.30
CA THR H 50 9.20 22.83 16.79
C THR H 50 10.55 23.34 16.33
N ALA H 51 11.62 22.64 16.74
CA ALA H 51 12.97 23.04 16.37
C ALA H 51 13.16 23.04 14.86
N ILE H 52 14.18 23.78 14.42
CA ILE H 52 14.49 23.87 12.99
C ILE H 52 15.89 23.29 12.72
N LYS H 53 15.98 22.50 11.65
CA LYS H 53 17.25 21.88 11.28
C LYS H 53 18.17 22.86 10.58
N ARG H 54 19.48 22.63 10.74
CA ARG H 54 20.51 23.47 10.15
C ARG H 54 20.28 23.75 8.67
N ALA H 55 20.35 22.70 7.87
CA ALA H 55 20.17 22.85 6.43
C ALA H 55 18.96 23.69 6.08
N THR H 56 17.83 23.38 6.71
CA THR H 56 16.60 24.09 6.42
C THR H 56 16.74 25.55 6.76
N PHE H 57 17.27 25.83 7.95
CA PHE H 57 17.47 27.21 8.33
C PHE H 57 18.34 27.89 7.28
N MET H 58 19.43 27.21 6.92
CA MET H 58 20.35 27.70 5.92
C MET H 58 19.64 28.06 4.63
N SER H 59 18.85 27.13 4.10
CA SER H 59 18.16 27.39 2.84
C SER H 59 17.24 28.58 2.90
N TYR H 60 16.38 28.56 3.91
CA TYR H 60 15.41 29.61 4.14
C TYR H 60 16.09 30.95 4.40
N ASN H 61 17.12 30.93 5.23
CA ASN H 61 17.81 32.17 5.52
C ASN H 61 18.22 32.84 4.21
N THR H 62 18.74 32.03 3.30
CA THR H 62 19.17 32.53 2.01
C THR H 62 17.99 33.13 1.26
N ILE H 63 16.92 32.35 1.16
CA ILE H 63 15.72 32.77 0.46
C ILE H 63 15.22 34.11 0.97
N ILE H 64 15.10 34.25 2.29
CA ILE H 64 14.65 35.52 2.85
C ILE H 64 15.66 36.60 2.46
N SER H 65 16.90 36.42 2.90
CA SER H 65 18.00 37.36 2.63
C SER H 65 17.99 37.89 1.19
N ASN H 66 17.81 37.00 0.22
CA ASN H 66 17.77 37.43 -1.19
C ASN H 66 16.54 38.25 -1.53
N SER H 67 15.41 37.92 -0.91
CA SER H 67 14.15 38.62 -1.21
C SER H 67 13.80 39.81 -0.30
N LEU H 68 14.39 39.87 0.88
CA LEU H 68 14.08 40.95 1.80
C LEU H 68 14.16 42.32 1.14
N SER H 69 13.16 43.15 1.44
CA SER H 69 13.06 44.53 0.93
C SER H 69 12.19 45.30 1.92
N PHE H 70 12.31 46.62 1.96
CA PHE H 70 11.52 47.37 2.92
C PHE H 70 11.52 48.87 2.75
N ASP H 71 10.48 49.50 3.30
CA ASP H 71 10.32 50.95 3.25
C ASP H 71 10.30 51.46 4.68
N ILE H 72 11.36 52.15 5.09
CA ILE H 72 11.41 52.66 6.44
C ILE H 72 10.38 53.75 6.68
N VAL H 73 10.08 54.52 5.63
CA VAL H 73 9.10 55.61 5.73
C VAL H 73 7.66 55.14 5.96
N ASN H 74 7.22 54.16 5.17
CA ASN H 74 5.86 53.65 5.32
C ASN H 74 5.79 52.45 6.23
N LYS H 75 6.94 52.12 6.82
CA LYS H 75 7.03 50.96 7.72
C LYS H 75 6.41 49.71 7.09
N SER H 76 6.96 49.31 5.94
CA SER H 76 6.48 48.15 5.21
C SER H 76 7.66 47.28 4.80
N LEU H 77 7.58 46.00 5.13
CA LEU H 77 8.63 45.05 4.83
C LEU H 77 8.09 43.75 4.27
N GLN H 78 8.73 43.25 3.21
CA GLN H 78 8.29 42.00 2.60
C GLN H 78 9.46 41.08 2.28
N PHE H 79 9.15 39.79 2.13
CA PHE H 79 10.17 38.81 1.80
C PHE H 79 9.49 37.51 1.40
N LYS H 80 10.25 36.64 0.74
CA LYS H 80 9.73 35.35 0.30
C LYS H 80 9.96 34.27 1.35
N TYR H 81 9.05 33.30 1.39
CA TYR H 81 9.17 32.21 2.34
C TYR H 81 8.38 31.01 1.83
N LYS H 82 8.86 29.81 2.12
CA LYS H 82 8.18 28.60 1.66
C LYS H 82 6.91 28.35 2.46
N THR H 83 5.84 29.08 2.11
CA THR H 83 4.58 28.93 2.83
C THR H 83 3.38 29.22 1.94
N GLN H 84 2.20 28.81 2.41
CA GLN H 84 0.97 29.04 1.66
C GLN H 84 -0.09 29.72 2.49
N LYS H 85 0.19 29.87 3.78
CA LYS H 85 -0.72 30.54 4.70
C LYS H 85 -0.03 31.83 5.13
N ALA H 86 0.35 32.62 4.12
CA ALA H 86 1.03 33.89 4.29
C ALA H 86 0.38 34.78 5.32
N THR H 87 -0.91 35.04 5.13
CA THR H 87 -1.66 35.89 6.04
C THR H 87 -1.44 35.59 7.52
N ILE H 88 -1.68 34.35 7.92
CA ILE H 88 -1.49 33.94 9.31
C ILE H 88 -0.14 34.40 9.84
N LEU H 89 0.88 34.23 9.00
CA LEU H 89 2.25 34.59 9.35
C LEU H 89 2.41 36.11 9.47
N GLU H 90 1.85 36.82 8.50
CA GLU H 90 1.94 38.28 8.50
C GLU H 90 1.34 38.83 9.77
N ALA H 91 0.16 38.31 10.12
CA ALA H 91 -0.52 38.75 11.32
C ALA H 91 0.40 38.60 12.51
N SER H 92 0.94 37.40 12.68
CA SER H 92 1.84 37.11 13.78
C SER H 92 2.98 38.11 13.84
N LEU H 93 3.69 38.26 12.73
CA LEU H 93 4.80 39.19 12.69
C LEU H 93 4.37 40.57 13.18
N LYS H 94 3.21 41.03 12.71
CA LYS H 94 2.71 42.34 13.11
C LYS H 94 2.50 42.48 14.61
N LYS H 95 1.85 41.51 15.23
CA LYS H 95 1.63 41.59 16.67
C LYS H 95 2.93 41.89 17.38
N LEU H 96 4.04 41.44 16.80
CA LEU H 96 5.34 41.66 17.39
C LEU H 96 5.85 43.08 17.14
N ILE H 97 5.39 43.66 16.04
CA ILE H 97 5.77 45.02 15.63
C ILE H 97 4.57 45.62 14.91
N PRO H 98 3.55 46.04 15.68
CA PRO H 98 2.28 46.63 15.22
C PRO H 98 2.45 47.82 14.27
N ALA H 99 3.48 48.62 14.54
CA ALA H 99 3.78 49.79 13.76
C ALA H 99 4.10 49.47 12.30
N TRP H 100 4.38 48.20 12.01
CA TRP H 100 4.73 47.81 10.66
C TRP H 100 3.73 46.96 9.90
N GLU H 101 3.94 46.91 8.59
CA GLU H 101 3.10 46.16 7.67
C GLU H 101 3.97 45.09 7.02
N PHE H 102 3.58 43.83 7.15
CA PHE H 102 4.36 42.74 6.55
C PHE H 102 3.65 42.11 5.37
N THR H 103 4.43 41.54 4.45
CA THR H 103 3.88 40.90 3.28
C THR H 103 4.71 39.70 2.87
N ILE H 104 4.30 38.51 3.31
CA ILE H 104 5.04 37.30 2.96
C ILE H 104 4.61 36.85 1.59
N ILE H 105 5.58 36.74 0.70
CA ILE H 105 5.32 36.30 -0.68
C ILE H 105 5.72 34.84 -0.85
N PRO H 106 4.79 34.01 -1.31
CA PRO H 106 5.06 32.58 -1.52
C PRO H 106 6.27 32.34 -2.42
N TYR H 107 7.20 31.51 -1.94
CA TYR H 107 8.42 31.21 -2.67
C TYR H 107 7.98 30.57 -3.97
N ASN H 108 7.06 29.62 -3.77
CA ASN H 108 6.43 28.80 -4.81
C ASN H 108 5.01 29.29 -5.15
N GLY H 109 4.76 29.66 -6.41
CA GLY H 109 3.43 30.11 -6.79
C GLY H 109 3.13 29.96 -8.27
N SER H 114 3.17 32.33 -17.01
CA SER H 114 3.53 31.76 -18.30
C SER H 114 3.00 32.63 -19.45
N ASP H 115 3.86 33.46 -20.01
CA ASP H 115 3.42 34.33 -21.11
C ASP H 115 3.83 33.78 -22.46
N ILE H 116 2.84 33.56 -23.32
CA ILE H 116 3.06 33.01 -24.65
C ILE H 116 4.19 33.66 -25.43
N THR H 117 4.02 34.94 -25.75
CA THR H 117 5.03 35.68 -26.51
C THR H 117 6.45 35.41 -26.00
N ASP H 118 6.59 35.20 -24.69
CA ASP H 118 7.90 34.91 -24.11
C ASP H 118 8.24 33.49 -24.53
N ILE H 119 7.37 32.57 -24.15
CA ILE H 119 7.53 31.16 -24.48
C ILE H 119 7.92 31.03 -25.93
N VAL H 120 7.12 31.64 -26.80
CA VAL H 120 7.37 31.59 -28.23
C VAL H 120 8.77 32.03 -28.58
N SER H 121 9.06 33.31 -28.36
CA SER H 121 10.39 33.85 -28.67
C SER H 121 11.47 32.90 -28.16
N SER H 122 11.28 32.41 -26.95
CA SER H 122 12.21 31.47 -26.33
C SER H 122 12.38 30.28 -27.28
N LEU H 123 11.25 29.74 -27.75
CA LEU H 123 11.25 28.61 -28.67
C LEU H 123 11.88 29.03 -30.00
N GLN H 124 11.44 30.19 -30.49
CA GLN H 124 11.94 30.73 -31.75
C GLN H 124 13.46 30.85 -31.67
N LEU H 125 13.95 30.99 -30.45
CA LEU H 125 15.38 31.12 -30.19
C LEU H 125 16.05 29.73 -30.28
N GLN H 126 15.51 28.78 -29.53
CA GLN H 126 16.02 27.42 -29.51
C GLN H 126 15.97 26.84 -30.92
N PHE H 127 14.90 27.14 -31.64
CA PHE H 127 14.69 26.66 -33.00
C PHE H 127 15.88 26.91 -33.92
N GLU H 128 16.64 27.97 -33.62
CA GLU H 128 17.79 28.36 -34.43
C GLU H 128 19.13 27.71 -34.03
N SER H 129 19.24 27.32 -32.77
CA SER H 129 20.45 26.68 -32.25
C SER H 129 20.14 25.50 -31.37
N GLY H 136 23.75 20.68 -19.30
CA GLY H 136 24.38 20.73 -17.98
C GLY H 136 23.64 19.91 -16.92
N ASN H 137 22.38 19.63 -17.19
CA ASN H 137 21.54 18.84 -16.27
C ASN H 137 21.05 17.64 -17.06
N SER H 138 20.43 17.90 -18.21
CA SER H 138 19.96 16.83 -19.08
C SER H 138 21.26 16.24 -19.62
N HIS H 139 22.34 17.00 -19.46
CA HIS H 139 23.68 16.60 -19.88
C HIS H 139 24.28 15.71 -18.82
N SER H 140 23.98 16.01 -17.57
CA SER H 140 24.49 15.22 -16.47
C SER H 140 24.02 13.79 -16.61
N LYS H 141 22.71 13.63 -16.75
CA LYS H 141 22.11 12.31 -16.88
C LYS H 141 22.55 11.55 -18.11
N LYS H 142 23.06 12.27 -19.11
CA LYS H 142 23.50 11.59 -20.31
C LYS H 142 24.83 10.91 -20.05
N MET H 143 25.74 11.64 -19.42
CA MET H 143 27.05 11.12 -19.12
C MET H 143 26.95 9.93 -18.18
N LEU H 144 26.10 10.03 -17.17
CA LEU H 144 25.92 8.93 -16.25
C LEU H 144 25.49 7.69 -17.02
N LYS H 145 24.58 7.84 -17.97
CA LYS H 145 24.13 6.70 -18.76
C LYS H 145 25.36 6.18 -19.47
N ALA H 146 26.05 7.10 -20.13
CA ALA H 146 27.27 6.79 -20.88
C ALA H 146 28.24 5.96 -20.06
N LEU H 147 28.68 6.55 -18.94
CA LEU H 147 29.61 5.89 -18.03
C LEU H 147 29.44 4.38 -18.00
N LEU H 148 28.27 3.95 -17.53
CA LEU H 148 27.97 2.52 -17.43
C LEU H 148 27.73 1.88 -18.78
N SER H 149 27.39 2.68 -19.77
CA SER H 149 27.10 2.17 -21.09
C SER H 149 28.36 1.65 -21.78
N GLU H 150 29.45 2.39 -21.65
CA GLU H 150 30.70 1.99 -22.27
C GLU H 150 31.26 0.71 -21.66
N GLY H 151 32.45 0.30 -22.11
CA GLY H 151 33.08 -0.93 -21.63
C GLY H 151 33.12 -1.33 -20.16
N GLU H 152 33.98 -0.64 -19.41
CA GLU H 152 34.19 -0.87 -17.99
C GLU H 152 33.00 -1.29 -17.16
N SER H 153 33.26 -2.16 -16.19
CA SER H 153 32.21 -2.64 -15.29
C SER H 153 32.16 -1.70 -14.11
N ILE H 154 31.13 -1.84 -13.28
CA ILE H 154 31.01 -0.97 -12.13
C ILE H 154 32.27 -1.08 -11.28
N TRP H 155 32.65 -2.30 -10.94
CA TRP H 155 33.86 -2.48 -10.13
C TRP H 155 35.09 -1.87 -10.78
N GLU H 156 35.22 -2.04 -12.10
CA GLU H 156 36.37 -1.47 -12.81
C GLU H 156 36.34 0.06 -12.64
N ILE H 157 35.17 0.64 -12.81
CA ILE H 157 34.99 2.09 -12.67
C ILE H 157 35.35 2.52 -11.26
N THR H 158 34.87 1.78 -10.28
CA THR H 158 35.13 2.07 -8.88
C THR H 158 36.63 2.14 -8.60
N GLU H 159 37.36 1.12 -9.03
CA GLU H 159 38.79 1.08 -8.81
C GLU H 159 39.50 2.29 -9.44
N LYS H 160 39.08 2.63 -10.66
CA LYS H 160 39.65 3.76 -11.36
C LYS H 160 39.46 5.05 -10.54
N ILE H 161 38.21 5.37 -10.25
CA ILE H 161 37.89 6.56 -9.45
C ILE H 161 38.71 6.55 -8.18
N LEU H 162 38.70 5.40 -7.52
CA LEU H 162 39.42 5.22 -6.27
C LEU H 162 40.89 5.63 -6.44
N ASN H 163 41.54 5.11 -7.48
CA ASN H 163 42.94 5.41 -7.73
C ASN H 163 43.21 6.84 -8.10
N SER H 164 42.26 7.49 -8.74
CA SER H 164 42.44 8.89 -9.15
C SER H 164 42.87 9.79 -7.98
N PHE H 165 42.71 9.29 -6.75
CA PHE H 165 43.12 10.07 -5.57
C PHE H 165 44.52 9.67 -5.13
N GLU H 166 44.88 8.42 -5.41
CA GLU H 166 46.17 7.85 -5.02
C GLU H 166 47.38 8.75 -5.19
N TYR H 167 47.49 9.41 -6.35
CA TYR H 167 48.64 10.28 -6.63
C TYR H 167 48.38 11.78 -6.77
N THR H 168 47.14 12.23 -6.59
CA THR H 168 46.79 13.64 -6.70
C THR H 168 46.69 14.30 -5.33
N SER H 169 46.26 13.55 -4.32
CA SER H 169 46.13 14.07 -2.96
C SER H 169 47.43 14.68 -2.47
N ARG H 170 47.30 15.73 -1.67
CA ARG H 170 48.46 16.45 -1.16
C ARG H 170 48.94 15.95 0.19
N PHE H 171 48.07 15.22 0.90
CA PHE H 171 48.44 14.66 2.20
C PHE H 171 48.00 13.22 2.28
N THR H 172 48.40 12.52 3.33
CA THR H 172 48.01 11.14 3.45
C THR H 172 46.60 11.12 3.99
N LYS H 173 46.35 11.98 4.99
CA LYS H 173 45.03 12.03 5.59
C LYS H 173 43.99 12.18 4.49
N THR H 174 44.15 13.22 3.67
CA THR H 174 43.21 13.47 2.59
C THR H 174 43.09 12.30 1.63
N LYS H 175 44.22 11.72 1.22
CA LYS H 175 44.16 10.60 0.29
C LYS H 175 43.35 9.48 0.93
N THR H 176 43.62 9.29 2.22
CA THR H 176 42.93 8.27 3.00
C THR H 176 41.44 8.58 3.07
N LEU H 177 41.12 9.82 3.44
CA LEU H 177 39.73 10.25 3.56
C LEU H 177 38.96 10.08 2.29
N TYR H 178 39.51 10.62 1.20
CA TYR H 178 38.84 10.51 -0.09
C TYR H 178 38.50 9.05 -0.45
N GLN H 179 39.52 8.21 -0.50
CA GLN H 179 39.33 6.81 -0.84
C GLN H 179 38.39 6.10 0.12
N PHE H 180 38.51 6.38 1.41
CA PHE H 180 37.62 5.75 2.39
C PHE H 180 36.19 6.15 2.08
N LEU H 181 35.95 7.46 2.11
CA LEU H 181 34.63 8.00 1.84
C LEU H 181 34.07 7.40 0.57
N PHE H 182 34.77 7.58 -0.55
CA PHE H 182 34.25 7.04 -1.78
C PHE H 182 33.80 5.59 -1.65
N LEU H 183 34.75 4.69 -1.39
CA LEU H 183 34.40 3.28 -1.25
C LEU H 183 33.27 3.09 -0.25
N ALA H 184 33.32 3.83 0.86
CA ALA H 184 32.28 3.73 1.88
C ALA H 184 30.90 4.00 1.31
N THR H 185 30.76 5.15 0.64
CA THR H 185 29.48 5.52 0.02
C THR H 185 29.00 4.50 -1.00
N PHE H 186 29.93 3.88 -1.72
CA PHE H 186 29.55 2.89 -2.73
C PHE H 186 29.04 1.61 -2.10
N ILE H 187 29.82 1.09 -1.17
CA ILE H 187 29.45 -0.13 -0.50
C ILE H 187 28.07 -0.07 0.15
N ASN H 188 27.76 1.07 0.78
CA ASN H 188 26.49 1.22 1.47
C ASN H 188 25.42 1.94 0.66
N CYS H 189 25.80 2.41 -0.53
CA CYS H 189 24.85 3.14 -1.37
C CYS H 189 24.25 4.27 -0.52
N GLY H 190 25.10 4.92 0.27
CA GLY H 190 24.63 5.98 1.13
C GLY H 190 25.15 7.34 0.70
N ARG H 191 24.56 8.40 1.25
CA ARG H 191 24.99 9.75 0.93
C ARG H 191 26.19 10.10 1.79
N PHE H 192 26.80 11.23 1.48
CA PHE H 192 27.94 11.67 2.25
C PHE H 192 27.58 11.69 3.72
N SER H 193 26.44 12.34 4.00
CA SER H 193 25.91 12.48 5.35
C SER H 193 25.67 11.14 6.02
N ASP H 194 25.31 10.13 5.22
CA ASP H 194 25.09 8.82 5.78
C ASP H 194 26.39 8.32 6.41
N ILE H 195 27.51 8.46 5.69
CA ILE H 195 28.78 8.00 6.20
C ILE H 195 29.26 8.96 7.28
N LYS H 196 29.16 10.25 7.00
CA LYS H 196 29.62 11.28 7.91
C LYS H 196 28.98 11.29 9.29
N ASN H 197 27.68 11.07 9.37
CA ASN H 197 27.02 11.11 10.66
C ASN H 197 26.99 9.82 11.44
N VAL H 198 27.85 8.88 11.08
CA VAL H 198 27.92 7.63 11.78
C VAL H 198 28.40 7.86 13.22
N ASP H 199 27.76 7.20 14.17
CA ASP H 199 28.18 7.30 15.57
C ASP H 199 29.33 6.28 15.77
N PRO H 200 30.58 6.75 15.77
CA PRO H 200 31.73 5.84 15.94
C PRO H 200 31.59 4.87 17.09
N LYS H 201 30.86 5.26 18.13
CA LYS H 201 30.68 4.39 19.28
C LYS H 201 29.67 3.27 19.05
N SER H 202 29.19 3.12 17.82
CA SER H 202 28.22 2.07 17.54
C SER H 202 28.75 0.95 16.66
N PHE H 203 30.06 0.86 16.48
CA PHE H 203 30.64 -0.20 15.67
C PHE H 203 30.46 -1.56 16.37
N LYS H 204 30.05 -2.57 15.62
CA LYS H 204 29.85 -3.91 16.17
C LYS H 204 30.19 -4.93 15.11
N LEU H 205 30.54 -6.13 15.56
CA LEU H 205 30.81 -7.21 14.64
C LEU H 205 29.45 -7.90 14.59
N VAL H 206 28.97 -8.20 13.39
CA VAL H 206 27.70 -8.86 13.28
C VAL H 206 27.93 -10.02 12.36
N GLN H 207 27.31 -11.16 12.66
CA GLN H 207 27.48 -12.34 11.86
C GLN H 207 26.77 -12.29 10.55
N ASN H 208 27.34 -12.98 9.57
CA ASN H 208 26.80 -13.03 8.21
C ASN H 208 27.20 -14.41 7.65
N LYS H 209 26.20 -15.25 7.41
CA LYS H 209 26.46 -16.59 6.91
C LYS H 209 27.34 -16.75 5.68
N TYR H 210 27.62 -15.67 4.97
CA TYR H 210 28.45 -15.77 3.78
C TYR H 210 29.87 -15.28 3.96
N LEU H 211 30.07 -14.33 4.86
CA LEU H 211 31.39 -13.78 5.04
C LEU H 211 31.94 -13.97 6.44
N GLY H 212 31.19 -14.68 7.28
CA GLY H 212 31.65 -14.87 8.65
C GLY H 212 31.07 -13.71 9.45
N VAL H 213 31.77 -12.58 9.40
CA VAL H 213 31.28 -11.39 10.08
C VAL H 213 31.58 -10.13 9.28
N ILE H 214 30.83 -9.09 9.57
CA ILE H 214 31.02 -7.82 8.92
C ILE H 214 30.90 -6.77 9.99
N ILE H 215 31.52 -5.62 9.75
CA ILE H 215 31.50 -4.53 10.70
C ILE H 215 30.27 -3.70 10.38
N GLN H 216 29.49 -3.36 11.40
CA GLN H 216 28.28 -2.58 11.22
C GLN H 216 28.20 -1.43 12.19
N CYS H 217 27.95 -0.23 11.67
CA CYS H 217 27.82 0.95 12.52
C CYS H 217 26.45 1.57 12.30
N LEU H 218 26.14 2.63 13.05
CA LEU H 218 24.83 3.24 12.93
C LEU H 218 24.76 4.73 12.66
N VAL H 219 23.86 5.12 11.77
CA VAL H 219 23.65 6.52 11.45
C VAL H 219 22.23 6.83 11.84
N THR H 220 22.03 7.90 12.58
CA THR H 220 20.70 8.29 13.00
C THR H 220 20.28 9.56 12.30
N GLU H 221 21.14 10.57 12.35
CA GLU H 221 20.86 11.85 11.72
C GLU H 221 20.92 11.81 10.20
N THR H 222 20.05 11.02 9.59
CA THR H 222 20.00 10.94 8.15
C THR H 222 19.03 11.98 7.58
N LYS H 223 19.04 12.17 6.26
CA LYS H 223 18.18 13.17 5.60
C LYS H 223 16.72 12.99 5.93
N THR H 224 16.18 11.82 5.60
CA THR H 224 14.79 11.53 5.87
C THR H 224 14.56 11.09 7.30
N SER H 225 15.54 11.31 8.17
CA SER H 225 15.43 10.94 9.57
C SER H 225 14.91 9.51 9.77
N VAL H 226 15.54 8.57 9.11
CA VAL H 226 15.20 7.16 9.20
C VAL H 226 16.54 6.51 9.38
N SER H 227 16.82 6.08 10.60
CA SER H 227 18.12 5.47 10.89
C SER H 227 18.46 4.28 10.01
N ARG H 228 19.75 4.11 9.75
CA ARG H 228 20.23 2.99 8.94
C ARG H 228 21.62 2.63 9.40
N HIS H 229 22.06 1.45 8.99
CA HIS H 229 23.38 0.95 9.32
C HIS H 229 24.35 1.17 8.16
N ILE H 230 25.63 1.27 8.51
CA ILE H 230 26.70 1.41 7.52
C ILE H 230 27.62 0.22 7.76
N TYR H 231 28.02 -0.46 6.69
CA TYR H 231 28.86 -1.64 6.83
C TYR H 231 30.23 -1.58 6.20
N PHE H 232 31.08 -2.49 6.66
CA PHE H 232 32.44 -2.63 6.17
C PHE H 232 32.73 -4.11 6.24
N PHE H 233 33.35 -4.64 5.20
CA PHE H 233 33.59 -6.06 5.17
C PHE H 233 34.69 -6.43 4.21
N SER H 234 35.22 -7.63 4.40
CA SER H 234 36.28 -8.11 3.56
C SER H 234 35.72 -8.34 2.17
N ALA H 235 36.48 -7.92 1.16
CA ALA H 235 36.07 -8.13 -0.20
C ALA H 235 37.23 -8.84 -0.91
N ARG H 236 36.90 -9.63 -1.93
CA ARG H 236 37.92 -10.34 -2.69
C ARG H 236 38.41 -9.43 -3.83
N GLY H 237 39.70 -9.49 -4.13
CA GLY H 237 40.25 -8.67 -5.20
C GLY H 237 41.07 -7.49 -4.73
N ARG H 238 41.43 -6.59 -5.65
CA ARG H 238 42.24 -5.42 -5.33
C ARG H 238 41.56 -4.37 -4.47
N ILE H 239 40.23 -4.40 -4.42
CA ILE H 239 39.53 -3.44 -3.59
C ILE H 239 38.98 -4.13 -2.36
N ASP H 240 39.50 -3.73 -1.20
CA ASP H 240 39.05 -4.31 0.06
C ASP H 240 38.63 -3.23 1.05
N PRO H 241 37.34 -3.20 1.42
CA PRO H 241 36.85 -2.20 2.37
C PRO H 241 37.66 -2.17 3.67
N LEU H 242 37.81 -3.34 4.29
CA LEU H 242 38.55 -3.42 5.55
C LEU H 242 39.90 -2.72 5.47
N VAL H 243 40.54 -2.80 4.30
CA VAL H 243 41.84 -2.16 4.11
C VAL H 243 41.71 -0.64 4.14
N TYR H 244 40.76 -0.11 3.38
CA TYR H 244 40.59 1.32 3.38
C TYR H 244 40.10 1.75 4.74
N LEU H 245 39.34 0.90 5.42
CA LEU H 245 38.82 1.24 6.73
C LEU H 245 40.00 1.39 7.67
N ASP H 246 40.97 0.50 7.47
CA ASP H 246 42.19 0.48 8.27
C ASP H 246 42.94 1.77 8.04
N GLU H 247 43.23 2.07 6.78
CA GLU H 247 43.97 3.28 6.43
C GLU H 247 43.25 4.53 6.94
N PHE H 248 41.93 4.48 6.93
CA PHE H 248 41.14 5.61 7.42
C PHE H 248 41.43 5.77 8.91
N LEU H 249 41.01 4.77 9.69
CA LEU H 249 41.19 4.81 11.11
C LEU H 249 42.58 5.28 11.54
N ARG H 250 43.61 4.89 10.81
CA ARG H 250 44.95 5.25 11.17
C ARG H 250 45.44 6.62 10.72
N ASN H 251 44.56 7.50 10.27
CA ASN H 251 45.02 8.80 9.81
C ASN H 251 44.08 9.94 10.17
N SER H 252 42.84 9.58 10.47
CA SER H 252 41.85 10.58 10.85
C SER H 252 41.53 10.26 12.31
N GLU H 253 40.86 11.16 13.02
CA GLU H 253 40.51 10.92 14.43
C GLU H 253 39.02 11.20 14.66
N PRO H 254 38.49 10.85 15.85
CA PRO H 254 37.07 11.11 16.10
C PRO H 254 36.71 12.56 15.91
N VAL H 255 35.45 12.82 15.60
CA VAL H 255 35.01 14.19 15.42
C VAL H 255 33.83 14.47 16.34
N LEU H 256 33.89 15.60 17.02
CA LEU H 256 32.79 15.93 17.92
C LEU H 256 31.53 16.17 17.10
N LYS H 257 30.45 15.51 17.48
CA LYS H 257 29.17 15.67 16.79
C LYS H 257 28.78 17.12 16.82
N ARG H 258 28.57 17.71 15.63
CA ARG H 258 28.20 19.10 15.54
C ARG H 258 26.72 19.20 15.83
N VAL H 259 26.30 20.31 16.38
CA VAL H 259 24.88 20.51 16.67
C VAL H 259 24.23 20.88 15.36
N ASN H 260 23.09 20.28 15.03
CA ASN H 260 22.47 20.62 13.78
C ASN H 260 20.99 21.00 13.82
N ARG H 261 20.51 21.49 14.96
CA ARG H 261 19.13 21.97 15.08
C ARG H 261 18.92 22.76 16.36
N THR H 262 18.18 23.86 16.22
CA THR H 262 17.88 24.78 17.31
C THR H 262 17.57 24.24 18.68
N GLY H 263 16.98 23.05 18.75
CA GLY H 263 16.67 22.53 20.06
C GLY H 263 17.84 22.74 21.01
N ASN H 264 17.71 22.28 22.25
CA ASN H 264 18.82 22.42 23.17
C ASN H 264 19.12 21.10 23.83
N SER H 265 18.53 20.06 23.24
CA SER H 265 18.69 18.69 23.69
C SER H 265 20.17 18.35 23.86
N SER H 266 20.57 18.19 25.12
CA SER H 266 21.94 17.85 25.47
C SER H 266 21.97 16.43 26.02
N SER H 267 20.83 15.77 25.89
CA SER H 267 20.65 14.40 26.35
C SER H 267 20.96 13.46 25.19
N ASN H 268 21.27 12.20 25.50
CA ASN H 268 21.59 11.21 24.46
C ASN H 268 22.61 11.76 23.46
N LYS H 269 22.12 12.19 22.29
CA LYS H 269 22.95 12.75 21.22
C LYS H 269 24.39 12.24 21.23
N GLN H 270 24.72 11.36 20.28
CA GLN H 270 26.07 10.82 20.18
C GLN H 270 27.08 11.92 20.41
N GLU H 271 28.23 11.62 21.00
CA GLU H 271 29.18 12.70 21.22
C GLU H 271 30.19 12.87 20.10
N TYR H 272 30.23 11.90 19.19
CA TYR H 272 31.15 11.96 18.05
C TYR H 272 30.43 11.69 16.74
N GLN H 273 31.14 11.97 15.65
CA GLN H 273 30.67 11.70 14.30
C GLN H 273 31.90 11.16 13.58
N LEU H 274 31.70 10.30 12.59
CA LEU H 274 32.80 9.69 11.86
C LEU H 274 33.69 10.62 11.04
N LEU H 275 33.09 11.46 10.19
CA LEU H 275 33.88 12.35 9.36
C LEU H 275 33.60 13.81 9.66
N LYS H 276 34.42 14.71 9.10
CA LYS H 276 34.23 16.14 9.30
C LYS H 276 33.27 16.66 8.26
N ASP H 277 32.34 17.50 8.71
CA ASP H 277 31.35 18.07 7.83
C ASP H 277 31.93 18.67 6.58
N ASN H 278 33.07 19.33 6.68
CA ASN H 278 33.64 19.91 5.48
C ASN H 278 34.40 19.00 4.54
N LEU H 279 34.55 17.74 4.93
CA LEU H 279 35.27 16.81 4.08
C LEU H 279 34.70 16.86 2.67
N VAL H 280 33.36 16.93 2.59
CA VAL H 280 32.68 16.95 1.30
C VAL H 280 33.15 18.01 0.30
N ARG H 281 33.44 19.22 0.75
CA ARG H 281 33.89 20.28 -0.16
C ARG H 281 35.18 19.86 -0.84
N SER H 282 36.19 19.57 -0.01
CA SER H 282 37.51 19.16 -0.49
C SER H 282 37.39 17.92 -1.32
N TYR H 283 36.53 17.00 -0.88
CA TYR H 283 36.34 15.77 -1.63
C TYR H 283 35.79 16.09 -3.01
N ASN H 284 34.67 16.82 -3.05
CA ASN H 284 34.07 17.18 -4.33
C ASN H 284 35.08 17.92 -5.17
N LYS H 285 35.67 18.96 -4.59
CA LYS H 285 36.65 19.73 -5.32
C LYS H 285 37.73 18.83 -5.98
N ALA H 286 38.23 17.85 -5.22
CA ALA H 286 39.24 16.93 -5.72
C ALA H 286 38.68 16.10 -6.84
N LEU H 287 37.63 15.36 -6.54
CA LEU H 287 36.98 14.52 -7.53
C LEU H 287 36.74 15.32 -8.81
N LYS H 288 36.45 16.61 -8.66
CA LYS H 288 36.19 17.52 -9.76
C LYS H 288 37.44 17.71 -10.60
N LYS H 289 38.56 18.02 -9.96
CA LYS H 289 39.79 18.24 -10.67
C LYS H 289 40.41 16.98 -11.27
N ASN H 290 40.53 15.94 -10.47
CA ASN H 290 41.11 14.70 -10.97
C ASN H 290 40.24 14.13 -12.06
N ALA H 291 39.00 14.59 -12.13
CA ALA H 291 38.02 14.14 -13.12
C ALA H 291 38.39 12.83 -13.84
N PRO H 292 38.47 11.72 -13.09
CA PRO H 292 38.81 10.44 -13.71
C PRO H 292 37.84 10.02 -14.81
N TYR H 293 36.76 10.78 -14.95
CA TYR H 293 35.74 10.54 -15.98
C TYR H 293 35.06 11.84 -16.38
N PRO H 294 34.58 11.90 -17.62
CA PRO H 294 33.90 13.08 -18.14
C PRO H 294 32.82 13.61 -17.18
N ILE H 295 31.88 12.74 -16.81
CA ILE H 295 30.81 13.07 -15.90
C ILE H 295 31.22 14.08 -14.82
N PHE H 296 32.32 13.81 -14.13
CA PHE H 296 32.79 14.68 -13.05
C PHE H 296 33.15 16.08 -13.47
N ALA H 297 33.11 16.35 -14.77
CA ALA H 297 33.44 17.69 -15.25
C ALA H 297 32.21 18.59 -15.23
N ILE H 298 31.05 18.00 -15.52
CA ILE H 298 29.78 18.70 -15.53
C ILE H 298 29.47 19.42 -14.23
N LYS H 299 29.27 20.72 -14.30
CA LYS H 299 28.97 21.49 -13.10
C LYS H 299 27.65 21.03 -12.51
N ASN H 300 27.60 20.96 -11.18
CA ASN H 300 26.41 20.51 -10.45
C ASN H 300 26.06 19.06 -10.71
N GLY H 301 26.92 18.35 -11.41
CA GLY H 301 26.70 16.93 -11.67
C GLY H 301 27.06 16.19 -10.39
N PRO H 302 26.68 14.93 -10.26
CA PRO H 302 27.03 14.21 -9.03
C PRO H 302 28.53 14.22 -8.75
N LYS H 303 28.91 14.27 -7.48
CA LYS H 303 30.30 14.24 -7.05
C LYS H 303 30.34 13.20 -5.94
N SER H 304 30.25 13.61 -4.67
CA SER H 304 30.25 12.62 -3.59
C SER H 304 29.06 11.67 -3.75
N HIS H 305 28.04 12.14 -4.44
CA HIS H 305 26.85 11.35 -4.68
C HIS H 305 27.08 10.24 -5.71
N ILE H 306 28.12 10.35 -6.53
CA ILE H 306 28.40 9.31 -7.53
C ILE H 306 28.31 7.88 -6.97
N GLY H 307 28.87 7.70 -5.78
CA GLY H 307 28.85 6.39 -5.14
C GLY H 307 27.46 5.79 -5.10
N ARG H 308 26.50 6.63 -4.71
CA ARG H 308 25.09 6.23 -4.58
C ARG H 308 24.44 5.89 -5.92
N HIS H 309 24.83 6.57 -6.98
CA HIS H 309 24.26 6.25 -8.27
C HIS H 309 24.83 4.93 -8.76
N LEU H 310 26.14 4.76 -8.56
CA LEU H 310 26.78 3.54 -9.01
C LEU H 310 26.10 2.29 -8.45
N MET H 311 25.93 2.24 -7.13
CA MET H 311 25.33 1.07 -6.51
C MET H 311 23.89 0.87 -6.91
N THR H 312 23.17 1.98 -7.05
CA THR H 312 21.77 1.92 -7.49
C THR H 312 21.76 1.26 -8.86
N SER H 313 22.69 1.67 -9.71
CA SER H 313 22.80 1.12 -11.05
C SER H 313 23.28 -0.32 -10.98
N PHE H 314 24.25 -0.58 -10.11
CA PHE H 314 24.77 -1.92 -9.99
C PHE H 314 23.61 -2.86 -9.72
N LEU H 315 22.86 -2.55 -8.67
CA LEU H 315 21.71 -3.36 -8.27
C LEU H 315 20.69 -3.57 -9.39
N SER H 316 20.39 -2.50 -10.10
CA SER H 316 19.45 -2.56 -11.20
C SER H 316 20.00 -3.49 -12.29
N MET H 317 21.17 -3.13 -12.81
CA MET H 317 21.81 -3.90 -13.86
C MET H 317 21.93 -5.36 -13.52
N LYS H 318 22.22 -5.66 -12.25
CA LYS H 318 22.36 -7.05 -11.80
C LYS H 318 21.03 -7.75 -11.58
N GLY H 319 19.94 -7.00 -11.59
CA GLY H 319 18.63 -7.60 -11.41
C GLY H 319 18.28 -7.86 -9.96
N LEU H 320 18.50 -6.86 -9.11
CA LEU H 320 18.21 -6.98 -7.69
C LEU H 320 17.60 -5.68 -7.17
N THR H 321 16.72 -5.10 -7.97
CA THR H 321 16.11 -3.84 -7.58
C THR H 321 15.37 -3.95 -6.25
N GLU H 322 14.92 -5.16 -5.91
CA GLU H 322 14.21 -5.36 -4.67
C GLU H 322 15.05 -4.87 -3.48
N LEU H 323 16.36 -4.89 -3.63
CA LEU H 323 17.23 -4.46 -2.54
C LEU H 323 17.46 -2.95 -2.51
N THR H 324 17.38 -2.34 -3.68
CA THR H 324 17.61 -0.92 -3.78
C THR H 324 17.03 -0.08 -2.67
N ASN H 325 15.72 -0.15 -2.48
CA ASN H 325 15.06 0.65 -1.45
C ASN H 325 15.69 0.52 -0.06
N VAL H 326 16.02 -0.70 0.31
CA VAL H 326 16.61 -0.98 1.61
C VAL H 326 18.05 -0.51 1.67
N VAL H 327 18.85 -0.91 0.70
CA VAL H 327 20.25 -0.54 0.68
C VAL H 327 20.43 0.96 0.63
N GLY H 328 19.69 1.58 -0.28
CA GLY H 328 19.79 3.02 -0.40
C GLY H 328 18.98 3.73 0.65
N ASN H 329 18.15 2.98 1.38
CA ASN H 329 17.27 3.57 2.39
C ASN H 329 16.32 4.61 1.77
N TRP H 330 15.29 4.14 1.10
CA TRP H 330 14.27 5.00 0.51
C TRP H 330 13.00 4.53 1.20
N SER H 331 11.93 5.32 1.14
CA SER H 331 10.68 4.95 1.76
C SER H 331 9.90 4.03 0.84
N ASP H 332 9.13 3.11 1.41
CA ASP H 332 8.30 2.18 0.63
C ASP H 332 6.81 2.54 0.71
N TYR H 343 8.63 -2.49 20.31
CA TYR H 343 9.17 -1.26 20.89
C TYR H 343 10.55 -0.96 20.31
N THR H 344 10.92 -1.75 19.31
CA THR H 344 12.17 -1.64 18.59
C THR H 344 12.53 -0.23 18.12
N HIS H 345 13.79 0.17 18.32
CA HIS H 345 14.26 1.44 17.80
C HIS H 345 14.29 1.00 16.34
N GLN H 346 13.19 1.26 15.64
CA GLN H 346 13.06 0.82 14.27
C GLN H 346 14.17 1.23 13.30
N ILE H 347 14.77 0.21 12.68
CA ILE H 347 15.81 0.36 11.67
C ILE H 347 15.75 -0.94 10.89
N THR H 348 15.89 -0.86 9.56
CA THR H 348 15.92 -2.08 8.76
C THR H 348 17.30 -2.13 8.12
N ALA H 349 17.89 -3.32 8.19
CA ALA H 349 19.22 -3.53 7.66
C ALA H 349 19.10 -4.09 6.27
N ILE H 350 20.21 -4.66 5.83
CA ILE H 350 20.28 -5.23 4.51
C ILE H 350 20.29 -6.75 4.58
N PRO H 351 19.65 -7.42 3.63
CA PRO H 351 19.61 -8.88 3.61
C PRO H 351 21.04 -9.43 3.61
N ASP H 352 21.20 -10.65 4.11
CA ASP H 352 22.49 -11.30 4.17
C ASP H 352 23.24 -11.36 2.86
N HIS H 353 22.58 -11.88 1.83
CA HIS H 353 23.23 -12.04 0.53
C HIS H 353 23.70 -10.77 -0.14
N TYR H 354 23.21 -9.63 0.29
CA TYR H 354 23.65 -8.39 -0.32
C TYR H 354 25.16 -8.30 -0.23
N PHE H 355 25.67 -8.48 0.99
CA PHE H 355 27.10 -8.40 1.21
C PHE H 355 27.80 -9.50 0.49
N ALA H 356 27.21 -10.68 0.50
CA ALA H 356 27.82 -11.79 -0.20
C ALA H 356 28.25 -11.31 -1.60
N LEU H 357 27.32 -10.68 -2.32
CA LEU H 357 27.58 -10.21 -3.66
C LEU H 357 28.59 -9.10 -3.74
N VAL H 358 28.38 -8.06 -2.96
CA VAL H 358 29.29 -6.92 -3.03
C VAL H 358 30.71 -7.26 -2.58
N SER H 359 30.85 -8.30 -1.78
CA SER H 359 32.16 -8.72 -1.28
C SER H 359 32.92 -9.37 -2.40
N ARG H 360 32.18 -9.91 -3.37
CA ARG H 360 32.76 -10.55 -4.54
C ARG H 360 33.26 -11.96 -4.34
N TYR H 361 33.04 -12.51 -3.15
CA TYR H 361 33.47 -13.88 -2.90
C TYR H 361 32.37 -14.79 -3.44
N TYR H 362 31.27 -14.18 -3.86
CA TYR H 362 30.14 -14.94 -4.38
C TYR H 362 29.57 -14.29 -5.60
N ALA H 363 28.83 -15.09 -6.35
CA ALA H 363 28.18 -14.64 -7.57
C ALA H 363 26.68 -14.92 -7.47
N TYR H 364 25.88 -14.02 -8.04
CA TYR H 364 24.43 -14.16 -8.02
C TYR H 364 23.90 -14.90 -9.25
N ASP H 365 23.03 -15.87 -9.00
CA ASP H 365 22.43 -16.68 -10.06
C ASP H 365 20.98 -16.28 -10.22
N PRO H 366 20.67 -15.55 -11.31
CA PRO H 366 19.30 -15.07 -11.59
C PRO H 366 18.25 -16.18 -11.66
N ILE H 367 18.65 -17.32 -12.18
CA ILE H 367 17.72 -18.41 -12.31
C ILE H 367 17.32 -19.01 -10.96
N SER H 368 18.30 -19.42 -10.16
CA SER H 368 18.01 -20.02 -8.85
C SER H 368 17.74 -18.96 -7.79
N LYS H 369 18.42 -17.83 -7.92
CA LYS H 369 18.30 -16.72 -7.00
C LYS H 369 19.05 -16.94 -5.70
N GLU H 370 20.14 -17.67 -5.76
CA GLU H 370 20.96 -17.91 -4.59
C GLU H 370 22.33 -17.33 -4.84
N MET H 371 23.10 -17.16 -3.76
CA MET H 371 24.46 -16.64 -3.87
C MET H 371 25.40 -17.82 -3.98
N ILE H 372 26.21 -17.83 -5.05
CA ILE H 372 27.15 -18.92 -5.29
C ILE H 372 28.62 -18.54 -5.06
N ALA H 373 29.28 -19.24 -4.16
CA ALA H 373 30.66 -18.94 -3.86
C ALA H 373 31.48 -19.33 -5.05
N LEU H 374 32.63 -18.68 -5.20
CA LEU H 374 33.53 -18.96 -6.31
C LEU H 374 34.56 -19.97 -5.83
N LYS H 375 34.76 -21.04 -6.59
CA LYS H 375 35.69 -22.12 -6.24
C LYS H 375 37.14 -21.67 -6.01
N ASP H 376 37.32 -20.37 -5.76
CA ASP H 376 38.62 -19.78 -5.49
C ASP H 376 39.00 -20.13 -4.04
N GLU H 377 40.05 -20.93 -3.90
CA GLU H 377 40.55 -21.39 -2.60
C GLU H 377 40.13 -20.58 -1.37
N THR H 378 40.40 -19.27 -1.39
CA THR H 378 40.08 -18.41 -0.26
C THR H 378 38.60 -18.27 0.07
N ASN H 379 38.18 -19.00 1.10
CA ASN H 379 36.80 -18.94 1.56
C ASN H 379 36.81 -18.06 2.79
N PRO H 380 36.22 -16.87 2.69
CA PRO H 380 36.13 -15.84 3.74
C PRO H 380 35.78 -16.34 5.13
N ILE H 381 34.68 -17.10 5.23
CA ILE H 381 34.23 -17.65 6.50
C ILE H 381 35.36 -18.32 7.25
N GLU H 382 36.03 -19.23 6.58
CA GLU H 382 37.13 -19.96 7.19
C GLU H 382 38.17 -19.02 7.74
N GLU H 383 38.55 -18.03 6.96
CA GLU H 383 39.56 -17.09 7.42
C GLU H 383 39.09 -16.31 8.65
N TRP H 384 37.79 -16.16 8.82
CA TRP H 384 37.30 -15.44 9.99
C TRP H 384 37.61 -16.30 11.21
N GLN H 385 37.33 -17.59 11.09
CA GLN H 385 37.57 -18.51 12.19
C GLN H 385 38.96 -18.32 12.78
N HIS H 386 39.97 -18.50 11.94
CA HIS H 386 41.36 -18.33 12.37
C HIS H 386 41.55 -17.04 13.18
N ILE H 387 41.02 -15.94 12.66
CA ILE H 387 41.12 -14.63 13.31
C ILE H 387 40.43 -14.61 14.66
N GLU H 388 39.27 -15.25 14.73
CA GLU H 388 38.47 -15.30 15.95
C GLU H 388 39.11 -16.18 17.00
N GLN H 389 39.92 -17.15 16.55
CA GLN H 389 40.57 -18.09 17.46
C GLN H 389 41.58 -17.44 18.41
N LEU H 390 42.69 -16.90 17.94
CA LEU H 390 43.54 -16.28 18.95
C LEU H 390 43.12 -14.84 19.22
N LYS H 391 42.47 -14.65 20.37
CA LYS H 391 42.04 -13.33 20.81
C LYS H 391 43.05 -13.01 21.92
N GLY H 392 42.64 -12.20 22.90
CA GLY H 392 43.54 -11.84 23.99
C GLY H 392 44.65 -10.90 23.53
N SER H 393 44.93 -10.95 22.23
CA SER H 393 45.95 -10.10 21.62
C SER H 393 45.34 -8.71 21.51
N ALA H 394 45.10 -8.08 22.66
CA ALA H 394 44.52 -6.74 22.70
C ALA H 394 45.45 -5.74 22.02
N GLU H 395 45.98 -6.15 20.88
CA GLU H 395 46.90 -5.36 20.07
C GLU H 395 46.14 -4.39 19.17
N GLY H 396 44.82 -4.53 19.15
CA GLY H 396 44.04 -3.64 18.33
C GLY H 396 44.16 -2.22 18.85
N SER H 397 44.02 -2.06 20.15
CA SER H 397 44.09 -0.75 20.80
C SER H 397 45.44 -0.07 20.58
N ILE H 398 46.39 -0.82 20.05
CA ILE H 398 47.73 -0.30 19.79
C ILE H 398 47.83 0.27 18.40
N ARG H 399 47.18 -0.37 17.43
CA ARG H 399 47.22 0.06 16.04
C ARG H 399 46.35 1.30 15.77
N TYR H 400 45.21 1.37 16.46
CA TYR H 400 44.27 2.47 16.31
C TYR H 400 44.15 3.18 17.65
N PRO H 401 45.19 3.92 18.04
CA PRO H 401 45.20 4.64 19.30
C PRO H 401 44.16 5.76 19.36
N ALA H 402 43.97 6.45 18.24
CA ALA H 402 43.02 7.54 18.19
C ALA H 402 41.59 7.15 18.53
N TRP H 403 41.17 6.00 18.01
CA TRP H 403 39.81 5.51 18.23
C TRP H 403 39.71 4.60 19.44
N ASN H 404 40.82 4.44 20.13
CA ASN H 404 40.89 3.60 21.31
C ASN H 404 39.97 4.20 22.35
N GLY H 405 39.04 3.40 22.85
CA GLY H 405 38.12 3.89 23.85
C GLY H 405 36.81 4.36 23.25
N ILE H 406 36.82 4.59 21.93
CA ILE H 406 35.63 5.04 21.21
C ILE H 406 35.04 3.89 20.43
N ILE H 407 35.83 3.33 19.51
CA ILE H 407 35.38 2.19 18.72
C ILE H 407 35.60 0.92 19.52
N SER H 408 34.55 0.13 19.63
CA SER H 408 34.57 -1.12 20.37
C SER H 408 35.90 -1.86 20.21
N GLN H 409 36.46 -2.33 21.31
CA GLN H 409 37.73 -3.03 21.22
C GLN H 409 37.57 -4.29 20.40
N GLU H 410 36.48 -5.00 20.65
CA GLU H 410 36.18 -6.24 19.94
C GLU H 410 36.37 -6.03 18.43
N VAL H 411 36.00 -4.84 17.97
CA VAL H 411 36.11 -4.46 16.57
C VAL H 411 37.54 -4.12 16.19
N LEU H 412 38.14 -3.23 16.97
CA LEU H 412 39.51 -2.82 16.73
C LEU H 412 40.41 -4.03 16.66
N ASP H 413 40.07 -5.08 17.40
CA ASP H 413 40.87 -6.30 17.38
C ASP H 413 40.66 -7.02 16.08
N TYR H 414 39.40 -7.27 15.75
CA TYR H 414 39.08 -7.95 14.50
C TYR H 414 39.80 -7.30 13.33
N LEU H 415 39.66 -5.99 13.20
CA LEU H 415 40.31 -5.29 12.10
C LEU H 415 41.80 -5.45 12.20
N SER H 416 42.33 -5.12 13.37
CA SER H 416 43.77 -5.24 13.58
C SER H 416 44.26 -6.62 13.12
N SER H 417 43.63 -7.68 13.61
CA SER H 417 44.02 -9.01 13.22
C SER H 417 43.94 -9.15 11.71
N TYR H 418 42.72 -9.10 11.19
CA TYR H 418 42.47 -9.22 9.74
C TYR H 418 43.59 -8.59 8.93
N ILE H 419 43.94 -7.35 9.28
CA ILE H 419 44.99 -6.62 8.60
C ILE H 419 46.31 -7.40 8.62
N ASN H 420 46.91 -7.54 9.81
CA ASN H 420 48.18 -8.28 9.98
C ASN H 420 48.08 -9.67 9.38
N ARG H 421 47.01 -10.35 9.72
CA ARG H 421 46.75 -11.70 9.25
C ARG H 421 46.90 -11.75 7.73
N ARG H 422 46.93 -10.56 7.12
CA ARG H 422 47.04 -10.38 5.67
C ARG H 422 47.98 -9.22 5.31
N SER I 2 3.93 15.26 -43.78
CA SER I 2 2.62 15.37 -43.09
C SER I 2 2.56 16.64 -42.24
N GLN I 3 1.34 17.03 -41.87
CA GLN I 3 1.14 18.22 -41.05
C GLN I 3 2.18 18.35 -39.96
N PHE I 4 2.38 17.28 -39.20
CA PHE I 4 3.34 17.31 -38.11
C PHE I 4 4.74 17.69 -38.58
N ASP I 5 5.20 17.05 -39.66
CA ASP I 5 6.53 17.35 -40.19
C ASP I 5 6.65 18.82 -40.51
N ILE I 6 5.57 19.37 -41.05
CA ILE I 6 5.52 20.76 -41.43
C ILE I 6 5.61 21.65 -40.21
N LEU I 7 4.89 21.27 -39.16
CA LEU I 7 4.91 22.04 -37.93
C LEU I 7 6.36 22.14 -37.50
N CYS I 8 7.03 20.99 -37.49
CA CYS I 8 8.44 20.92 -37.09
C CYS I 8 9.36 21.76 -37.95
N LYS I 9 8.92 22.08 -39.16
CA LYS I 9 9.73 22.86 -40.08
C LYS I 9 9.47 24.36 -39.94
N THR I 10 8.33 24.71 -39.35
CA THR I 10 7.97 26.12 -39.17
C THR I 10 8.58 26.73 -37.91
N PRO I 11 9.15 27.94 -38.04
CA PRO I 11 9.76 28.65 -36.91
C PRO I 11 8.71 29.15 -35.93
N PRO I 12 8.95 28.97 -34.62
CA PRO I 12 8.03 29.40 -33.58
C PRO I 12 7.32 30.72 -33.87
N LYS I 13 8.09 31.80 -34.00
CA LYS I 13 7.51 33.11 -34.27
C LYS I 13 6.62 33.07 -35.51
N VAL I 14 7.03 32.30 -36.53
CA VAL I 14 6.24 32.18 -37.75
C VAL I 14 4.88 31.56 -37.45
N LEU I 15 4.87 30.50 -36.64
CA LEU I 15 3.63 29.85 -36.26
C LEU I 15 2.70 30.85 -35.60
N VAL I 16 3.16 31.45 -34.50
CA VAL I 16 2.37 32.46 -33.80
C VAL I 16 1.92 33.53 -34.78
N ARG I 17 2.83 33.91 -35.68
CA ARG I 17 2.54 34.91 -36.69
C ARG I 17 1.30 34.44 -37.42
N GLN I 18 1.45 33.36 -38.18
CA GLN I 18 0.37 32.78 -38.97
C GLN I 18 -0.94 32.61 -38.21
N PHE I 19 -0.85 32.28 -36.93
CA PHE I 19 -2.06 32.10 -36.12
C PHE I 19 -2.82 33.40 -35.93
N VAL I 20 -2.08 34.50 -35.78
CA VAL I 20 -2.71 35.80 -35.59
C VAL I 20 -3.34 36.32 -36.88
N GLU I 21 -2.61 36.23 -37.98
CA GLU I 21 -3.11 36.69 -39.29
C GLU I 21 -4.51 36.15 -39.55
N ARG I 22 -4.76 34.93 -39.10
CA ARG I 22 -6.06 34.28 -39.28
C ARG I 22 -7.19 35.09 -38.69
N PHE I 23 -6.88 35.84 -37.63
CA PHE I 23 -7.89 36.66 -36.97
C PHE I 23 -7.93 38.13 -37.36
N GLU I 24 -7.07 38.55 -38.27
CA GLU I 24 -7.08 39.95 -38.68
C GLU I 24 -8.19 40.20 -39.69
N ARG I 25 -8.23 39.40 -40.75
CA ARG I 25 -9.28 39.52 -41.74
C ARG I 25 -10.21 38.33 -41.51
N PRO I 26 -10.91 38.29 -40.35
CA PRO I 26 -11.83 37.22 -39.96
C PRO I 26 -12.49 36.48 -41.13
N SER I 27 -11.94 35.31 -41.46
CA SER I 27 -12.42 34.48 -42.56
C SER I 27 -12.66 33.03 -42.13
N GLY I 28 -13.82 32.48 -42.47
CA GLY I 28 -14.11 31.11 -42.11
C GLY I 28 -12.97 30.23 -42.59
N GLU I 29 -12.50 30.49 -43.81
CA GLU I 29 -11.42 29.72 -44.39
C GLU I 29 -10.21 29.74 -43.49
N LYS I 30 -9.85 30.94 -43.02
CA LYS I 30 -8.69 31.12 -42.17
C LYS I 30 -8.81 30.59 -40.75
N ILE I 31 -9.89 30.93 -40.05
CA ILE I 31 -10.07 30.47 -38.68
C ILE I 31 -10.23 28.96 -38.58
N ALA I 32 -10.85 28.35 -39.59
CA ALA I 32 -11.07 26.91 -39.59
C ALA I 32 -9.80 26.05 -39.61
N SER I 33 -8.67 26.63 -40.01
CA SER I 33 -7.42 25.88 -40.09
C SER I 33 -6.45 26.10 -38.93
N CYS I 34 -6.76 27.03 -38.03
CA CYS I 34 -5.89 27.31 -36.89
C CYS I 34 -5.57 26.05 -36.09
N ALA I 35 -6.41 25.02 -36.27
CA ALA I 35 -6.28 23.74 -35.59
C ALA I 35 -4.86 23.31 -35.22
N ALA I 36 -4.04 23.02 -36.23
CA ALA I 36 -2.67 22.58 -35.98
C ALA I 36 -1.92 23.58 -35.10
N GLU I 37 -1.99 24.85 -35.47
CA GLU I 37 -1.31 25.90 -34.72
C GLU I 37 -1.85 25.99 -33.31
N LEU I 38 -3.17 25.96 -33.19
CA LEU I 38 -3.86 26.05 -31.91
C LEU I 38 -3.38 24.93 -30.98
N THR I 39 -3.10 23.76 -31.57
CA THR I 39 -2.61 22.61 -30.83
C THR I 39 -1.25 22.95 -30.25
N TYR I 40 -0.33 23.30 -31.15
CA TYR I 40 1.03 23.68 -30.77
C TYR I 40 1.01 24.69 -29.64
N LEU I 41 0.22 25.74 -29.82
CA LEU I 41 0.11 26.79 -28.82
C LEU I 41 -0.37 26.25 -27.48
N CYS I 42 -1.54 25.63 -27.47
CA CYS I 42 -2.07 25.10 -26.21
C CYS I 42 -1.07 24.24 -25.49
N TRP I 43 -0.26 23.49 -26.24
CA TRP I 43 0.73 22.63 -25.62
C TRP I 43 1.84 23.45 -25.04
N MET I 44 2.48 24.25 -25.89
CA MET I 44 3.57 25.10 -25.46
C MET I 44 3.20 25.87 -24.20
N ILE I 45 1.95 26.32 -24.12
CA ILE I 45 1.51 27.07 -22.95
C ILE I 45 1.52 26.18 -21.72
N THR I 46 0.64 25.18 -21.70
CA THR I 46 0.54 24.27 -20.57
C THR I 46 1.82 23.52 -20.20
N HIS I 47 2.81 23.52 -21.09
CA HIS I 47 4.06 22.82 -20.79
C HIS I 47 5.29 23.71 -20.80
N ASN I 48 5.06 24.99 -21.04
CA ASN I 48 6.14 25.95 -21.04
C ASN I 48 7.33 25.59 -21.94
N GLY I 49 7.15 25.71 -23.26
CA GLY I 49 8.23 25.43 -24.19
C GLY I 49 8.67 23.98 -24.40
N THR I 50 8.21 23.07 -23.53
CA THR I 50 8.58 21.67 -23.66
C THR I 50 8.11 21.18 -25.02
N ALA I 51 8.97 20.49 -25.75
CA ALA I 51 8.62 19.97 -27.06
C ALA I 51 7.42 19.00 -26.98
N ILE I 52 6.77 18.82 -28.12
CA ILE I 52 5.61 17.92 -28.19
C ILE I 52 5.90 16.77 -29.15
N LYS I 53 5.50 15.57 -28.74
CA LYS I 53 5.74 14.39 -29.56
C LYS I 53 4.74 14.28 -30.70
N ARG I 54 5.17 13.65 -31.79
CA ARG I 54 4.33 13.45 -32.97
C ARG I 54 2.95 12.89 -32.65
N ALA I 55 2.92 11.66 -32.14
CA ALA I 55 1.66 11.01 -31.81
C ALA I 55 0.73 11.91 -31.02
N THR I 56 1.27 12.53 -29.97
CA THR I 56 0.46 13.40 -29.13
C THR I 56 -0.08 14.57 -29.94
N PHE I 57 0.77 15.21 -30.72
CA PHE I 57 0.30 16.32 -31.54
C PHE I 57 -0.82 15.81 -32.44
N MET I 58 -0.58 14.66 -33.05
CA MET I 58 -1.54 14.05 -33.93
C MET I 58 -2.89 13.86 -33.24
N SER I 59 -2.89 13.23 -32.07
CA SER I 59 -4.13 12.99 -31.35
C SER I 59 -4.89 14.27 -31.03
N TYR I 60 -4.16 15.20 -30.43
CA TYR I 60 -4.73 16.48 -30.04
C TYR I 60 -5.20 17.27 -31.24
N ASN I 61 -4.40 17.29 -32.30
CA ASN I 61 -4.80 18.02 -33.49
C ASN I 61 -6.18 17.57 -33.92
N THR I 62 -6.38 16.25 -33.92
CA THR I 62 -7.66 15.67 -34.31
C THR I 62 -8.74 16.18 -33.36
N ILE I 63 -8.51 16.02 -32.07
CA ILE I 63 -9.47 16.44 -31.05
C ILE I 63 -9.90 17.89 -31.25
N ILE I 64 -8.94 18.79 -31.42
CA ILE I 64 -9.27 20.18 -31.64
C ILE I 64 -10.08 20.28 -32.93
N SER I 65 -9.46 19.87 -34.02
CA SER I 65 -10.08 19.92 -35.35
C SER I 65 -11.56 19.46 -35.34
N ASN I 66 -11.85 18.38 -34.63
CA ASN I 66 -13.23 17.87 -34.55
C ASN I 66 -14.15 18.77 -33.75
N SER I 67 -13.62 19.38 -32.69
CA SER I 67 -14.42 20.23 -31.83
C SER I 67 -14.41 21.73 -32.15
N LEU I 68 -13.43 22.20 -32.89
CA LEU I 68 -13.35 23.62 -33.22
C LEU I 68 -14.68 24.17 -33.75
N SER I 69 -15.04 25.36 -33.27
CA SER I 69 -16.25 26.07 -33.68
C SER I 69 -16.01 27.54 -33.38
N PHE I 70 -16.72 28.43 -34.04
CA PHE I 70 -16.51 29.85 -33.81
C PHE I 70 -17.53 30.80 -34.40
N ASP I 71 -17.58 31.99 -33.83
CA ASP I 71 -18.49 33.05 -34.28
C ASP I 71 -17.64 34.24 -34.70
N ILE I 72 -17.58 34.49 -36.00
CA ILE I 72 -16.78 35.61 -36.49
C ILE I 72 -17.36 36.95 -36.06
N VAL I 73 -18.69 37.01 -35.94
CA VAL I 73 -19.36 38.23 -35.54
C VAL I 73 -19.08 38.67 -34.10
N ASN I 74 -19.20 37.73 -33.16
CA ASN I 74 -18.97 38.04 -31.75
C ASN I 74 -17.54 37.74 -31.33
N LYS I 75 -16.73 37.35 -32.31
CA LYS I 75 -15.34 37.02 -32.07
C LYS I 75 -15.19 36.08 -30.88
N SER I 76 -15.80 34.90 -31.01
CA SER I 76 -15.78 33.87 -29.98
C SER I 76 -15.45 32.52 -30.60
N LEU I 77 -14.46 31.86 -30.03
CA LEU I 77 -14.02 30.57 -30.54
C LEU I 77 -13.77 29.58 -29.42
N GLN I 78 -14.24 28.34 -29.61
CA GLN I 78 -14.05 27.32 -28.61
C GLN I 78 -13.63 26.00 -29.23
N PHE I 79 -13.07 25.13 -28.40
CA PHE I 79 -12.62 23.81 -28.83
C PHE I 79 -12.27 22.97 -27.61
N LYS I 80 -12.19 21.66 -27.81
CA LYS I 80 -11.86 20.73 -26.74
C LYS I 80 -10.37 20.47 -26.65
N TYR I 81 -9.90 20.20 -25.45
CA TYR I 81 -8.48 19.94 -25.26
C TYR I 81 -8.29 19.15 -23.97
N LYS I 82 -7.30 18.26 -23.93
CA LYS I 82 -7.06 17.46 -22.75
C LYS I 82 -6.43 18.30 -21.64
N THR I 83 -7.26 19.05 -20.93
CA THR I 83 -6.75 19.89 -19.85
C THR I 83 -7.79 20.10 -18.77
N GLN I 84 -7.34 20.60 -17.61
CA GLN I 84 -8.23 20.86 -16.50
C GLN I 84 -8.11 22.28 -15.97
N LYS I 85 -7.12 23.00 -16.49
CA LYS I 85 -6.89 24.38 -16.09
C LYS I 85 -7.22 25.23 -17.32
N ALA I 86 -8.43 25.03 -17.83
CA ALA I 86 -8.92 25.72 -19.01
C ALA I 86 -8.69 27.23 -18.96
N THR I 87 -9.16 27.84 -17.88
CA THR I 87 -9.03 29.29 -17.72
C THR I 87 -7.64 29.83 -18.04
N ILE I 88 -6.62 29.29 -17.36
CA ILE I 88 -5.25 29.72 -17.57
C ILE I 88 -4.92 29.76 -19.06
N LEU I 89 -5.36 28.73 -19.77
CA LEU I 89 -5.11 28.59 -21.19
C LEU I 89 -5.88 29.65 -21.99
N GLU I 90 -7.15 29.83 -21.64
CA GLU I 90 -8.00 30.81 -22.31
C GLU I 90 -7.38 32.19 -22.21
N ALA I 91 -6.93 32.53 -21.00
CA ALA I 91 -6.31 33.82 -20.76
C ALA I 91 -5.14 34.02 -21.72
N SER I 92 -4.24 33.04 -21.73
CA SER I 92 -3.06 33.06 -22.59
C SER I 92 -3.45 33.31 -24.03
N LEU I 93 -4.33 32.46 -24.57
CA LEU I 93 -4.77 32.63 -25.94
C LEU I 93 -5.25 34.04 -26.21
N LYS I 94 -6.02 34.61 -25.28
CA LYS I 94 -6.54 35.96 -25.45
C LYS I 94 -5.45 37.02 -25.56
N LYS I 95 -4.45 36.96 -24.68
CA LYS I 95 -3.38 37.94 -24.73
C LYS I 95 -2.81 38.00 -26.15
N LEU I 96 -2.87 36.88 -26.85
CA LEU I 96 -2.36 36.81 -28.21
C LEU I 96 -3.33 37.43 -29.21
N ILE I 97 -4.61 37.40 -28.87
CA ILE I 97 -5.68 37.95 -29.70
C ILE I 97 -6.76 38.49 -28.77
N PRO I 98 -6.51 39.65 -28.14
CA PRO I 98 -7.40 40.35 -27.20
C PRO I 98 -8.82 40.57 -27.70
N ALA I 99 -8.93 40.84 -28.99
CA ALA I 99 -10.21 41.08 -29.64
C ALA I 99 -11.15 39.88 -29.56
N TRP I 100 -10.60 38.71 -29.24
CA TRP I 100 -11.42 37.52 -29.17
C TRP I 100 -11.67 36.93 -27.78
N GLU I 101 -12.66 36.04 -27.74
CA GLU I 101 -13.08 35.35 -26.53
C GLU I 101 -12.87 33.86 -26.77
N PHE I 102 -12.10 33.22 -25.90
CA PHE I 102 -11.85 31.78 -26.04
C PHE I 102 -12.53 30.97 -24.95
N THR I 103 -12.80 29.70 -25.26
CA THR I 103 -13.45 28.82 -24.31
C THR I 103 -12.99 27.40 -24.48
N ILE I 104 -11.99 27.00 -23.69
CA ILE I 104 -11.47 25.65 -23.78
C ILE I 104 -12.37 24.70 -23.01
N ILE I 105 -12.87 23.69 -23.71
CA ILE I 105 -13.74 22.72 -23.09
C ILE I 105 -13.00 21.42 -22.80
N PRO I 106 -13.01 20.98 -21.53
CA PRO I 106 -12.33 19.76 -21.14
C PRO I 106 -12.75 18.56 -21.98
N TYR I 107 -11.77 17.84 -22.51
CA TYR I 107 -12.00 16.68 -23.35
C TYR I 107 -12.73 15.52 -22.67
N ASN I 108 -11.97 14.71 -21.94
CA ASN I 108 -12.51 13.56 -21.24
C ASN I 108 -13.72 12.93 -21.95
N SER I 114 -23.84 18.51 -17.58
CA SER I 114 -24.21 18.48 -19.00
C SER I 114 -25.63 19.00 -19.22
N ASP I 115 -26.26 18.53 -20.30
CA ASP I 115 -27.63 18.93 -20.65
C ASP I 115 -28.52 17.71 -20.90
N ILE I 116 -29.62 17.64 -20.17
CA ILE I 116 -30.55 16.52 -20.27
C ILE I 116 -30.90 16.11 -21.70
N THR I 117 -31.59 17.00 -22.41
CA THR I 117 -32.00 16.74 -23.78
C THR I 117 -30.89 16.09 -24.60
N ASP I 118 -29.64 16.45 -24.33
CA ASP I 118 -28.51 15.87 -25.05
C ASP I 118 -28.36 14.45 -24.55
N ILE I 119 -28.21 14.35 -23.24
CA ILE I 119 -28.05 13.06 -22.57
C ILE I 119 -29.12 12.11 -23.07
N VAL I 120 -30.37 12.57 -22.99
CA VAL I 120 -31.50 11.76 -23.43
C VAL I 120 -31.32 11.27 -24.86
N SER I 121 -31.34 12.19 -25.82
CA SER I 121 -31.16 11.83 -27.23
C SER I 121 -30.03 10.82 -27.38
N SER I 122 -28.94 11.09 -26.70
CA SER I 122 -27.79 10.22 -26.72
C SER I 122 -28.22 8.82 -26.32
N LEU I 123 -28.98 8.75 -25.23
CA LEU I 123 -29.50 7.48 -24.72
C LEU I 123 -30.49 6.90 -25.72
N GLN I 124 -31.41 7.74 -26.18
CA GLN I 124 -32.43 7.35 -27.14
C GLN I 124 -31.75 6.75 -28.37
N LEU I 125 -30.51 7.17 -28.60
CA LEU I 125 -29.72 6.69 -29.72
C LEU I 125 -29.17 5.30 -29.41
N GLN I 126 -28.51 5.18 -28.27
CA GLN I 126 -27.93 3.92 -27.83
C GLN I 126 -29.01 2.86 -27.73
N PHE I 127 -30.17 3.27 -27.23
CA PHE I 127 -31.34 2.40 -27.05
C PHE I 127 -31.70 1.62 -28.30
N GLU I 128 -31.36 2.18 -29.46
CA GLU I 128 -31.67 1.57 -30.74
C GLU I 128 -30.62 0.63 -31.33
N SER I 129 -29.34 0.87 -31.04
CA SER I 129 -28.31 -0.01 -31.59
C SER I 129 -28.36 -1.41 -30.97
N ASN I 137 -13.56 -5.46 -26.79
CA ASN I 137 -12.41 -5.60 -25.90
C ASN I 137 -12.45 -6.92 -25.12
N SER I 138 -13.56 -7.15 -24.43
CA SER I 138 -13.76 -8.36 -23.64
C SER I 138 -13.62 -9.59 -24.51
N HIS I 139 -14.15 -9.48 -25.72
CA HIS I 139 -14.14 -10.56 -26.69
C HIS I 139 -12.73 -11.02 -27.06
N SER I 140 -11.88 -10.07 -27.43
CA SER I 140 -10.51 -10.38 -27.82
C SER I 140 -9.75 -11.12 -26.73
N LYS I 141 -9.93 -10.68 -25.48
CA LYS I 141 -9.25 -11.30 -24.35
C LYS I 141 -9.67 -12.75 -24.19
N LYS I 142 -10.95 -13.03 -24.40
CA LYS I 142 -11.45 -14.39 -24.28
C LYS I 142 -10.94 -15.23 -25.45
N MET I 143 -10.88 -14.60 -26.64
CA MET I 143 -10.40 -15.28 -27.85
C MET I 143 -8.94 -15.63 -27.73
N LEU I 144 -8.15 -14.74 -27.15
CA LEU I 144 -6.73 -15.00 -26.96
C LEU I 144 -6.62 -16.19 -26.04
N LYS I 145 -7.42 -16.17 -24.98
CA LYS I 145 -7.43 -17.26 -24.02
C LYS I 145 -7.60 -18.56 -24.80
N ALA I 146 -8.65 -18.62 -25.62
CA ALA I 146 -8.94 -19.80 -26.42
C ALA I 146 -7.68 -20.16 -27.22
N LEU I 147 -7.30 -19.27 -28.10
CA LEU I 147 -6.11 -19.44 -28.93
C LEU I 147 -5.03 -20.20 -28.17
N LEU I 148 -4.74 -19.71 -26.97
CA LEU I 148 -3.72 -20.30 -26.12
C LEU I 148 -4.18 -21.63 -25.51
N SER I 149 -5.23 -21.55 -24.71
CA SER I 149 -5.80 -22.69 -23.99
C SER I 149 -6.35 -23.79 -24.88
N GLU I 150 -5.62 -24.14 -25.94
CA GLU I 150 -6.05 -25.21 -26.84
C GLU I 150 -4.83 -25.94 -27.39
N GLY I 151 -5.10 -27.03 -28.11
CA GLY I 151 -4.06 -27.88 -28.69
C GLY I 151 -2.66 -27.34 -28.97
N GLU I 152 -2.51 -26.60 -30.07
CA GLU I 152 -1.24 -26.03 -30.48
C GLU I 152 -0.50 -25.30 -29.37
N SER I 153 0.84 -25.44 -29.37
CA SER I 153 1.68 -24.76 -28.38
C SER I 153 2.02 -23.38 -28.92
N ILE I 154 2.63 -22.56 -28.07
CA ILE I 154 3.00 -21.22 -28.50
C ILE I 154 3.89 -21.31 -29.74
N TRP I 155 4.93 -22.12 -29.67
CA TRP I 155 5.83 -22.26 -30.80
C TRP I 155 5.09 -22.72 -32.04
N GLU I 156 4.20 -23.71 -31.89
CA GLU I 156 3.44 -24.20 -33.03
C GLU I 156 2.63 -23.06 -33.63
N ILE I 157 2.00 -22.26 -32.78
CA ILE I 157 1.20 -21.12 -33.22
C ILE I 157 2.08 -20.13 -33.97
N THR I 158 3.25 -19.86 -33.40
CA THR I 158 4.21 -18.93 -33.99
C THR I 158 4.56 -19.33 -35.42
N GLU I 159 4.95 -20.59 -35.60
CA GLU I 159 5.32 -21.09 -36.92
C GLU I 159 4.19 -20.91 -37.93
N LYS I 160 2.97 -21.20 -37.48
CA LYS I 160 1.79 -21.10 -38.33
C LYS I 160 1.64 -19.65 -38.80
N ILE I 161 1.51 -18.74 -37.83
CA ILE I 161 1.38 -17.32 -38.15
C ILE I 161 2.49 -16.91 -39.09
N LEU I 162 3.71 -17.28 -38.74
CA LEU I 162 4.87 -16.94 -39.54
C LEU I 162 4.68 -17.41 -40.98
N ASN I 163 4.25 -18.66 -41.13
CA ASN I 163 4.02 -19.26 -42.45
C ASN I 163 2.91 -18.59 -43.24
N SER I 164 1.91 -18.06 -42.56
CA SER I 164 0.77 -17.42 -43.22
C SER I 164 1.19 -16.30 -44.17
N PHE I 165 2.42 -15.84 -44.05
CA PHE I 165 2.93 -14.77 -44.93
C PHE I 165 3.70 -15.36 -46.11
N GLU I 166 4.27 -16.53 -45.86
CA GLU I 166 5.09 -17.23 -46.84
C GLU I 166 4.61 -17.15 -48.29
N TYR I 167 3.31 -17.20 -48.53
CA TYR I 167 2.91 -17.14 -49.91
C TYR I 167 1.97 -16.01 -50.23
N THR I 168 1.22 -15.59 -49.24
CA THR I 168 0.28 -14.51 -49.45
C THR I 168 0.96 -13.20 -49.89
N SER I 169 2.15 -12.93 -49.34
CA SER I 169 2.89 -11.72 -49.67
C SER I 169 3.07 -11.53 -51.17
N ARG I 170 3.03 -10.28 -51.62
CA ARG I 170 3.16 -9.97 -53.03
C ARG I 170 4.58 -9.72 -53.50
N PHE I 171 5.48 -9.44 -52.56
CA PHE I 171 6.89 -9.22 -52.90
C PHE I 171 7.74 -9.99 -51.93
N THR I 172 9.04 -10.00 -52.19
CA THR I 172 9.95 -10.70 -51.29
C THR I 172 10.23 -9.80 -50.11
N LYS I 173 10.47 -8.51 -50.39
CA LYS I 173 10.74 -7.57 -49.32
C LYS I 173 9.65 -7.69 -48.26
N THR I 174 8.40 -7.52 -48.67
CA THR I 174 7.29 -7.61 -47.75
C THR I 174 7.22 -8.94 -47.00
N LYS I 175 7.35 -10.05 -47.72
CA LYS I 175 7.31 -11.35 -47.06
C LYS I 175 8.40 -11.39 -46.00
N THR I 176 9.58 -10.88 -46.38
CA THR I 176 10.72 -10.84 -45.48
C THR I 176 10.40 -9.96 -44.28
N LEU I 177 9.91 -8.75 -44.55
CA LEU I 177 9.59 -7.80 -43.49
C LEU I 177 8.58 -8.37 -42.50
N TYR I 178 7.45 -8.87 -43.01
CA TYR I 178 6.44 -9.42 -42.16
C TYR I 178 6.98 -10.49 -41.24
N GLN I 179 7.61 -11.51 -41.82
CA GLN I 179 8.15 -12.60 -41.02
C GLN I 179 9.21 -12.13 -40.04
N PHE I 180 10.06 -11.21 -40.48
CA PHE I 180 11.11 -10.69 -39.60
C PHE I 180 10.45 -9.99 -38.44
N LEU I 181 9.65 -8.98 -38.74
CA LEU I 181 8.96 -8.24 -37.71
C LEU I 181 8.26 -9.17 -36.74
N PHE I 182 7.36 -10.00 -37.24
CA PHE I 182 6.65 -10.91 -36.34
C PHE I 182 7.59 -11.64 -35.39
N LEU I 183 8.45 -12.50 -35.93
CA LEU I 183 9.38 -13.25 -35.09
C LEU I 183 10.17 -12.32 -34.15
N ALA I 184 10.56 -11.16 -34.67
CA ALA I 184 11.32 -10.20 -33.89
C ALA I 184 10.54 -9.78 -32.66
N THR I 185 9.29 -9.34 -32.87
CA THR I 185 8.44 -8.91 -31.77
C THR I 185 8.20 -10.01 -30.76
N PHE I 186 8.11 -11.25 -31.22
CA PHE I 186 7.87 -12.37 -30.31
C PHE I 186 9.09 -12.66 -29.45
N ILE I 187 10.23 -12.82 -30.09
CA ILE I 187 11.46 -13.09 -29.39
C ILE I 187 11.77 -12.08 -28.30
N ASN I 188 11.53 -10.81 -28.58
CA ASN I 188 11.80 -9.75 -27.63
C ASN I 188 10.61 -9.29 -26.81
N CYS I 189 9.43 -9.81 -27.12
CA CYS I 189 8.24 -9.42 -26.42
C CYS I 189 8.15 -7.89 -26.46
N GLY I 190 8.46 -7.33 -27.62
CA GLY I 190 8.42 -5.88 -27.74
C GLY I 190 7.33 -5.45 -28.69
N ARG I 191 6.99 -4.18 -28.68
CA ARG I 191 5.97 -3.66 -29.57
C ARG I 191 6.57 -3.51 -30.96
N PHE I 192 5.79 -2.92 -31.85
CA PHE I 192 6.26 -2.68 -33.20
C PHE I 192 7.37 -1.66 -33.12
N SER I 193 7.05 -0.57 -32.43
CA SER I 193 7.98 0.56 -32.24
C SER I 193 9.29 0.13 -31.61
N ASP I 194 9.24 -0.90 -30.76
CA ASP I 194 10.44 -1.37 -30.12
C ASP I 194 11.38 -1.92 -31.19
N ILE I 195 10.84 -2.69 -32.14
CA ILE I 195 11.66 -3.23 -33.21
C ILE I 195 11.99 -2.14 -34.21
N LYS I 196 10.98 -1.37 -34.58
CA LYS I 196 11.15 -0.31 -35.57
C LYS I 196 12.14 0.78 -35.22
N ASN I 197 12.18 1.23 -33.96
CA ASN I 197 13.08 2.30 -33.59
C ASN I 197 14.49 1.88 -33.18
N VAL I 198 14.88 0.67 -33.54
CA VAL I 198 16.21 0.19 -33.22
C VAL I 198 17.24 1.00 -33.98
N ASP I 199 18.33 1.37 -33.30
CA ASP I 199 19.40 2.11 -33.96
C ASP I 199 20.30 1.05 -34.61
N PRO I 200 20.19 0.86 -35.93
CA PRO I 200 20.99 -0.14 -36.63
C PRO I 200 22.49 -0.07 -36.31
N LYS I 201 22.99 1.11 -35.99
CA LYS I 201 24.40 1.27 -35.68
C LYS I 201 24.77 0.77 -34.29
N SER I 202 23.83 0.15 -33.58
CA SER I 202 24.12 -0.32 -32.24
C SER I 202 24.19 -1.83 -32.11
N PHE I 203 24.27 -2.54 -33.24
CA PHE I 203 24.33 -4.01 -33.19
C PHE I 203 25.66 -4.46 -32.59
N LYS I 204 25.60 -5.48 -31.73
CA LYS I 204 26.77 -6.02 -31.06
C LYS I 204 26.66 -7.53 -30.88
N LEU I 205 27.78 -8.15 -30.58
CA LEU I 205 27.80 -9.59 -30.29
C LEU I 205 28.01 -9.59 -28.78
N VAL I 206 27.11 -10.23 -28.05
CA VAL I 206 27.23 -10.28 -26.61
C VAL I 206 27.29 -11.72 -26.20
N GLN I 207 28.08 -12.00 -25.18
CA GLN I 207 28.23 -13.37 -24.71
C GLN I 207 27.05 -13.85 -23.87
N ASN I 208 26.79 -15.14 -23.94
CA ASN I 208 25.70 -15.75 -23.21
C ASN I 208 26.16 -17.17 -22.90
N LYS I 209 26.36 -17.46 -21.62
CA LYS I 209 26.86 -18.78 -21.20
C LYS I 209 26.10 -20.00 -21.69
N TYR I 210 25.03 -19.80 -22.46
CA TYR I 210 24.28 -20.94 -22.97
C TYR I 210 24.32 -21.07 -24.49
N LEU I 211 24.32 -19.94 -25.20
CA LEU I 211 24.31 -19.98 -26.64
C LEU I 211 25.59 -19.49 -27.30
N GLY I 212 26.60 -19.17 -26.50
CA GLY I 212 27.84 -18.66 -27.05
C GLY I 212 27.71 -17.16 -27.14
N VAL I 213 27.06 -16.70 -28.20
CA VAL I 213 26.82 -15.27 -28.35
C VAL I 213 25.48 -15.01 -28.99
N ILE I 214 24.98 -13.81 -28.78
CA ILE I 214 23.71 -13.42 -29.35
C ILE I 214 23.89 -12.01 -29.85
N ILE I 215 23.10 -11.63 -30.84
CA ILE I 215 23.18 -10.29 -31.40
C ILE I 215 22.26 -9.40 -30.56
N GLN I 216 22.76 -8.23 -30.18
CA GLN I 216 21.98 -7.29 -29.36
C GLN I 216 22.02 -5.89 -29.93
N CYS I 217 20.86 -5.28 -30.08
CA CYS I 217 20.82 -3.92 -30.57
C CYS I 217 20.09 -3.07 -29.55
N LEU I 218 20.01 -1.76 -29.80
CA LEU I 218 19.39 -0.86 -28.84
C LEU I 218 18.26 0.03 -29.35
N VAL I 219 17.21 0.14 -28.53
CA VAL I 219 16.09 1.02 -28.87
C VAL I 219 16.02 2.05 -27.76
N THR I 220 15.92 3.31 -28.16
CA THR I 220 15.87 4.37 -27.17
C THR I 220 14.50 5.02 -27.17
N GLU I 221 14.03 5.36 -28.36
CA GLU I 221 12.73 6.02 -28.50
C GLU I 221 11.56 5.07 -28.30
N THR I 222 11.43 4.52 -27.09
CA THR I 222 10.34 3.61 -26.77
C THR I 222 9.15 4.40 -26.21
N LYS I 223 7.99 3.75 -26.07
CA LYS I 223 6.79 4.41 -25.56
C LYS I 223 7.01 5.09 -24.23
N THR I 224 7.38 4.29 -23.24
CA THR I 224 7.62 4.81 -21.90
C THR I 224 8.97 5.47 -21.77
N SER I 225 9.64 5.72 -22.89
CA SER I 225 10.94 6.37 -22.89
C SER I 225 11.89 5.70 -21.90
N VAL I 226 12.01 4.39 -21.99
CA VAL I 226 12.91 3.64 -21.14
C VAL I 226 13.62 2.74 -22.11
N SER I 227 14.86 3.07 -22.44
CA SER I 227 15.61 2.27 -23.40
C SER I 227 15.67 0.77 -23.06
N ARG I 228 15.76 -0.04 -24.11
CA ARG I 228 15.85 -1.48 -23.96
C ARG I 228 16.60 -2.05 -25.14
N HIS I 229 17.04 -3.30 -24.99
CA HIS I 229 17.78 -3.99 -26.03
C HIS I 229 16.88 -4.94 -26.80
N ILE I 230 17.23 -5.18 -28.05
CA ILE I 230 16.49 -6.12 -28.89
C ILE I 230 17.51 -7.17 -29.29
N TYR I 231 17.12 -8.44 -29.19
CA TYR I 231 18.05 -9.51 -29.51
C TYR I 231 17.69 -10.41 -30.66
N PHE I 232 18.71 -11.10 -31.15
CA PHE I 232 18.56 -12.06 -32.24
C PHE I 232 19.53 -13.16 -31.92
N PHE I 233 19.10 -14.39 -32.09
CA PHE I 233 19.98 -15.49 -31.74
C PHE I 233 19.58 -16.78 -32.43
N SER I 234 20.52 -17.71 -32.48
CA SER I 234 20.30 -19.00 -33.09
C SER I 234 19.29 -19.76 -32.26
N ALA I 235 18.32 -20.38 -32.93
CA ALA I 235 17.32 -21.17 -32.25
C ALA I 235 17.34 -22.56 -32.88
N ARG I 236 16.98 -23.57 -32.10
CA ARG I 236 16.94 -24.93 -32.60
C ARG I 236 15.56 -25.18 -33.21
N GLY I 237 15.52 -25.95 -34.30
CA GLY I 237 14.24 -26.25 -34.95
C GLY I 237 13.99 -25.50 -36.24
N ARG I 238 12.75 -25.61 -36.76
CA ARG I 238 12.36 -24.93 -38.01
C ARG I 238 12.26 -23.42 -37.96
N ILE I 239 12.28 -22.85 -36.76
CA ILE I 239 12.25 -21.40 -36.65
C ILE I 239 13.56 -20.92 -36.08
N ASP I 240 14.29 -20.13 -36.88
CA ASP I 240 15.59 -19.60 -36.47
C ASP I 240 15.64 -18.10 -36.70
N PRO I 241 15.78 -17.32 -35.62
CA PRO I 241 15.85 -15.87 -35.74
C PRO I 241 16.95 -15.42 -36.70
N LEU I 242 18.16 -15.87 -36.46
CA LEU I 242 19.29 -15.51 -37.31
C LEU I 242 18.96 -15.64 -38.79
N VAL I 243 18.18 -16.65 -39.14
CA VAL I 243 17.81 -16.87 -40.53
C VAL I 243 16.90 -15.75 -41.03
N TYR I 244 15.86 -15.44 -40.27
CA TYR I 244 14.96 -14.39 -40.69
C TYR I 244 15.68 -13.06 -40.64
N LEU I 245 16.65 -12.95 -39.73
CA LEU I 245 17.42 -11.71 -39.62
C LEU I 245 18.23 -11.56 -40.90
N ASP I 246 18.74 -12.69 -41.38
CA ASP I 246 19.52 -12.73 -42.61
C ASP I 246 18.65 -12.28 -43.79
N GLU I 247 17.51 -12.96 -43.97
CA GLU I 247 16.57 -12.64 -45.04
C GLU I 247 16.15 -11.19 -44.98
N PHE I 248 16.00 -10.67 -43.76
CA PHE I 248 15.61 -9.28 -43.58
C PHE I 248 16.69 -8.39 -44.13
N LEU I 249 17.87 -8.46 -43.52
CA LEU I 249 18.99 -7.66 -43.94
C LEU I 249 19.23 -7.65 -45.45
N ARG I 250 19.01 -8.80 -46.09
CA ARG I 250 19.24 -8.86 -47.52
C ARG I 250 18.10 -8.43 -48.45
N ASN I 251 17.11 -7.73 -47.92
CA ASN I 251 15.99 -7.28 -48.75
C ASN I 251 15.46 -5.89 -48.41
N SER I 252 15.75 -5.45 -47.20
CA SER I 252 15.33 -4.14 -46.77
C SER I 252 16.61 -3.32 -46.62
N GLU I 253 16.46 -2.01 -46.55
CA GLU I 253 17.62 -1.14 -46.42
C GLU I 253 17.42 -0.22 -45.24
N PRO I 254 18.49 0.47 -44.83
CA PRO I 254 18.44 1.39 -43.70
C PRO I 254 17.35 2.45 -43.93
N VAL I 255 16.75 2.90 -42.84
CA VAL I 255 15.70 3.91 -42.91
C VAL I 255 16.12 5.13 -42.11
N LEU I 256 16.01 6.30 -42.73
CA LEU I 256 16.39 7.52 -42.05
C LEU I 256 15.47 7.75 -40.87
N LYS I 257 16.06 7.87 -39.69
CA LYS I 257 15.27 8.12 -38.47
C LYS I 257 14.34 9.30 -38.68
N ARG I 258 13.04 9.05 -38.56
CA ARG I 258 12.08 10.13 -38.73
C ARG I 258 12.07 10.97 -37.46
N VAL I 259 11.90 12.28 -37.62
CA VAL I 259 11.84 13.19 -36.48
C VAL I 259 10.53 12.92 -35.78
N ASN I 260 10.54 12.80 -34.46
CA ASN I 260 9.31 12.52 -33.73
C ASN I 260 9.05 13.46 -32.56
N ARG I 261 9.49 14.71 -32.71
CA ARG I 261 9.29 15.72 -31.68
C ARG I 261 9.81 17.06 -32.17
N THR I 262 9.07 18.12 -31.85
CA THR I 262 9.41 19.47 -32.27
C THR I 262 10.79 19.97 -31.81
N GLY I 263 11.72 19.05 -31.52
CA GLY I 263 13.05 19.44 -31.09
C GLY I 263 13.66 20.54 -31.95
N ASN I 268 19.18 15.75 -29.89
CA ASN I 268 18.69 14.40 -30.13
C ASN I 268 19.43 13.81 -31.35
N LYS I 269 20.10 12.67 -31.18
CA LYS I 269 20.85 12.09 -32.31
C LYS I 269 20.76 10.58 -32.48
N GLN I 270 20.57 10.16 -33.73
CA GLN I 270 20.47 8.75 -34.12
C GLN I 270 20.10 8.90 -35.57
N GLU I 271 21.02 8.64 -36.49
CA GLU I 271 20.65 8.85 -37.88
C GLU I 271 19.81 7.79 -38.60
N TYR I 272 19.71 6.59 -38.05
CA TYR I 272 18.91 5.57 -38.73
C TYR I 272 17.99 4.81 -37.81
N GLN I 273 16.99 4.16 -38.42
CA GLN I 273 16.03 3.34 -37.70
C GLN I 273 15.93 2.03 -38.48
N LEU I 274 15.66 0.94 -37.78
CA LEU I 274 15.59 -0.37 -38.41
C LEU I 274 14.49 -0.61 -39.46
N LEU I 275 13.24 -0.27 -39.12
CA LEU I 275 12.13 -0.48 -40.05
C LEU I 275 11.46 0.82 -40.43
N LYS I 276 10.57 0.77 -41.41
CA LYS I 276 9.86 1.96 -41.85
C LYS I 276 8.61 2.12 -41.02
N ASP I 277 8.33 3.34 -40.61
CA ASP I 277 7.16 3.63 -39.79
C ASP I 277 5.86 3.04 -40.31
N ASN I 278 5.69 3.06 -41.62
CA ASN I 278 4.46 2.52 -42.18
C ASN I 278 4.39 1.01 -42.35
N LEU I 279 5.48 0.32 -42.04
CA LEU I 279 5.48 -1.13 -42.17
C LEU I 279 4.27 -1.70 -41.43
N VAL I 280 4.01 -1.15 -40.26
CA VAL I 280 2.90 -1.62 -39.43
C VAL I 280 1.51 -1.69 -40.10
N ARG I 281 1.16 -0.68 -40.89
CA ARG I 281 -0.14 -0.69 -41.56
C ARG I 281 -0.21 -1.91 -42.46
N SER I 282 0.76 -1.95 -43.36
CA SER I 282 0.89 -3.01 -44.33
C SER I 282 0.95 -4.37 -43.65
N TYR I 283 1.59 -4.41 -42.50
CA TYR I 283 1.72 -5.65 -41.73
C TYR I 283 0.38 -6.03 -41.14
N ASN I 284 -0.21 -5.09 -40.41
CA ASN I 284 -1.50 -5.35 -39.79
C ASN I 284 -2.48 -5.79 -40.87
N LYS I 285 -2.61 -4.98 -41.91
CA LYS I 285 -3.52 -5.28 -43.01
C LYS I 285 -3.36 -6.72 -43.51
N ALA I 286 -2.12 -7.15 -43.68
CA ALA I 286 -1.82 -8.51 -44.16
C ALA I 286 -2.28 -9.53 -43.14
N LEU I 287 -1.74 -9.40 -41.93
CA LEU I 287 -2.07 -10.31 -40.84
C LEU I 287 -3.60 -10.43 -40.71
N LYS I 288 -4.28 -9.33 -41.01
CA LYS I 288 -5.74 -9.27 -40.95
C LYS I 288 -6.37 -10.16 -42.00
N LYS I 289 -5.93 -10.02 -43.24
CA LYS I 289 -6.48 -10.81 -44.33
C LYS I 289 -6.09 -12.28 -44.26
N ASN I 290 -4.80 -12.57 -44.11
CA ASN I 290 -4.35 -13.96 -44.03
C ASN I 290 -4.96 -14.65 -42.82
N ALA I 291 -5.47 -13.85 -41.89
CA ALA I 291 -6.09 -14.33 -40.66
C ALA I 291 -5.81 -15.80 -40.35
N PRO I 292 -4.55 -16.17 -40.12
CA PRO I 292 -4.20 -17.57 -39.81
C PRO I 292 -4.93 -18.11 -38.57
N TYR I 293 -5.62 -17.21 -37.88
CA TYR I 293 -6.41 -17.56 -36.69
C TYR I 293 -7.59 -16.62 -36.53
N PRO I 294 -8.66 -17.12 -35.90
CA PRO I 294 -9.88 -16.34 -35.68
C PRO I 294 -9.58 -14.97 -35.09
N ILE I 295 -8.85 -14.96 -33.97
CA ILE I 295 -8.48 -13.73 -33.28
C ILE I 295 -8.22 -12.54 -34.22
N PHE I 296 -7.38 -12.78 -35.22
CA PHE I 296 -6.99 -11.73 -36.18
C PHE I 296 -8.13 -11.17 -37.01
N ALA I 297 -9.32 -11.75 -36.86
CA ALA I 297 -10.46 -11.25 -37.61
C ALA I 297 -11.12 -10.10 -36.86
N ILE I 298 -11.12 -10.21 -35.53
CA ILE I 298 -11.72 -9.22 -34.65
C ILE I 298 -11.18 -7.82 -34.87
N LYS I 299 -12.05 -6.89 -35.23
CA LYS I 299 -11.63 -5.51 -35.46
C LYS I 299 -11.04 -4.91 -34.18
N ASN I 300 -9.94 -4.17 -34.34
CA ASN I 300 -9.24 -3.55 -33.22
C ASN I 300 -8.61 -4.56 -32.28
N GLY I 301 -8.63 -5.83 -32.67
CA GLY I 301 -8.02 -6.85 -31.85
C GLY I 301 -6.52 -6.74 -32.06
N PRO I 302 -5.72 -7.40 -31.23
CA PRO I 302 -4.28 -7.28 -31.44
C PRO I 302 -3.88 -7.69 -32.85
N LYS I 303 -2.93 -6.95 -33.37
CA LYS I 303 -2.39 -7.18 -34.69
C LYS I 303 -0.91 -7.44 -34.45
N SER I 304 -0.12 -6.39 -34.64
CA SER I 304 1.31 -6.46 -34.45
C SER I 304 1.61 -6.82 -33.00
N HIS I 305 0.68 -6.47 -32.12
CA HIS I 305 0.80 -6.72 -30.68
C HIS I 305 0.73 -8.17 -30.27
N ILE I 306 0.29 -9.02 -31.19
CA ILE I 306 0.15 -10.43 -30.89
C ILE I 306 1.46 -11.03 -30.39
N GLY I 307 2.56 -10.62 -31.02
CA GLY I 307 3.87 -11.13 -30.65
C GLY I 307 4.15 -11.00 -29.17
N ARG I 308 3.95 -9.79 -28.64
CA ARG I 308 4.18 -9.52 -27.22
C ARG I 308 3.33 -10.46 -26.36
N HIS I 309 2.02 -10.44 -26.61
CA HIS I 309 1.10 -11.27 -25.84
C HIS I 309 1.59 -12.70 -25.81
N LEU I 310 1.94 -13.23 -26.97
CA LEU I 310 2.42 -14.61 -27.04
C LEU I 310 3.59 -14.87 -26.08
N MET I 311 4.60 -14.02 -26.11
CA MET I 311 5.75 -14.23 -25.23
C MET I 311 5.35 -14.06 -23.78
N THR I 312 4.48 -13.09 -23.52
CA THR I 312 4.02 -12.83 -22.16
C THR I 312 3.39 -14.11 -21.63
N SER I 313 2.61 -14.76 -22.48
CA SER I 313 1.95 -15.99 -22.13
C SER I 313 2.97 -17.11 -22.02
N PHE I 314 3.88 -17.17 -22.98
CA PHE I 314 4.90 -18.22 -22.98
C PHE I 314 5.60 -18.27 -21.63
N LEU I 315 6.14 -17.13 -21.22
CA LEU I 315 6.84 -17.01 -19.96
C LEU I 315 5.98 -17.44 -18.78
N SER I 316 4.74 -16.97 -18.76
CA SER I 316 3.82 -17.31 -17.70
C SER I 316 3.62 -18.80 -17.69
N MET I 317 3.07 -19.31 -18.77
CA MET I 317 2.80 -20.74 -18.91
C MET I 317 4.03 -21.59 -18.55
N LYS I 318 5.21 -21.14 -18.96
CA LYS I 318 6.43 -21.89 -18.64
C LYS I 318 6.86 -21.72 -17.18
N GLY I 319 6.16 -20.83 -16.47
CA GLY I 319 6.46 -20.61 -15.07
C GLY I 319 7.68 -19.72 -14.87
N LEU I 320 7.73 -18.61 -15.58
CA LEU I 320 8.85 -17.69 -15.48
C LEU I 320 8.40 -16.24 -15.57
N THR I 321 7.31 -15.92 -14.89
CA THR I 321 6.77 -14.56 -14.91
C THR I 321 7.77 -13.53 -14.39
N GLU I 322 8.69 -13.97 -13.53
CA GLU I 322 9.70 -13.09 -12.98
C GLU I 322 10.46 -12.36 -14.09
N LEU I 323 10.57 -13.02 -15.23
CA LEU I 323 11.30 -12.45 -16.35
C LEU I 323 10.45 -11.49 -17.17
N THR I 324 9.14 -11.70 -17.16
CA THR I 324 8.25 -10.87 -17.93
C THR I 324 8.52 -9.38 -17.90
N ASN I 325 8.51 -8.79 -16.71
CA ASN I 325 8.73 -7.36 -16.62
C ASN I 325 9.97 -6.90 -17.36
N VAL I 326 11.06 -7.63 -17.14
CA VAL I 326 12.34 -7.30 -17.76
C VAL I 326 12.27 -7.47 -19.26
N VAL I 327 11.94 -8.68 -19.69
CA VAL I 327 11.87 -8.99 -21.11
C VAL I 327 10.97 -8.04 -21.90
N GLY I 328 9.78 -7.79 -21.39
CA GLY I 328 8.85 -6.92 -22.09
C GLY I 328 9.04 -5.44 -21.80
N ASN I 329 9.78 -5.14 -20.74
CA ASN I 329 10.03 -3.76 -20.37
C ASN I 329 8.80 -3.01 -19.82
N TRP I 330 8.54 -3.21 -18.55
CA TRP I 330 7.45 -2.54 -17.87
C TRP I 330 8.06 -1.92 -16.63
N SER I 331 7.77 -0.64 -16.41
CA SER I 331 8.29 0.08 -15.27
C SER I 331 8.43 -0.78 -14.04
N ASP I 332 9.64 -0.84 -13.50
CA ASP I 332 9.91 -1.61 -12.28
C ASP I 332 9.17 -0.91 -11.15
N LYS I 333 8.57 -1.68 -10.26
CA LYS I 333 7.85 -1.07 -9.14
C LYS I 333 8.49 -1.37 -7.79
N ARG I 334 9.53 -2.20 -7.82
CA ARG I 334 10.26 -2.59 -6.62
C ARG I 334 11.20 -1.53 -6.06
N ALA I 335 11.46 -0.47 -6.83
CA ALA I 335 12.34 0.61 -6.39
C ALA I 335 11.62 1.96 -6.46
N SER I 336 11.78 2.78 -5.45
CA SER I 336 11.13 4.08 -5.47
C SER I 336 11.42 4.73 -6.81
N ALA I 337 10.49 5.58 -7.27
CA ALA I 337 10.63 6.27 -8.55
C ALA I 337 11.85 7.19 -8.52
N VAL I 338 12.05 7.88 -7.40
CA VAL I 338 13.19 8.77 -7.23
C VAL I 338 14.41 7.95 -7.64
N ALA I 339 14.45 6.72 -7.14
CA ALA I 339 15.52 5.79 -7.43
C ALA I 339 15.53 5.41 -8.90
N ARG I 340 14.36 5.06 -9.44
CA ARG I 340 14.27 4.68 -10.86
C ARG I 340 14.65 5.87 -11.72
N THR I 341 14.01 7.01 -11.46
CA THR I 341 14.27 8.24 -12.19
C THR I 341 15.73 8.69 -12.16
N THR I 342 16.04 9.47 -11.13
CA THR I 342 17.35 10.07 -10.95
C THR I 342 18.60 9.22 -10.78
N THR I 344 19.09 5.50 -11.33
CA THR I 344 19.35 4.32 -12.18
C THR I 344 19.81 4.73 -13.57
N HIS I 345 21.06 4.37 -13.91
CA HIS I 345 21.65 4.74 -15.18
C HIS I 345 22.02 3.66 -16.19
N GLN I 346 21.69 2.40 -15.90
CA GLN I 346 21.99 1.33 -16.84
C GLN I 346 20.81 0.37 -17.05
N ILE I 347 20.41 0.14 -18.30
CA ILE I 347 19.29 -0.76 -18.65
C ILE I 347 19.34 -2.08 -17.90
N THR I 348 18.28 -2.43 -17.18
CA THR I 348 18.29 -3.72 -16.48
C THR I 348 18.58 -4.73 -17.59
N ALA I 349 19.26 -5.83 -17.26
CA ALA I 349 19.63 -6.81 -18.29
C ALA I 349 18.78 -8.07 -18.38
N ILE I 350 18.41 -8.46 -19.60
CA ILE I 350 17.60 -9.68 -19.79
C ILE I 350 18.46 -10.80 -19.26
N PRO I 351 17.95 -11.53 -18.28
CA PRO I 351 18.76 -12.63 -17.74
C PRO I 351 19.27 -13.58 -18.81
N ASP I 352 20.42 -14.18 -18.55
CA ASP I 352 21.04 -15.11 -19.48
C ASP I 352 20.16 -16.26 -19.90
N HIS I 353 19.59 -16.97 -18.92
CA HIS I 353 18.74 -18.11 -19.22
C HIS I 353 17.50 -17.82 -20.05
N TYR I 354 17.07 -16.56 -20.11
CA TYR I 354 15.90 -16.25 -20.91
C TYR I 354 16.08 -16.76 -22.33
N PHE I 355 17.19 -16.36 -22.94
CA PHE I 355 17.52 -16.76 -24.30
C PHE I 355 17.72 -18.25 -24.38
N ALA I 356 18.37 -18.83 -23.38
CA ALA I 356 18.58 -20.26 -23.37
C ALA I 356 17.23 -20.93 -23.68
N LEU I 357 16.19 -20.54 -22.95
CA LEU I 357 14.87 -21.12 -23.15
C LEU I 357 14.25 -20.81 -24.51
N VAL I 358 14.15 -19.54 -24.86
CA VAL I 358 13.54 -19.17 -26.13
C VAL I 358 14.27 -19.74 -27.34
N SER I 359 15.56 -20.04 -27.18
CA SER I 359 16.37 -20.57 -28.28
C SER I 359 16.00 -22.02 -28.55
N ARG I 360 15.45 -22.65 -27.51
CA ARG I 360 15.00 -24.03 -27.58
C ARG I 360 16.09 -25.08 -27.50
N TYR I 361 17.32 -24.67 -27.28
CA TYR I 361 18.39 -25.63 -27.13
C TYR I 361 18.38 -26.12 -25.69
N TYR I 362 17.56 -25.48 -24.87
CA TYR I 362 17.46 -25.84 -23.47
C TYR I 362 16.02 -25.84 -23.00
N ALA I 363 15.81 -26.42 -21.84
CA ALA I 363 14.48 -26.44 -21.24
C ALA I 363 14.62 -25.93 -19.81
N TYR I 364 13.50 -25.52 -19.22
CA TYR I 364 13.54 -25.02 -17.86
C TYR I 364 12.89 -25.99 -16.89
N ASP I 365 13.60 -26.25 -15.81
CA ASP I 365 13.11 -27.16 -14.77
C ASP I 365 12.63 -26.30 -13.61
N PRO I 366 11.30 -26.18 -13.44
CA PRO I 366 10.71 -25.37 -12.37
C PRO I 366 11.20 -25.83 -10.99
N ILE I 367 11.46 -27.12 -10.85
CA ILE I 367 11.92 -27.67 -9.59
C ILE I 367 13.42 -27.49 -9.40
N SER I 368 14.24 -28.12 -10.25
CA SER I 368 15.69 -28.00 -10.09
C SER I 368 16.18 -26.56 -10.32
N LYS I 369 15.30 -25.68 -10.80
CA LYS I 369 15.63 -24.28 -11.07
C LYS I 369 16.90 -24.25 -11.92
N GLU I 370 16.87 -24.95 -13.05
CA GLU I 370 18.01 -25.04 -13.94
C GLU I 370 17.66 -25.20 -15.39
N MET I 371 18.62 -24.84 -16.24
CA MET I 371 18.47 -24.97 -17.67
C MET I 371 19.05 -26.33 -18.03
N ILE I 372 18.22 -27.13 -18.69
CA ILE I 372 18.63 -28.46 -19.08
C ILE I 372 18.83 -28.51 -20.58
N ALA I 373 20.09 -28.56 -20.98
CA ALA I 373 20.45 -28.61 -22.38
C ALA I 373 19.84 -29.86 -23.02
N LEU I 374 19.11 -29.67 -24.12
CA LEU I 374 18.50 -30.79 -24.80
C LEU I 374 19.59 -31.51 -25.59
N LYS I 375 19.60 -32.84 -25.47
CA LYS I 375 20.60 -33.66 -26.13
C LYS I 375 20.67 -33.58 -27.65
N ASP I 376 20.30 -32.44 -28.23
CA ASP I 376 20.39 -32.28 -29.69
C ASP I 376 21.85 -32.52 -30.04
N GLU I 377 22.14 -32.87 -31.30
CA GLU I 377 23.52 -33.15 -31.70
C GLU I 377 24.38 -31.89 -31.91
N THR I 378 23.75 -30.79 -32.29
CA THR I 378 24.46 -29.54 -32.50
C THR I 378 24.47 -28.72 -31.22
N ASN I 379 25.66 -28.48 -30.67
CA ASN I 379 25.77 -27.67 -29.45
C ASN I 379 25.93 -26.22 -29.90
N PRO I 380 24.99 -25.35 -29.48
CA PRO I 380 25.02 -23.92 -29.86
C PRO I 380 26.36 -23.26 -29.55
N ILE I 381 26.87 -23.50 -28.34
CA ILE I 381 28.15 -22.93 -27.91
C ILE I 381 29.29 -23.42 -28.79
N GLU I 382 29.41 -24.74 -28.91
CA GLU I 382 30.45 -25.33 -29.72
C GLU I 382 30.44 -24.80 -31.14
N GLU I 383 29.27 -24.72 -31.75
CA GLU I 383 29.19 -24.22 -33.11
C GLU I 383 29.61 -22.76 -33.21
N TRP I 384 29.51 -22.02 -32.12
CA TRP I 384 29.92 -20.63 -32.15
C TRP I 384 31.44 -20.60 -32.29
N GLN I 385 32.11 -21.44 -31.51
CA GLN I 385 33.56 -21.53 -31.54
C GLN I 385 34.06 -21.62 -32.97
N HIS I 386 33.64 -22.67 -33.68
CA HIS I 386 34.04 -22.87 -35.06
C HIS I 386 33.91 -21.60 -35.90
N ILE I 387 32.77 -20.92 -35.77
CA ILE I 387 32.50 -19.69 -36.50
C ILE I 387 33.46 -18.56 -36.11
N GLU I 388 33.75 -18.48 -34.81
CA GLU I 388 34.66 -17.46 -34.27
C GLU I 388 36.11 -17.71 -34.67
N GLN I 389 36.45 -18.97 -34.95
CA GLN I 389 37.81 -19.36 -35.31
C GLN I 389 38.27 -18.80 -36.65
N GLU I 395 33.98 -10.38 -45.92
CA GLU I 395 33.14 -11.49 -46.35
C GLU I 395 31.69 -11.18 -46.01
N GLY I 396 31.46 -10.73 -44.79
CA GLY I 396 30.13 -10.36 -44.36
C GLY I 396 29.68 -9.12 -45.10
N SER I 397 30.60 -8.17 -45.25
CA SER I 397 30.32 -6.91 -45.94
C SER I 397 29.91 -7.12 -47.40
N ILE I 398 30.04 -8.35 -47.88
CA ILE I 398 29.69 -8.69 -49.25
C ILE I 398 28.25 -9.18 -49.35
N ARG I 399 27.81 -9.93 -48.34
CA ARG I 399 26.46 -10.49 -48.31
C ARG I 399 25.40 -9.44 -47.96
N TYR I 400 25.77 -8.52 -47.08
CA TYR I 400 24.86 -7.45 -46.64
C TYR I 400 25.47 -6.10 -47.04
N PRO I 401 25.45 -5.81 -48.36
CA PRO I 401 26.00 -4.54 -48.86
C PRO I 401 25.26 -3.31 -48.39
N ALA I 402 23.93 -3.41 -48.29
CA ALA I 402 23.09 -2.30 -47.86
C ALA I 402 23.42 -1.79 -46.46
N TRP I 403 23.67 -2.72 -45.54
CA TRP I 403 23.99 -2.38 -44.15
C TRP I 403 25.48 -2.24 -43.89
N ASN I 404 26.24 -2.39 -44.97
CA ASN I 404 27.69 -2.28 -44.91
C ASN I 404 28.04 -0.86 -44.48
N GLY I 405 28.81 -0.75 -43.40
CA GLY I 405 29.18 0.56 -42.92
C GLY I 405 28.26 1.07 -41.83
N ILE I 406 27.09 0.45 -41.72
CA ILE I 406 26.10 0.82 -40.71
C ILE I 406 26.11 -0.20 -39.59
N ILE I 407 25.83 -1.45 -39.93
CA ILE I 407 25.84 -2.51 -38.92
C ILE I 407 27.28 -2.98 -38.77
N SER I 408 27.72 -3.03 -37.50
CA SER I 408 29.06 -3.48 -37.15
C SER I 408 29.52 -4.63 -38.03
N GLN I 409 30.73 -4.55 -38.55
CA GLN I 409 31.25 -5.61 -39.41
C GLN I 409 31.36 -6.89 -38.61
N GLU I 410 31.85 -6.78 -37.38
CA GLU I 410 32.01 -7.93 -36.50
C GLU I 410 30.73 -8.76 -36.51
N VAL I 411 29.61 -8.05 -36.55
CA VAL I 411 28.28 -8.68 -36.56
C VAL I 411 27.95 -9.27 -37.93
N LEU I 412 28.10 -8.43 -38.95
CA LEU I 412 27.82 -8.86 -40.31
C LEU I 412 28.62 -10.12 -40.64
N ASP I 413 29.79 -10.25 -40.03
CA ASP I 413 30.62 -11.43 -40.28
C ASP I 413 30.00 -12.62 -39.58
N TYR I 414 29.74 -12.47 -38.29
CA TYR I 414 29.15 -13.55 -37.51
C TYR I 414 27.91 -14.10 -38.21
N LEU I 415 27.00 -13.21 -38.60
CA LEU I 415 25.78 -13.66 -39.26
C LEU I 415 26.15 -14.34 -40.56
N SER I 416 26.93 -13.63 -41.37
CA SER I 416 27.35 -14.17 -42.65
C SER I 416 27.85 -15.59 -42.47
N SER I 417 28.82 -15.76 -41.57
CA SER I 417 29.39 -17.08 -41.31
C SER I 417 28.27 -18.04 -40.93
N TYR I 418 27.69 -17.82 -39.76
CA TYR I 418 26.59 -18.65 -39.25
C TYR I 418 25.71 -19.18 -40.38
N ILE I 419 25.28 -18.25 -41.24
CA ILE I 419 24.43 -18.61 -42.37
C ILE I 419 25.07 -19.67 -43.24
N ASN I 420 26.14 -19.30 -43.93
CA ASN I 420 26.87 -20.22 -44.82
C ASN I 420 27.22 -21.50 -44.07
N ARG I 421 27.76 -21.31 -42.87
CA ARG I 421 28.16 -22.40 -41.99
C ARG I 421 27.07 -23.47 -41.84
N ARG I 422 25.84 -23.17 -42.24
CA ARG I 422 24.77 -24.18 -42.12
C ARG I 422 24.68 -25.10 -43.34
N SER J 2 -15.30 12.55 41.41
CA SER J 2 -14.58 13.50 40.50
C SER J 2 -15.54 14.19 39.54
N GLN J 3 -15.10 15.29 38.94
CA GLN J 3 -15.93 16.03 38.01
C GLN J 3 -16.76 15.12 37.11
N PHE J 4 -16.10 14.16 36.48
CA PHE J 4 -16.81 13.26 35.59
C PHE J 4 -17.95 12.52 36.27
N ASP J 5 -17.70 11.98 37.46
CA ASP J 5 -18.74 11.26 38.18
C ASP J 5 -19.94 12.16 38.40
N ILE J 6 -19.66 13.42 38.73
CA ILE J 6 -20.68 14.43 38.97
C ILE J 6 -21.49 14.69 37.71
N LEU J 7 -20.79 14.81 36.58
CA LEU J 7 -21.45 15.05 35.31
C LEU J 7 -22.46 13.95 35.14
N CYS J 8 -22.01 12.71 35.37
CA CYS J 8 -22.86 11.54 35.22
C CYS J 8 -24.04 11.53 36.17
N LYS J 9 -23.95 12.30 37.24
CA LYS J 9 -25.02 12.37 38.22
C LYS J 9 -26.02 13.46 37.91
N THR J 10 -25.59 14.44 37.11
CA THR J 10 -26.44 15.57 36.74
C THR J 10 -27.37 15.26 35.56
N PRO J 11 -28.66 15.61 35.68
CA PRO J 11 -29.66 15.38 34.63
C PRO J 11 -29.42 16.32 33.45
N PRO J 12 -29.51 15.79 32.22
CA PRO J 12 -29.32 16.57 30.99
C PRO J 12 -29.86 17.98 31.06
N LYS J 13 -31.17 18.11 31.23
CA LYS J 13 -31.79 19.44 31.30
C LYS J 13 -31.12 20.31 32.37
N VAL J 14 -30.76 19.71 33.50
CA VAL J 14 -30.10 20.46 34.55
C VAL J 14 -28.78 21.03 34.04
N LEU J 15 -28.01 20.20 33.33
CA LEU J 15 -26.73 20.64 32.80
C LEU J 15 -26.96 21.85 31.93
N VAL J 16 -27.77 21.69 30.88
CA VAL J 16 -28.06 22.77 29.97
C VAL J 16 -28.54 23.99 30.75
N ARG J 17 -29.36 23.72 31.76
CA ARG J 17 -29.89 24.76 32.63
C ARG J 17 -28.70 25.54 33.18
N GLN J 18 -27.92 24.90 34.05
CA GLN J 18 -26.73 25.48 34.67
C GLN J 18 -25.81 26.19 33.69
N PHE J 19 -25.69 25.67 32.48
CA PHE J 19 -24.83 26.30 31.49
C PHE J 19 -25.35 27.67 31.08
N VAL J 20 -26.67 27.78 30.98
CA VAL J 20 -27.28 29.04 30.58
C VAL J 20 -27.21 30.09 31.69
N GLU J 21 -27.55 29.69 32.90
CA GLU J 21 -27.52 30.61 34.04
C GLU J 21 -26.20 31.37 34.12
N ARG J 22 -25.11 30.69 33.72
CA ARG J 22 -23.78 31.28 33.73
C ARG J 22 -23.73 32.54 32.88
N PHE J 23 -24.55 32.59 31.83
CA PHE J 23 -24.55 33.74 30.94
C PHE J 23 -25.63 34.78 31.20
N GLU J 24 -26.47 34.56 32.21
CA GLU J 24 -27.52 35.53 32.51
C GLU J 24 -26.96 36.73 33.26
N ARG J 25 -26.25 36.46 34.34
CA ARG J 25 -25.66 37.54 35.10
C ARG J 25 -24.16 37.43 34.83
N PRO J 26 -23.73 37.67 33.56
CA PRO J 26 -22.33 37.59 33.11
C PRO J 26 -21.28 37.84 34.19
N SER J 27 -20.69 36.75 34.70
CA SER J 27 -19.67 36.85 35.74
C SER J 27 -18.45 36.06 35.32
N GLY J 28 -17.28 36.57 35.64
CA GLY J 28 -16.08 35.83 35.30
C GLY J 28 -16.09 34.50 36.05
N GLU J 29 -16.53 34.55 37.31
CA GLU J 29 -16.61 33.35 38.14
C GLU J 29 -17.44 32.29 37.47
N LYS J 30 -18.60 32.72 36.96
CA LYS J 30 -19.53 31.81 36.32
C LYS J 30 -19.11 31.29 34.95
N ILE J 31 -18.72 32.19 34.06
CA ILE J 31 -18.32 31.78 32.71
C ILE J 31 -17.06 30.90 32.70
N ALA J 32 -16.15 31.17 33.63
CA ALA J 32 -14.90 30.42 33.72
C ALA J 32 -15.05 28.94 34.03
N SER J 33 -16.20 28.54 34.58
CA SER J 33 -16.42 27.13 34.93
C SER J 33 -17.28 26.33 33.96
N CYS J 34 -17.82 26.98 32.94
CA CYS J 34 -18.66 26.30 31.95
C CYS J 34 -17.95 25.09 31.32
N ALA J 35 -16.62 25.10 31.42
CA ALA J 35 -15.75 24.06 30.88
C ALA J 35 -16.34 22.65 30.83
N ALA J 36 -16.61 22.04 31.99
CA ALA J 36 -17.14 20.69 32.02
C ALA J 36 -18.43 20.58 31.21
N GLU J 37 -19.33 21.52 31.45
CA GLU J 37 -20.60 21.54 30.74
C GLU J 37 -20.38 21.74 29.25
N LEU J 38 -19.55 22.72 28.91
CA LEU J 38 -19.23 23.04 27.53
C LEU J 38 -18.73 21.79 26.79
N THR J 39 -17.97 20.96 27.49
CA THR J 39 -17.44 19.71 26.96
C THR J 39 -18.60 18.79 26.61
N TYR J 40 -19.42 18.48 27.63
CA TYR J 40 -20.60 17.63 27.45
C TYR J 40 -21.44 18.10 26.27
N LEU J 41 -21.71 19.39 26.22
CA LEU J 41 -22.51 19.97 25.14
C LEU J 41 -21.87 19.73 23.78
N CYS J 42 -20.65 20.24 23.60
CA CYS J 42 -19.96 20.05 22.32
C CYS J 42 -19.97 18.59 21.87
N TRP J 43 -19.89 17.66 22.82
CA TRP J 43 -19.86 16.27 22.45
C TRP J 43 -21.24 15.83 21.98
N MET J 44 -22.21 16.03 22.86
CA MET J 44 -23.58 15.66 22.58
C MET J 44 -24.02 16.19 21.23
N ILE J 45 -23.57 17.38 20.89
CA ILE J 45 -23.92 17.99 19.61
C ILE J 45 -23.31 17.19 18.47
N THR J 46 -21.99 17.20 18.39
CA THR J 46 -21.28 16.49 17.32
C THR J 46 -21.54 14.99 17.24
N HIS J 47 -22.11 14.39 18.29
CA HIS J 47 -22.39 12.95 18.28
C HIS J 47 -23.86 12.60 18.43
N ASN J 48 -24.68 13.63 18.52
CA ASN J 48 -26.12 13.44 18.65
C ASN J 48 -26.55 12.49 19.77
N GLY J 49 -26.45 12.94 21.01
CA GLY J 49 -26.87 12.12 22.12
C GLY J 49 -26.04 10.93 22.51
N THR J 50 -25.09 10.53 21.66
CA THR J 50 -24.24 9.38 21.98
C THR J 50 -23.47 9.68 23.27
N ALA J 51 -23.45 8.72 24.18
CA ALA J 51 -22.76 8.90 25.45
C ALA J 51 -21.28 9.18 25.24
N ILE J 52 -20.66 9.79 26.25
CA ILE J 52 -19.24 10.10 26.20
C ILE J 52 -18.49 9.32 27.29
N LYS J 53 -17.34 8.77 26.93
CA LYS J 53 -16.54 7.98 27.86
C LYS J 53 -15.72 8.87 28.81
N ARG J 54 -15.49 8.36 30.01
CA ARG J 54 -14.74 9.08 31.02
C ARG J 54 -13.43 9.70 30.50
N ALA J 55 -12.51 8.86 30.08
CA ALA J 55 -11.23 9.35 29.61
C ALA J 55 -11.36 10.46 28.60
N THR J 56 -12.24 10.25 27.63
CA THR J 56 -12.43 11.25 26.59
C THR J 56 -12.93 12.57 27.19
N PHE J 57 -13.93 12.47 28.05
CA PHE J 57 -14.44 13.67 28.68
C PHE J 57 -13.29 14.35 29.39
N MET J 58 -12.54 13.56 30.16
CA MET J 58 -11.38 14.07 30.89
C MET J 58 -10.41 14.83 30.00
N SER J 59 -10.01 14.23 28.90
CA SER J 59 -9.06 14.85 27.99
C SER J 59 -9.58 16.16 27.46
N TYR J 60 -10.78 16.11 26.91
CA TYR J 60 -11.40 17.27 26.31
C TYR J 60 -11.63 18.35 27.34
N ASN J 61 -12.14 17.97 28.51
CA ASN J 61 -12.38 18.95 29.55
C ASN J 61 -11.13 19.76 29.78
N THR J 62 -10.00 19.08 29.83
CA THR J 62 -8.73 19.75 30.04
C THR J 62 -8.47 20.71 28.89
N ILE J 63 -8.58 20.18 27.67
CA ILE J 63 -8.34 20.97 26.48
C ILE J 63 -9.15 22.26 26.46
N ILE J 64 -10.44 22.15 26.76
CA ILE J 64 -11.29 23.32 26.80
C ILE J 64 -10.80 24.25 27.90
N SER J 65 -10.83 23.73 29.12
CA SER J 65 -10.40 24.46 30.30
C SER J 65 -9.12 25.28 30.07
N ASN J 66 -8.13 24.68 29.40
CA ASN J 66 -6.87 25.36 29.12
C ASN J 66 -7.02 26.47 28.10
N SER J 67 -7.88 26.25 27.12
CA SER J 67 -8.07 27.24 26.06
C SER J 67 -9.18 28.24 26.25
N LEU J 68 -10.14 27.94 27.11
CA LEU J 68 -11.26 28.85 27.33
C LEU J 68 -10.81 30.29 27.57
N SER J 69 -11.52 31.22 26.93
CA SER J 69 -11.28 32.66 27.06
C SER J 69 -12.59 33.37 26.69
N PHE J 70 -12.78 34.60 27.17
CA PHE J 70 -14.03 35.28 26.85
C PHE J 70 -14.06 36.76 27.20
N ASP J 71 -14.96 37.46 26.53
CA ASP J 71 -15.17 38.90 26.71
C ASP J 71 -16.60 39.09 27.18
N ILE J 72 -16.76 39.45 28.44
CA ILE J 72 -18.10 39.64 28.96
C ILE J 72 -18.78 40.86 28.32
N VAL J 73 -17.99 41.87 27.96
CA VAL J 73 -18.52 43.07 27.36
C VAL J 73 -19.10 42.87 25.97
N ASN J 74 -18.37 42.17 25.10
CA ASN J 74 -18.83 41.94 23.74
C ASN J 74 -19.52 40.60 23.60
N LYS J 75 -19.72 39.94 24.73
CA LYS J 75 -20.36 38.64 24.77
C LYS J 75 -19.78 37.71 23.70
N SER J 76 -18.48 37.44 23.82
CA SER J 76 -17.75 36.57 22.90
C SER J 76 -16.89 35.57 23.67
N LEU J 77 -17.06 34.30 23.34
CA LEU J 77 -16.32 33.25 24.02
C LEU J 77 -15.77 32.23 23.05
N GLN J 78 -14.51 31.85 23.24
CA GLN J 78 -13.89 30.86 22.38
C GLN J 78 -13.10 29.83 23.18
N PHE J 79 -12.85 28.69 22.54
CA PHE J 79 -12.09 27.61 23.15
C PHE J 79 -11.73 26.60 22.08
N LYS J 80 -10.77 25.72 22.41
CA LYS J 80 -10.33 24.69 21.48
C LYS J 80 -11.08 23.40 21.67
N TYR J 81 -11.25 22.66 20.59
CA TYR J 81 -11.94 21.39 20.67
C TYR J 81 -11.52 20.48 19.49
N LYS J 82 -11.48 19.18 19.73
CA LYS J 82 -11.09 18.28 18.67
C LYS J 82 -12.19 18.13 17.63
N THR J 83 -12.28 19.09 16.73
CA THR J 83 -13.31 19.04 15.69
C THR J 83 -12.88 19.75 14.41
N GLN J 84 -13.60 19.48 13.32
CA GLN J 84 -13.30 20.11 12.05
C GLN J 84 -14.49 20.82 11.44
N LYS J 85 -15.64 20.64 12.06
CA LYS J 85 -16.87 21.28 11.62
C LYS J 85 -17.25 22.28 12.70
N ALA J 86 -16.29 23.17 12.99
CA ALA J 86 -16.44 24.20 14.00
C ALA J 86 -17.75 24.97 13.87
N THR J 87 -18.00 25.49 12.68
CA THR J 87 -19.19 26.27 12.42
C THR J 87 -20.48 25.64 12.94
N ILE J 88 -20.73 24.42 12.50
CA ILE J 88 -21.93 23.71 12.93
C ILE J 88 -22.09 23.77 14.44
N LEU J 89 -20.98 23.59 15.13
CA LEU J 89 -20.96 23.58 16.59
C LEU J 89 -21.23 24.98 17.15
N GLU J 90 -20.59 25.98 16.57
CA GLU J 90 -20.77 27.36 17.01
C GLU J 90 -22.25 27.75 16.91
N ALA J 91 -22.85 27.39 15.78
CA ALA J 91 -24.25 27.70 15.54
C ALA J 91 -25.07 27.13 16.68
N SER J 92 -24.89 25.84 16.92
CA SER J 92 -25.62 25.16 17.97
C SER J 92 -25.49 25.88 19.29
N LEU J 93 -24.25 26.10 19.72
CA LEU J 93 -24.03 26.79 20.98
C LEU J 93 -24.81 28.09 21.05
N LYS J 94 -24.80 28.85 19.96
CA LYS J 94 -25.49 30.12 19.94
C LYS J 94 -26.99 29.99 20.14
N LYS J 95 -27.63 29.04 19.45
CA LYS J 95 -29.06 28.87 19.63
C LYS J 95 -29.39 28.77 21.11
N LEU J 96 -28.45 28.23 21.87
CA LEU J 96 -28.66 28.05 23.30
C LEU J 96 -28.48 29.35 24.07
N ILE J 97 -27.65 30.22 23.51
CA ILE J 97 -27.34 31.53 24.09
C ILE J 97 -27.11 32.51 22.95
N PRO J 98 -28.21 32.96 22.29
CA PRO J 98 -28.24 33.89 21.16
C PRO J 98 -27.46 35.19 21.37
N ALA J 99 -27.53 35.68 22.60
CA ALA J 99 -26.88 36.92 22.97
C ALA J 99 -25.37 36.85 22.81
N TRP J 100 -24.83 35.64 22.70
CA TRP J 100 -23.39 35.45 22.57
C TRP J 100 -22.84 35.00 21.23
N GLU J 101 -21.54 35.20 21.06
CA GLU J 101 -20.80 34.85 19.87
C GLU J 101 -19.78 33.77 20.24
N PHE J 102 -19.83 32.61 19.60
CA PHE J 102 -18.88 31.55 19.89
C PHE J 102 -17.87 31.32 18.77
N THR J 103 -16.70 30.81 19.11
CA THR J 103 -15.66 30.55 18.13
C THR J 103 -14.86 29.34 18.51
N ILE J 104 -15.22 28.19 17.96
CA ILE J 104 -14.51 26.96 18.26
C ILE J 104 -13.26 26.88 17.41
N ILE J 105 -12.11 26.75 18.07
CA ILE J 105 -10.84 26.67 17.38
C ILE J 105 -10.35 25.25 17.35
N PRO J 106 -10.07 24.73 16.14
CA PRO J 106 -9.57 23.36 15.96
C PRO J 106 -8.33 23.08 16.80
N TYR J 107 -8.39 21.99 17.57
CA TYR J 107 -7.29 21.61 18.44
C TYR J 107 -6.03 21.33 17.67
N ASN J 108 -6.08 20.31 16.83
CA ASN J 108 -4.91 19.91 16.04
C ASN J 108 -3.72 19.53 16.93
N SER J 114 -0.77 29.82 16.64
CA SER J 114 -0.74 30.26 18.03
C SER J 114 -0.29 31.70 18.16
N ASP J 115 0.23 32.05 19.33
CA ASP J 115 0.72 33.40 19.60
C ASP J 115 2.23 33.37 19.88
N ILE J 116 2.96 34.18 19.11
CA ILE J 116 4.41 34.25 19.21
C ILE J 116 4.94 34.36 20.62
N THR J 117 4.61 35.46 21.28
CA THR J 117 5.08 35.69 22.65
C THR J 117 4.93 34.45 23.54
N ASP J 118 3.89 33.66 23.29
CA ASP J 118 3.67 32.45 24.05
C ASP J 118 4.73 31.46 23.61
N ILE J 119 4.72 31.19 22.30
CA ILE J 119 5.66 30.27 21.68
C ILE J 119 7.05 30.60 22.18
N VAL J 120 7.44 31.85 22.05
CA VAL J 120 8.74 32.29 22.48
C VAL J 120 9.03 31.90 23.93
N SER J 121 8.30 32.52 24.86
CA SER J 121 8.49 32.23 26.28
C SER J 121 8.62 30.72 26.50
N SER J 122 7.73 29.98 25.85
CA SER J 122 7.75 28.53 25.95
C SER J 122 9.14 28.03 25.57
N LEU J 123 9.66 28.54 24.46
CA LEU J 123 10.98 28.17 23.96
C LEU J 123 12.03 28.65 24.95
N GLN J 124 11.90 29.92 25.34
CA GLN J 124 12.83 30.53 26.28
C GLN J 124 12.88 29.69 27.55
N LEU J 125 11.81 28.95 27.79
CA LEU J 125 11.72 28.09 28.96
C LEU J 125 12.50 26.80 28.72
N GLN J 126 12.19 26.15 27.61
CA GLN J 126 12.86 24.91 27.23
C GLN J 126 14.35 25.14 27.13
N PHE J 127 14.72 26.30 26.58
CA PHE J 127 16.12 26.68 26.38
C PHE J 127 16.96 26.57 27.64
N GLU J 128 16.31 26.69 28.80
CA GLU J 128 16.98 26.62 30.09
C GLU J 128 17.10 25.22 30.69
N SER J 129 16.21 24.32 30.29
CA SER J 129 16.20 22.93 30.75
C SER J 129 17.60 22.33 30.74
N ASN J 137 10.86 9.81 23.78
CA ASN J 137 10.36 8.47 23.50
C ASN J 137 11.47 7.51 23.08
N SER J 138 12.15 7.85 22.00
CA SER J 138 13.26 7.05 21.48
C SER J 138 14.21 6.57 22.58
N HIS J 139 14.65 7.48 23.45
CA HIS J 139 15.56 7.09 24.53
C HIS J 139 15.08 5.81 25.22
N SER J 140 13.81 5.76 25.57
CA SER J 140 13.26 4.58 26.23
C SER J 140 13.37 3.34 25.39
N LYS J 141 13.15 3.47 24.09
CA LYS J 141 13.24 2.33 23.18
C LYS J 141 14.67 1.76 23.12
N LYS J 142 15.65 2.66 23.14
CA LYS J 142 17.04 2.26 23.10
C LYS J 142 17.41 1.62 24.45
N MET J 143 16.88 2.18 25.53
CA MET J 143 17.14 1.66 26.87
C MET J 143 16.54 0.28 27.06
N LEU J 144 15.35 0.06 26.51
CA LEU J 144 14.72 -1.24 26.62
C LEU J 144 15.62 -2.21 25.87
N LYS J 145 16.08 -1.80 24.69
CA LYS J 145 16.96 -2.64 23.89
C LYS J 145 18.12 -3.09 24.77
N ALA J 146 18.80 -2.13 25.40
CA ALA J 146 19.92 -2.43 26.29
C ALA J 146 19.46 -3.45 27.33
N LEU J 147 18.51 -3.05 28.17
CA LEU J 147 17.95 -3.91 29.19
C LEU J 147 17.91 -5.37 28.72
N LEU J 148 17.35 -5.57 27.54
CA LEU J 148 17.22 -6.88 26.95
C LEU J 148 18.55 -7.43 26.44
N SER J 149 19.10 -6.72 25.45
CA SER J 149 20.36 -7.07 24.81
C SER J 149 21.59 -7.09 25.72
N GLU J 150 21.44 -7.65 26.92
CA GLU J 150 22.56 -7.73 27.86
C GLU J 150 22.39 -8.98 28.70
N GLY J 151 23.31 -9.16 29.64
CA GLY J 151 23.31 -10.32 30.53
C GLY J 151 22.14 -11.29 30.60
N GLU J 152 20.99 -10.83 31.09
CA GLU J 152 19.82 -11.68 31.26
C GLU J 152 18.81 -11.84 30.13
N SER J 153 17.82 -12.70 30.40
CA SER J 153 16.75 -13.05 29.47
C SER J 153 15.46 -12.38 29.92
N ILE J 154 14.42 -12.47 29.10
CA ILE J 154 13.16 -11.84 29.46
C ILE J 154 12.73 -12.38 30.81
N TRP J 155 12.71 -13.69 30.97
CA TRP J 155 12.29 -14.27 32.23
C TRP J 155 13.14 -13.81 33.39
N GLU J 156 14.45 -13.74 33.18
CA GLU J 156 15.32 -13.28 34.24
C GLU J 156 14.96 -11.83 34.62
N ILE J 157 14.71 -11.01 33.60
CA ILE J 157 14.34 -9.60 33.81
C ILE J 157 13.04 -9.54 34.60
N THR J 158 12.07 -10.35 34.18
CA THR J 158 10.76 -10.41 34.82
C THR J 158 10.90 -10.67 36.33
N GLU J 159 11.63 -11.71 36.68
CA GLU J 159 11.83 -12.07 38.09
C GLU J 159 12.46 -10.93 38.90
N LYS J 160 13.43 -10.26 38.29
CA LYS J 160 14.11 -9.15 38.92
C LYS J 160 13.08 -8.05 39.23
N ILE J 161 12.42 -7.55 38.17
CA ILE J 161 11.42 -6.52 38.35
C ILE J 161 10.43 -6.95 39.42
N LEU J 162 9.93 -8.17 39.26
CA LEU J 162 8.98 -8.71 40.21
C LEU J 162 9.51 -8.58 41.65
N ASN J 163 10.77 -8.97 41.84
CA ASN J 163 11.37 -8.95 43.16
C ASN J 163 11.64 -7.56 43.70
N SER J 164 11.77 -6.58 42.80
CA SER J 164 12.03 -5.21 43.26
C SER J 164 10.92 -4.68 44.15
N PHE J 165 9.78 -5.36 44.18
CA PHE J 165 8.66 -4.91 45.02
C PHE J 165 8.67 -5.65 46.35
N GLU J 166 9.22 -6.86 46.32
CA GLU J 166 9.29 -7.75 47.48
C GLU J 166 9.63 -7.10 48.83
N TYR J 167 10.58 -6.18 48.82
CA TYR J 167 11.04 -5.53 50.04
C TYR J 167 10.68 -4.05 50.19
N THR J 168 10.54 -3.37 49.07
CA THR J 168 10.24 -1.94 49.06
C THR J 168 8.81 -1.58 49.48
N SER J 169 7.84 -2.40 49.10
CA SER J 169 6.43 -2.15 49.42
C SER J 169 6.23 -1.92 50.91
N ARG J 170 5.30 -1.04 51.24
CA ARG J 170 5.01 -0.70 52.63
C ARG J 170 3.92 -1.55 53.28
N PHE J 171 3.13 -2.23 52.46
CA PHE J 171 2.07 -3.09 52.98
C PHE J 171 2.09 -4.41 52.23
N THR J 172 1.32 -5.37 52.70
CA THR J 172 1.28 -6.65 52.02
C THR J 172 0.37 -6.50 50.81
N LYS J 173 -0.76 -5.83 51.02
CA LYS J 173 -1.71 -5.66 49.92
C LYS J 173 -0.97 -5.08 48.73
N THR J 174 -0.29 -3.97 48.94
CA THR J 174 0.44 -3.32 47.87
C THR J 174 1.47 -4.24 47.25
N LYS J 175 2.28 -4.91 48.07
CA LYS J 175 3.30 -5.80 47.52
C LYS J 175 2.61 -6.85 46.65
N THR J 176 1.50 -7.35 47.17
CA THR J 176 0.72 -8.33 46.45
C THR J 176 0.21 -7.75 45.14
N LEU J 177 -0.41 -6.58 45.22
CA LEU J 177 -0.98 -5.93 44.04
C LEU J 177 0.05 -5.68 42.96
N TYR J 178 1.15 -5.05 43.34
CA TYR J 178 2.19 -4.76 42.37
C TYR J 178 2.66 -6.02 41.64
N GLN J 179 3.10 -7.03 42.40
CA GLN J 179 3.58 -8.25 41.79
C GLN J 179 2.51 -8.94 40.96
N PHE J 180 1.28 -8.97 41.45
CA PHE J 180 0.22 -9.61 40.70
C PHE J 180 0.06 -8.89 39.38
N LEU J 181 -0.23 -7.58 39.46
CA LEU J 181 -0.42 -6.77 38.27
C LEU J 181 0.72 -6.98 37.28
N PHE J 182 1.94 -6.72 37.72
CA PHE J 182 3.06 -6.89 36.80
C PHE J 182 3.01 -8.24 36.10
N LEU J 183 3.17 -9.31 36.84
CA LEU J 183 3.14 -10.63 36.22
C LEU J 183 1.91 -10.80 35.35
N ALA J 184 0.77 -10.31 35.81
CA ALA J 184 -0.48 -10.43 35.06
C ALA J 184 -0.36 -9.77 33.71
N THR J 185 0.11 -8.52 33.70
CA THR J 185 0.25 -7.80 32.45
C THR J 185 1.20 -8.47 31.49
N PHE J 186 2.26 -9.09 32.03
CA PHE J 186 3.25 -9.77 31.20
C PHE J 186 2.69 -11.02 30.56
N ILE J 187 2.13 -11.89 31.39
CA ILE J 187 1.55 -13.13 30.92
C ILE J 187 0.54 -12.93 29.80
N ASN J 188 -0.30 -11.90 29.92
CA ASN J 188 -1.33 -11.64 28.92
C ASN J 188 -0.97 -10.57 27.90
N CYS J 189 0.19 -9.96 28.07
CA CYS J 189 0.62 -8.91 27.16
C CYS J 189 -0.53 -7.89 27.07
N GLY J 190 -1.13 -7.59 28.21
CA GLY J 190 -2.21 -6.65 28.22
C GLY J 190 -1.87 -5.35 28.95
N ARG J 191 -2.72 -4.36 28.75
CA ARG J 191 -2.52 -3.07 29.39
C ARG J 191 -2.95 -3.18 30.83
N PHE J 192 -2.76 -2.10 31.58
CA PHE J 192 -3.18 -2.05 32.97
C PHE J 192 -4.69 -2.25 32.97
N SER J 193 -5.35 -1.46 32.13
CA SER J 193 -6.81 -1.49 31.98
C SER J 193 -7.35 -2.86 31.59
N ASP J 194 -6.55 -3.62 30.85
CA ASP J 194 -6.95 -4.96 30.45
C ASP J 194 -7.09 -5.81 31.69
N ILE J 195 -6.13 -5.71 32.61
CA ILE J 195 -6.18 -6.50 33.84
C ILE J 195 -7.20 -5.92 34.79
N LYS J 196 -7.15 -4.60 34.93
CA LYS J 196 -8.05 -3.88 35.82
C LYS J 196 -9.55 -4.04 35.55
N ASN J 197 -9.95 -4.01 34.28
CA ASN J 197 -11.36 -4.10 33.98
C ASN J 197 -11.93 -5.48 33.83
N VAL J 198 -11.22 -6.47 34.35
CA VAL J 198 -11.67 -7.85 34.27
C VAL J 198 -12.93 -8.01 35.12
N ASP J 199 -13.91 -8.73 34.59
CA ASP J 199 -15.14 -8.97 35.33
C ASP J 199 -14.87 -10.20 36.19
N PRO J 200 -14.60 -10.00 37.49
CA PRO J 200 -14.32 -11.12 38.39
C PRO J 200 -15.30 -12.27 38.31
N LYS J 201 -16.55 -11.97 37.96
CA LYS J 201 -17.56 -13.01 37.87
C LYS J 201 -17.44 -13.84 36.60
N SER J 202 -16.39 -13.62 35.81
CA SER J 202 -16.25 -14.38 34.58
C SER J 202 -15.11 -15.37 34.58
N PHE J 203 -14.57 -15.68 35.76
CA PHE J 203 -13.48 -16.66 35.87
C PHE J 203 -13.99 -18.07 35.52
N LYS J 204 -13.23 -18.75 34.68
CA LYS J 204 -13.56 -20.10 34.24
C LYS J 204 -12.29 -20.89 34.11
N LEU J 205 -12.45 -22.22 34.11
CA LEU J 205 -11.32 -23.11 33.91
C LEU J 205 -11.53 -23.49 32.45
N VAL J 206 -10.47 -23.43 31.66
CA VAL J 206 -10.57 -23.78 30.25
C VAL J 206 -9.45 -24.76 29.96
N GLN J 207 -9.73 -25.74 29.10
CA GLN J 207 -8.71 -26.73 28.79
C GLN J 207 -7.64 -26.24 27.83
N ASN J 208 -6.47 -26.82 27.98
CA ASN J 208 -5.33 -26.46 27.17
C ASN J 208 -4.51 -27.75 27.09
N LYS J 209 -4.37 -28.26 25.86
CA LYS J 209 -3.68 -29.51 25.65
C LYS J 209 -2.26 -29.64 26.18
N TYR J 210 -1.68 -28.56 26.70
CA TYR J 210 -0.33 -28.66 27.22
C TYR J 210 -0.24 -28.53 28.73
N LEU J 211 -1.26 -27.92 29.35
CA LEU J 211 -1.21 -27.70 30.79
C LEU J 211 -2.36 -28.27 31.59
N GLY J 212 -3.27 -28.97 30.90
CA GLY J 212 -4.42 -29.51 31.60
C GLY J 212 -5.50 -28.45 31.54
N VAL J 213 -5.44 -27.50 32.46
CA VAL J 213 -6.39 -26.41 32.44
C VAL J 213 -5.71 -25.12 32.83
N ILE J 214 -6.35 -24.02 32.44
CA ILE J 214 -5.85 -22.70 32.78
C ILE J 214 -7.05 -21.87 33.19
N ILE J 215 -6.82 -20.86 34.01
CA ILE J 215 -7.88 -19.99 34.45
C ILE J 215 -8.05 -18.90 33.41
N GLN J 216 -9.29 -18.62 33.02
CA GLN J 216 -9.57 -17.59 32.02
C GLN J 216 -10.66 -16.65 32.47
N CYS J 217 -10.41 -15.36 32.39
CA CYS J 217 -11.44 -14.39 32.75
C CYS J 217 -11.67 -13.49 31.54
N LEU J 218 -12.62 -12.55 31.65
CA LEU J 218 -12.97 -11.69 30.54
C LEU J 218 -12.94 -10.20 30.77
N VAL J 219 -12.40 -9.47 29.81
CA VAL J 219 -12.37 -8.01 29.89
C VAL J 219 -13.17 -7.51 28.72
N THR J 220 -14.08 -6.58 28.98
CA THR J 220 -14.90 -6.05 27.91
C THR J 220 -14.55 -4.61 27.63
N GLU J 221 -14.49 -3.82 28.70
CA GLU J 221 -14.17 -2.40 28.58
C GLU J 221 -12.69 -2.13 28.27
N THR J 222 -12.24 -2.60 27.12
CA THR J 222 -10.85 -2.41 26.72
C THR J 222 -10.70 -1.09 25.92
N LYS J 223 -9.47 -0.68 25.68
CA LYS J 223 -9.21 0.56 24.97
C LYS J 223 -9.91 0.62 23.63
N THR J 224 -9.61 -0.33 22.75
CA THR J 224 -10.22 -0.38 21.43
C THR J 224 -11.59 -1.03 21.43
N SER J 225 -12.16 -1.20 22.61
CA SER J 225 -13.48 -1.80 22.75
C SER J 225 -13.63 -3.10 21.99
N VAL J 226 -12.66 -3.99 22.18
CA VAL J 226 -12.65 -5.32 21.55
C VAL J 226 -12.36 -6.23 22.73
N SER J 227 -13.37 -6.91 23.21
CA SER J 227 -13.18 -7.80 24.34
C SER J 227 -12.08 -8.85 24.15
N ARG J 228 -11.48 -9.25 25.26
CA ARG J 228 -10.42 -10.25 25.24
C ARG J 228 -10.43 -10.94 26.57
N HIS J 229 -9.74 -12.09 26.61
CA HIS J 229 -9.61 -12.90 27.80
C HIS J 229 -8.26 -12.64 28.49
N ILE J 230 -8.26 -12.84 29.80
CA ILE J 230 -7.05 -12.72 30.60
C ILE J 230 -6.82 -14.09 31.24
N TYR J 231 -5.60 -14.59 31.18
CA TYR J 231 -5.34 -15.91 31.73
C TYR J 231 -4.36 -16.00 32.90
N PHE J 232 -4.45 -17.12 33.60
CA PHE J 232 -3.60 -17.41 34.74
C PHE J 232 -3.37 -18.90 34.67
N PHE J 233 -2.13 -19.31 34.84
CA PHE J 233 -1.82 -20.71 34.74
C PHE J 233 -0.55 -21.09 35.47
N SER J 234 -0.42 -22.39 35.75
CA SER J 234 0.74 -22.91 36.42
C SER J 234 1.95 -22.76 35.52
N ALA J 235 3.04 -22.27 36.07
CA ALA J 235 4.26 -22.13 35.32
C ALA J 235 5.34 -22.88 36.07
N ARG J 236 6.34 -23.36 35.34
CA ARG J 236 7.43 -24.10 35.95
C ARG J 236 8.52 -23.11 36.36
N GLY J 237 9.17 -23.37 37.48
CA GLY J 237 10.22 -22.48 37.93
C GLY J 237 9.84 -21.61 39.10
N ARG J 238 10.72 -20.68 39.39
CA ARG J 238 10.53 -19.77 40.48
C ARG J 238 9.21 -19.00 40.32
N ILE J 239 8.97 -18.45 39.13
CA ILE J 239 7.77 -17.64 38.89
C ILE J 239 6.55 -18.46 38.50
N ASP J 240 5.51 -18.38 39.33
CA ASP J 240 4.26 -19.10 39.09
C ASP J 240 3.06 -18.15 39.19
N PRO J 241 2.34 -17.95 38.09
CA PRO J 241 1.17 -17.08 38.08
C PRO J 241 0.17 -17.48 39.17
N LEU J 242 -0.25 -18.74 39.16
CA LEU J 242 -1.22 -19.24 40.13
C LEU J 242 -0.88 -18.80 41.55
N VAL J 243 0.41 -18.76 41.85
CA VAL J 243 0.87 -18.37 43.16
C VAL J 243 0.57 -16.90 43.42
N TYR J 244 0.97 -16.04 42.49
CA TYR J 244 0.71 -14.64 42.67
C TYR J 244 -0.78 -14.37 42.63
N LEU J 245 -1.51 -15.21 41.89
CA LEU J 245 -2.96 -15.05 41.80
C LEU J 245 -3.55 -15.35 43.16
N ASP J 246 -2.96 -16.33 43.83
CA ASP J 246 -3.39 -16.74 45.15
C ASP J 246 -3.15 -15.59 46.12
N GLU J 247 -1.91 -15.12 46.18
CA GLU J 247 -1.54 -14.01 47.06
C GLU J 247 -2.42 -12.80 46.81
N PHE J 248 -2.77 -12.58 45.55
CA PHE J 248 -3.62 -11.45 45.19
C PHE J 248 -4.97 -11.64 45.84
N LEU J 249 -5.65 -12.70 45.41
CA LEU J 249 -6.97 -12.97 45.94
C LEU J 249 -7.07 -12.87 47.44
N ARG J 250 -6.02 -13.30 48.14
CA ARG J 250 -6.05 -13.26 49.60
C ARG J 250 -5.67 -11.96 50.28
N ASN J 251 -5.60 -10.86 49.55
CA ASN J 251 -5.23 -9.59 50.17
C ASN J 251 -6.00 -8.40 49.63
N SER J 252 -6.58 -8.55 48.44
CA SER J 252 -7.36 -7.48 47.85
C SER J 252 -8.78 -8.03 47.86
N GLU J 253 -9.79 -7.17 47.75
CA GLU J 253 -11.17 -7.65 47.73
C GLU J 253 -11.84 -7.13 46.48
N PRO J 254 -13.06 -7.60 46.21
CA PRO J 254 -13.79 -7.15 45.01
C PRO J 254 -13.94 -5.65 44.95
N VAL J 255 -13.95 -5.11 43.73
CA VAL J 255 -14.10 -3.67 43.53
C VAL J 255 -15.33 -3.39 42.67
N LEU J 256 -16.16 -2.46 43.15
CA LEU J 256 -17.37 -2.12 42.43
C LEU J 256 -17.00 -1.44 41.13
N LYS J 257 -17.53 -1.99 40.04
CA LYS J 257 -17.26 -1.47 38.71
C LYS J 257 -17.56 -0.01 38.62
N ARG J 258 -16.54 0.83 38.44
CA ARG J 258 -16.78 2.26 38.34
C ARG J 258 -17.50 2.60 37.04
N VAL J 259 -18.40 3.58 37.08
CA VAL J 259 -19.10 3.98 35.86
C VAL J 259 -18.13 4.78 35.02
N ASN J 260 -17.98 4.40 33.75
CA ASN J 260 -17.04 5.10 32.91
C ASN J 260 -17.63 5.80 31.68
N ARG J 261 -18.92 6.09 31.70
CA ARG J 261 -19.53 6.81 30.58
C ARG J 261 -20.87 7.48 30.92
N THR J 262 -21.18 8.59 30.25
CA THR J 262 -22.43 9.29 30.54
C THR J 262 -23.61 8.65 29.88
N GLY J 263 -24.26 7.71 30.57
CA GLY J 263 -25.41 7.08 29.98
C GLY J 263 -26.48 6.68 30.99
N ASN J 264 -26.73 5.38 31.07
CA ASN J 264 -27.70 4.82 31.99
C ASN J 264 -27.69 3.31 31.88
N LYS J 269 -23.93 -3.40 32.35
CA LYS J 269 -23.98 -4.13 33.61
C LYS J 269 -22.78 -5.03 33.85
N GLN J 270 -22.21 -4.90 35.05
CA GLN J 270 -21.03 -5.64 35.52
C GLN J 270 -20.81 -4.98 36.86
N GLU J 271 -21.18 -5.62 37.96
CA GLU J 271 -21.01 -4.95 39.24
C GLU J 271 -19.60 -4.86 39.82
N TYR J 272 -18.68 -5.67 39.31
CA TYR J 272 -17.31 -5.57 39.82
C TYR J 272 -16.24 -5.46 38.76
N GLN J 273 -15.06 -5.05 39.21
CA GLN J 273 -13.88 -4.95 38.39
C GLN J 273 -12.77 -5.56 39.24
N LEU J 274 -11.76 -6.14 38.60
CA LEU J 274 -10.69 -6.81 39.33
C LEU J 274 -9.80 -5.93 40.21
N LEU J 275 -9.28 -4.84 39.66
CA LEU J 275 -8.40 -3.97 40.43
C LEU J 275 -8.99 -2.57 40.59
N LYS J 276 -8.36 -1.75 41.42
CA LYS J 276 -8.81 -0.38 41.64
C LYS J 276 -8.15 0.53 40.62
N ASP J 277 -8.96 1.42 40.04
CA ASP J 277 -8.47 2.34 39.02
C ASP J 277 -7.19 3.06 39.40
N ASN J 278 -7.05 3.41 40.66
CA ASN J 278 -5.86 4.13 41.07
C ASN J 278 -4.65 3.29 41.35
N LEU J 279 -4.80 1.97 41.29
CA LEU J 279 -3.66 1.11 41.54
C LEU J 279 -2.49 1.55 40.67
N VAL J 280 -2.78 1.87 39.42
CA VAL J 280 -1.75 2.29 38.46
C VAL J 280 -0.82 3.43 38.90
N ARG J 281 -1.35 4.45 39.58
CA ARG J 281 -0.50 5.56 40.03
C ARG J 281 0.54 5.05 41.01
N SER J 282 0.08 4.43 42.08
CA SER J 282 0.97 3.93 43.08
C SER J 282 1.90 2.87 42.47
N TYR J 283 1.36 2.08 41.56
CA TYR J 283 2.20 1.08 40.91
C TYR J 283 3.32 1.79 40.16
N ASN J 284 2.93 2.67 39.24
CA ASN J 284 3.93 3.38 38.48
C ASN J 284 4.91 4.06 39.42
N LYS J 285 4.38 4.83 40.36
CA LYS J 285 5.24 5.55 41.30
C LYS J 285 6.27 4.61 41.93
N ALA J 286 5.84 3.42 42.35
CA ALA J 286 6.73 2.45 42.98
C ALA J 286 7.79 2.00 41.99
N LEU J 287 7.33 1.46 40.87
CA LEU J 287 8.21 0.97 39.82
C LEU J 287 9.23 2.04 39.45
N LYS J 288 8.82 3.29 39.58
CA LYS J 288 9.67 4.43 39.28
C LYS J 288 10.78 4.55 40.29
N LYS J 289 10.42 4.49 41.58
CA LYS J 289 11.41 4.61 42.63
C LYS J 289 12.34 3.39 42.76
N ASN J 290 11.75 2.20 42.83
CA ASN J 290 12.56 0.99 42.95
C ASN J 290 13.44 0.81 41.75
N ALA J 291 13.12 1.54 40.68
CA ALA J 291 13.85 1.50 39.40
C ALA J 291 14.82 0.31 39.25
N PRO J 292 14.30 -0.93 39.26
CA PRO J 292 15.15 -2.10 39.12
C PRO J 292 15.98 -2.10 37.85
N TYR J 293 15.71 -1.12 36.99
CA TYR J 293 16.45 -0.96 35.74
C TYR J 293 16.45 0.49 35.32
N PRO J 294 17.48 0.90 34.56
CA PRO J 294 17.62 2.27 34.08
C PRO J 294 16.33 2.80 33.40
N ILE J 295 15.84 2.04 32.43
CA ILE J 295 14.64 2.39 31.70
C ILE J 295 13.58 3.10 32.58
N PHE J 296 13.25 2.48 33.70
CA PHE J 296 12.24 3.00 34.61
C PHE J 296 12.53 4.36 35.22
N ALA J 297 13.70 4.90 34.93
CA ALA J 297 14.06 6.21 35.45
C ALA J 297 13.55 7.29 34.52
N ILE J 298 13.59 7.00 33.22
CA ILE J 298 13.17 7.91 32.16
C ILE J 298 11.76 8.40 32.33
N LYS J 299 11.58 9.72 32.45
CA LYS J 299 10.26 10.29 32.63
C LYS J 299 9.40 9.99 31.42
N ASN J 300 8.15 9.64 31.69
CA ASN J 300 7.19 9.29 30.65
C ASN J 300 7.55 8.03 29.91
N GLY J 301 8.55 7.33 30.43
CA GLY J 301 8.95 6.07 29.81
C GLY J 301 7.94 5.02 30.23
N PRO J 302 7.92 3.85 29.57
CA PRO J 302 6.94 2.87 29.99
C PRO J 302 7.04 2.55 31.46
N LYS J 303 5.87 2.33 32.05
CA LYS J 303 5.73 1.97 33.43
C LYS J 303 4.88 0.74 33.39
N SER J 304 3.62 0.84 33.80
CA SER J 304 2.74 -0.31 33.79
C SER J 304 2.84 -1.07 32.45
N HIS J 305 3.09 -0.35 31.37
CA HIS J 305 3.20 -0.90 30.01
C HIS J 305 4.41 -1.80 29.76
N ILE J 306 5.38 -1.74 30.67
CA ILE J 306 6.58 -2.56 30.57
C ILE J 306 6.22 -4.03 30.39
N GLY J 307 5.24 -4.48 31.15
CA GLY J 307 4.81 -5.86 31.07
C GLY J 307 4.52 -6.23 29.64
N ARG J 308 3.73 -5.37 29.01
CA ARG J 308 3.34 -5.58 27.62
C ARG J 308 4.58 -5.69 26.71
N HIS J 309 5.44 -4.68 26.75
CA HIS J 309 6.64 -4.72 25.92
C HIS J 309 7.51 -5.97 26.12
N LEU J 310 7.67 -6.40 27.37
CA LEU J 310 8.47 -7.57 27.64
C LEU J 310 7.95 -8.82 26.90
N MET J 311 6.64 -9.06 26.96
CA MET J 311 6.11 -10.25 26.31
C MET J 311 6.16 -10.12 24.82
N THR J 312 6.07 -8.89 24.32
CA THR J 312 6.13 -8.66 22.89
C THR J 312 7.52 -9.05 22.42
N SER J 313 8.51 -8.69 23.23
CA SER J 313 9.91 -9.00 22.94
C SER J 313 10.14 -10.49 23.11
N PHE J 314 9.65 -11.03 24.21
CA PHE J 314 9.81 -12.44 24.47
C PHE J 314 9.40 -13.23 23.25
N LEU J 315 8.14 -13.05 22.83
CA LEU J 315 7.62 -13.75 21.67
C LEU J 315 8.48 -13.58 20.45
N SER J 316 8.93 -12.36 20.21
CA SER J 316 9.76 -12.06 19.06
C SER J 316 11.05 -12.84 19.19
N MET J 317 11.81 -12.50 20.22
CA MET J 317 13.09 -13.14 20.48
C MET J 317 12.97 -14.67 20.40
N LYS J 318 11.87 -15.23 20.89
CA LYS J 318 11.69 -16.67 20.86
C LYS J 318 11.27 -17.14 19.47
N GLY J 319 10.92 -16.19 18.60
CA GLY J 319 10.53 -16.49 17.24
C GLY J 319 9.07 -16.86 17.01
N LEU J 320 8.15 -16.12 17.62
CA LEU J 320 6.73 -16.38 17.50
C LEU J 320 5.91 -15.09 17.40
N THR J 321 6.40 -14.13 16.63
CA THR J 321 5.71 -12.86 16.48
C THR J 321 4.28 -13.00 15.96
N GLU J 322 4.04 -14.07 15.19
CA GLU J 322 2.71 -14.34 14.64
C GLU J 322 1.65 -14.33 15.75
N LEU J 323 2.05 -14.68 16.95
CA LEU J 323 1.11 -14.72 18.05
C LEU J 323 0.89 -13.36 18.68
N THR J 324 1.90 -12.50 18.62
CA THR J 324 1.83 -11.19 19.25
C THR J 324 0.53 -10.45 19.09
N ASN J 325 0.09 -10.23 17.86
CA ASN J 325 -1.14 -9.52 17.63
C ASN J 325 -2.32 -10.09 18.38
N VAL J 326 -2.44 -11.42 18.35
CA VAL J 326 -3.53 -12.07 19.04
C VAL J 326 -3.40 -11.98 20.55
N VAL J 327 -2.25 -12.39 21.05
CA VAL J 327 -2.01 -12.34 22.48
C VAL J 327 -2.20 -10.93 23.03
N GLY J 328 -1.66 -9.93 22.34
CA GLY J 328 -1.79 -8.56 22.80
C GLY J 328 -3.10 -7.86 22.46
N ASN J 329 -3.83 -8.40 21.48
CA ASN J 329 -5.10 -7.84 21.02
C ASN J 329 -4.91 -6.54 20.24
N TRP J 330 -4.51 -6.70 19.00
CA TRP J 330 -4.30 -5.57 18.14
C TRP J 330 -5.23 -5.89 16.99
N SER J 331 -6.10 -4.95 16.63
CA SER J 331 -7.02 -5.22 15.54
C SER J 331 -6.17 -5.85 14.46
N ASP J 332 -6.60 -7.03 13.99
CA ASP J 332 -5.89 -7.74 12.95
C ASP J 332 -6.25 -7.21 11.57
N LYS J 333 -5.26 -6.66 10.86
CA LYS J 333 -5.48 -6.07 9.55
C LYS J 333 -5.47 -7.02 8.33
N ARG J 334 -5.15 -8.29 8.55
CA ARG J 334 -5.11 -9.29 7.47
C ARG J 334 -6.52 -9.68 7.05
N ALA J 335 -7.50 -9.07 7.70
CA ALA J 335 -8.90 -9.32 7.42
C ALA J 335 -9.59 -7.97 7.19
N SER J 336 -10.38 -7.88 6.14
CA SER J 336 -11.07 -6.63 5.86
C SER J 336 -11.86 -6.15 7.07
N ALA J 337 -11.77 -4.85 7.36
CA ALA J 337 -12.48 -4.27 8.50
C ALA J 337 -13.93 -4.75 8.58
N VAL J 338 -14.65 -4.67 7.47
CA VAL J 338 -16.04 -5.11 7.41
C VAL J 338 -16.16 -6.57 7.82
N ALA J 339 -15.18 -7.37 7.38
CA ALA J 339 -15.16 -8.78 7.73
C ALA J 339 -15.02 -8.98 9.24
N ARG J 340 -14.31 -8.07 9.91
CA ARG J 340 -14.13 -8.12 11.38
C ARG J 340 -15.31 -7.44 12.09
N THR J 341 -15.51 -6.17 11.78
CA THR J 341 -16.58 -5.41 12.39
C THR J 341 -17.91 -6.13 12.46
N THR J 342 -18.33 -6.80 11.38
CA THR J 342 -19.65 -7.44 11.38
C THR J 342 -19.87 -8.89 10.88
N THR J 344 -17.56 -11.56 12.03
CA THR J 344 -16.85 -12.42 12.99
C THR J 344 -17.55 -12.28 14.34
N HIS J 345 -18.03 -13.40 14.89
CA HIS J 345 -18.74 -13.37 16.15
C HIS J 345 -18.12 -14.22 17.26
N GLN J 346 -16.88 -13.93 17.62
CA GLN J 346 -16.24 -14.71 18.66
C GLN J 346 -14.83 -14.23 18.95
N ILE J 347 -14.63 -13.80 20.19
CA ILE J 347 -13.34 -13.31 20.65
C ILE J 347 -12.27 -14.30 20.19
N THR J 348 -11.38 -13.82 19.31
CA THR J 348 -10.30 -14.66 18.78
C THR J 348 -9.65 -15.41 19.91
N ALA J 349 -9.09 -16.55 19.59
CA ALA J 349 -8.47 -17.36 20.62
C ALA J 349 -6.95 -17.28 20.68
N ILE J 350 -6.42 -17.20 21.91
CA ILE J 350 -4.97 -17.22 22.08
C ILE J 350 -4.81 -18.69 21.83
N PRO J 351 -3.99 -19.07 20.87
CA PRO J 351 -3.72 -20.47 20.51
C PRO J 351 -3.24 -21.25 21.72
N ASP J 352 -3.54 -22.53 21.72
CA ASP J 352 -3.17 -23.42 22.80
C ASP J 352 -1.70 -23.39 23.18
N HIS J 353 -0.82 -23.53 22.19
CA HIS J 353 0.60 -23.57 22.47
C HIS J 353 1.18 -22.31 23.04
N TYR J 354 0.46 -21.20 22.95
CA TYR J 354 0.99 -19.96 23.52
C TYR J 354 1.32 -20.18 25.01
N PHE J 355 0.32 -20.66 25.74
CA PHE J 355 0.48 -20.92 27.16
C PHE J 355 1.51 -21.98 27.40
N ALA J 356 1.51 -22.99 26.55
CA ALA J 356 2.51 -24.04 26.68
C ALA J 356 3.88 -23.37 26.85
N LEU J 357 4.20 -22.47 25.94
CA LEU J 357 5.48 -21.78 25.99
C LEU J 357 5.70 -20.90 27.20
N VAL J 358 4.76 -19.99 27.43
CA VAL J 358 4.90 -19.07 28.56
C VAL J 358 4.92 -19.76 29.93
N SER J 359 4.34 -20.96 30.01
CA SER J 359 4.29 -21.72 31.25
C SER J 359 5.66 -22.27 31.56
N ARG J 360 6.45 -22.45 30.52
CA ARG J 360 7.83 -22.93 30.62
C ARG J 360 7.98 -24.44 30.79
N TYR J 361 6.86 -25.16 30.74
CA TYR J 361 6.93 -26.61 30.86
C TYR J 361 7.29 -27.15 29.48
N TYR J 362 7.28 -26.27 28.48
CA TYR J 362 7.58 -26.66 27.10
C TYR J 362 8.51 -25.65 26.43
N ALA J 363 9.19 -26.05 25.36
CA ALA J 363 10.07 -25.15 24.59
C ALA J 363 9.64 -25.17 23.13
N TYR J 364 10.09 -24.20 22.35
CA TYR J 364 9.70 -24.15 20.94
C TYR J 364 10.87 -24.42 20.02
N ASP J 365 10.65 -25.34 19.08
CA ASP J 365 11.66 -25.72 18.09
C ASP J 365 11.30 -25.04 16.78
N PRO J 366 12.08 -24.01 16.40
CA PRO J 366 11.83 -23.25 15.18
C PRO J 366 11.84 -24.16 13.97
N ILE J 367 12.68 -25.18 14.03
CA ILE J 367 12.79 -26.11 12.93
C ILE J 367 11.70 -27.17 12.92
N SER J 368 11.64 -28.03 13.94
CA SER J 368 10.61 -29.07 13.99
C SER J 368 9.18 -28.52 14.11
N LYS J 369 9.07 -27.20 14.32
CA LYS J 369 7.78 -26.52 14.47
C LYS J 369 6.95 -27.30 15.48
N GLU J 370 7.52 -27.51 16.66
CA GLU J 370 6.85 -28.26 17.72
C GLU J 370 7.20 -27.83 19.13
N MET J 371 6.32 -28.19 20.05
CA MET J 371 6.51 -27.89 21.44
C MET J 371 7.21 -29.11 22.05
N ILE J 372 8.35 -28.86 22.68
CA ILE J 372 9.13 -29.93 23.29
C ILE J 372 9.05 -29.84 24.79
N ALA J 373 8.25 -30.72 25.38
CA ALA J 373 8.08 -30.75 26.83
C ALA J 373 9.43 -30.94 27.52
N LEU J 374 9.75 -30.06 28.45
CA LEU J 374 11.02 -30.18 29.15
C LEU J 374 10.87 -31.31 30.14
N LYS J 375 11.91 -32.13 30.24
CA LYS J 375 11.90 -33.29 31.13
C LYS J 375 11.80 -33.02 32.63
N ASP J 376 11.17 -31.91 33.02
CA ASP J 376 11.00 -31.62 34.44
C ASP J 376 10.25 -32.81 35.03
N GLU J 377 10.33 -32.98 36.34
CA GLU J 377 9.67 -34.13 36.95
C GLU J 377 8.14 -33.97 37.13
N THR J 378 7.69 -32.72 37.29
CA THR J 378 6.26 -32.45 37.43
C THR J 378 5.60 -32.22 36.07
N ASN J 379 4.66 -33.07 35.69
CA ASN J 379 3.97 -32.90 34.42
C ASN J 379 2.74 -32.05 34.72
N PRO J 380 2.60 -30.91 34.05
CA PRO J 380 1.47 -30.00 34.25
C PRO J 380 0.11 -30.66 34.12
N ILE J 381 -0.01 -31.55 33.14
CA ILE J 381 -1.27 -32.25 32.89
C ILE J 381 -1.58 -33.26 33.97
N GLU J 382 -0.62 -34.14 34.23
CA GLU J 382 -0.80 -35.17 35.23
C GLU J 382 -1.17 -34.59 36.59
N GLU J 383 -0.47 -33.52 36.99
CA GLU J 383 -0.76 -32.91 38.28
C GLU J 383 -2.16 -32.32 38.32
N TRP J 384 -2.71 -31.98 37.16
CA TRP J 384 -4.06 -31.43 37.14
C TRP J 384 -5.02 -32.55 37.52
N GLN J 385 -4.81 -33.72 36.91
CA GLN J 385 -5.65 -34.87 37.18
C GLN J 385 -5.84 -35.06 38.68
N HIS J 386 -4.74 -35.28 39.40
CA HIS J 386 -4.79 -35.47 40.84
C HIS J 386 -5.68 -34.44 41.52
N ILE J 387 -5.50 -33.17 41.16
CA ILE J 387 -6.27 -32.06 41.74
C ILE J 387 -7.76 -32.16 41.40
N GLU J 388 -8.04 -32.57 40.17
CA GLU J 388 -9.41 -32.71 39.70
C GLU J 388 -10.13 -33.91 40.34
N GLN J 389 -9.34 -34.91 40.75
CA GLN J 389 -9.88 -36.12 41.36
C GLN J 389 -10.55 -35.88 42.72
N GLU J 395 -12.55 -26.85 49.82
CA GLU J 395 -12.19 -25.86 50.81
C GLU J 395 -11.76 -24.55 50.15
N GLY J 396 -12.26 -24.28 48.96
CA GLY J 396 -11.85 -23.08 48.27
C GLY J 396 -12.49 -21.82 48.84
N SER J 397 -13.80 -21.92 49.07
CA SER J 397 -14.57 -20.82 49.61
C SER J 397 -14.09 -20.37 50.98
N ILE J 398 -13.22 -21.16 51.58
CA ILE J 398 -12.69 -20.85 52.90
C ILE J 398 -11.41 -20.04 52.83
N ARG J 399 -10.58 -20.34 51.82
CA ARG J 399 -9.30 -19.66 51.63
C ARG J 399 -9.46 -18.26 51.04
N TYR J 400 -10.44 -18.12 50.14
CA TYR J 400 -10.71 -16.85 49.48
C TYR J 400 -12.13 -16.38 49.86
N PRO J 401 -12.32 -15.98 51.11
CA PRO J 401 -13.62 -15.53 51.58
C PRO J 401 -14.13 -14.28 50.87
N ALA J 402 -13.22 -13.34 50.61
CA ALA J 402 -13.59 -12.10 49.97
C ALA J 402 -14.23 -12.28 48.60
N TRP J 403 -13.71 -13.22 47.81
CA TRP J 403 -14.21 -13.48 46.47
C TRP J 403 -15.26 -14.56 46.45
N ASN J 404 -15.58 -15.05 47.63
CA ASN J 404 -16.57 -16.10 47.76
C ASN J 404 -17.90 -15.57 47.29
N GLY J 405 -18.51 -16.26 46.33
CA GLY J 405 -19.79 -15.82 45.81
C GLY J 405 -19.63 -14.99 44.54
N ILE J 406 -18.41 -14.52 44.31
CA ILE J 406 -18.13 -13.71 43.13
C ILE J 406 -17.37 -14.55 42.11
N ILE J 407 -16.21 -15.05 42.50
CA ILE J 407 -15.42 -15.90 41.62
C ILE J 407 -15.95 -17.32 41.71
N SER J 408 -16.23 -17.90 40.55
CA SER J 408 -16.75 -19.26 40.45
C SER J 408 -16.10 -20.17 41.49
N GLN J 409 -16.92 -20.96 42.18
CA GLN J 409 -16.37 -21.87 43.19
C GLN J 409 -15.46 -22.90 42.53
N GLU J 410 -15.89 -23.41 41.39
CA GLU J 410 -15.12 -24.39 40.65
C GLU J 410 -13.68 -23.92 40.52
N VAL J 411 -13.52 -22.62 40.33
CA VAL J 411 -12.20 -22.00 40.19
C VAL J 411 -11.51 -21.87 41.55
N LEU J 412 -12.21 -21.27 42.50
CA LEU J 412 -11.66 -21.10 43.83
C LEU J 412 -11.16 -22.43 44.38
N ASP J 413 -11.82 -23.52 44.00
CA ASP J 413 -11.41 -24.83 44.47
C ASP J 413 -10.11 -25.22 43.79
N TYR J 414 -10.11 -25.16 42.46
CA TYR J 414 -8.92 -25.50 41.69
C TYR J 414 -7.69 -24.77 42.22
N LEU J 415 -7.82 -23.46 42.39
CA LEU J 415 -6.67 -22.70 42.89
C LEU J 415 -6.33 -23.17 44.29
N SER J 416 -7.35 -23.20 45.16
CA SER J 416 -7.14 -23.62 46.54
C SER J 416 -6.37 -24.92 46.56
N SER J 417 -6.86 -25.92 45.84
CA SER J 417 -6.19 -27.21 45.77
C SER J 417 -4.75 -27.01 45.30
N TYR J 418 -4.60 -26.64 44.04
CA TYR J 418 -3.29 -26.41 43.44
C TYR J 418 -2.31 -25.86 44.46
N ILE J 419 -2.72 -24.81 45.17
CA ILE J 419 -1.87 -24.19 46.17
C ILE J 419 -1.41 -25.18 47.23
N ASN J 420 -2.35 -25.67 48.05
CA ASN J 420 -2.05 -26.63 49.11
C ASN J 420 -1.32 -27.83 48.54
N ARG J 421 -1.84 -28.33 47.43
CA ARG J 421 -1.27 -29.47 46.73
C ARG J 421 0.25 -29.31 46.52
N ARG J 422 0.76 -28.11 46.78
CA ARG J 422 2.20 -27.86 46.64
C ARG J 422 2.86 -27.59 47.99
#